data_8ZFK
#
_entry.id   8ZFK
#
_cell.length_a   1.00
_cell.length_b   1.00
_cell.length_c   1.00
_cell.angle_alpha   90.00
_cell.angle_beta   90.00
_cell.angle_gamma   90.00
#
_symmetry.space_group_name_H-M   'P 1'
#
loop_
_entity.id
_entity.type
_entity.pdbx_description
1 polymer 'Betaine receptor acr-23,Soluble cytochrome b562'
2 branched 2-acetamido-2-deoxy-beta-D-glucopyranose-(1-4)-2-acetamido-2-deoxy-beta-D-glucopyranose
3 non-polymer 2-acetamido-2-deoxy-beta-D-glucopyranose
4 non-polymer ~{N}-[(2~{S})-2-cyano-1-[5-cyano-2-(trifluoromethyl)phenoxy]propan-2-yl]-4-(trifluoromethylsulfanyl)benzamide
5 non-polymer 'TRIMETHYL GLYCINE'
6 water water
#
_entity_poly.entity_id   1
_entity_poly.type   'polypeptide(L)'
_entity_poly.pdbx_seq_one_letter_code
;MHRIYTFLIFISQLALGLSNNPDIPIQYELANNIMENYQKGLIPKVRKGSPINVTLSLQLYQIIQVNEPQQYLLLNAWAV
ERWVDQMLGWDPSEFDNETEIMARHDDIWLPDTTLYNSLEMDDSASKKLTHVKLTTLGKNQGAMVELLYPTIYKISCLLN
LKYFPFDTQTCRMTFGSWSFDNSLIDYFPRTFTNGPIGLANFLENDAWSVLGTKVNREEKKYTCCPVNYTLLHYDVVIQR
KPLYYVLNLIAPTAVITFISIIGFFTSSSVHDLRQEKITLGITTLLSMSIMIFMVSDKMPSTSTCVPLIALFYTLMITII
SVGTLAASSVIFVQKLGSIGNPPASKTMKWTHRIAPFVLIQMPLVMKQAYAKRAKEEKHRKRMSRKMAEAGAMADLEDNW
ETLNDNLKVIEKADNAAQVKDALTKMRAAALDAQKATPPKLEDKSPDSPEMKDFRHGFDILVGQIDDALKLANEGKVKEA
QAAAEQLKTTRNAYIQKYLSQTSETFAAPMDTSFTESLHIPELNRVASSNSIQSVLKPTEIQLTPYCTRNIVELEWDWVA
AVLERVFLIFFTICFLFSAIGINLYGWYIWYTENHFLFLEGTKLVPRGSSSGWSHPQFEK
;
_entity_poly.pdbx_strand_id   D,A,B,C,E
#
loop_
_chem_comp.id
_chem_comp.type
_chem_comp.name
_chem_comp.formula
A1D8E non-polymer ~{N}-[(2~{S})-2-cyano-1-[5-cyano-2-(trifluoromethyl)phenoxy]propan-2-yl]-4-(trifluoromethylsulfanyl)benzamide 'C20 H13 F6 N3 O2 S'
BET non-polymer 'TRIMETHYL GLYCINE' 'C5 H12 N O2 1'
NAG D-saccharide, beta linking 2-acetamido-2-deoxy-beta-D-glucopyranose 'C8 H15 N O6'
#
# COMPACT_ATOMS: atom_id res chain seq x y z
N PRO A 22 61.43 -3.45 23.09
CA PRO A 22 61.10 -2.67 24.29
C PRO A 22 59.62 -2.68 24.59
N ASP A 23 59.05 -1.50 24.87
CA ASP A 23 57.62 -1.39 25.13
C ASP A 23 56.78 -1.60 23.88
N ILE A 24 57.39 -1.56 22.71
CA ILE A 24 56.66 -1.84 21.46
C ILE A 24 56.24 -3.31 21.45
N PRO A 25 54.97 -3.61 21.18
CA PRO A 25 54.55 -5.02 21.13
C PRO A 25 55.29 -5.77 20.03
N ILE A 26 55.47 -7.08 20.26
CA ILE A 26 56.16 -7.90 19.27
C ILE A 26 55.41 -7.89 17.95
N GLN A 27 54.07 -7.87 18.01
CA GLN A 27 53.28 -7.85 16.78
C GLN A 27 53.50 -6.57 15.97
N TYR A 28 54.05 -5.52 16.59
CA TYR A 28 54.31 -4.29 15.84
C TYR A 28 55.43 -4.48 14.84
N GLU A 29 56.55 -5.08 15.27
CA GLU A 29 57.67 -5.29 14.36
C GLU A 29 57.40 -6.46 13.41
N LEU A 30 56.54 -7.40 13.82
CA LEU A 30 56.14 -8.47 12.92
C LEU A 30 55.38 -7.91 11.73
N ALA A 31 54.43 -7.00 11.99
CA ALA A 31 53.68 -6.38 10.90
C ALA A 31 54.60 -5.54 10.02
N ASN A 32 55.50 -4.78 10.63
CA ASN A 32 56.45 -3.99 9.85
C ASN A 32 57.33 -4.87 8.98
N ASN A 33 57.64 -6.08 9.44
CA ASN A 33 58.51 -6.97 8.69
C ASN A 33 57.84 -7.50 7.44
N ILE A 34 56.58 -7.97 7.56
CA ILE A 34 55.90 -8.60 6.43
C ILE A 34 55.21 -7.62 5.52
N MET A 35 54.94 -6.40 6.00
CA MET A 35 54.29 -5.37 5.19
C MET A 35 55.29 -4.48 4.48
N GLU A 36 56.59 -4.78 4.59
CA GLU A 36 57.62 -3.90 4.04
C GLU A 36 57.47 -3.74 2.54
N ASN A 37 57.62 -4.84 1.79
CA ASN A 37 57.58 -4.80 0.33
C ASN A 37 56.23 -5.26 -0.22
N TYR A 38 55.22 -5.41 0.63
CA TYR A 38 53.93 -5.89 0.16
C TYR A 38 53.23 -4.83 -0.67
N GLN A 39 52.54 -5.29 -1.71
CA GLN A 39 51.74 -4.42 -2.59
C GLN A 39 50.37 -5.06 -2.72
N LYS A 40 49.38 -4.52 -1.98
CA LYS A 40 48.07 -5.15 -1.91
C LYS A 40 47.28 -5.02 -3.22
N GLY A 41 47.72 -4.20 -4.16
CA GLY A 41 47.02 -4.07 -5.42
C GLY A 41 47.31 -5.15 -6.43
N LEU A 42 48.28 -6.03 -6.15
CA LEU A 42 48.69 -7.07 -7.08
C LEU A 42 48.42 -8.44 -6.46
N ILE A 43 48.14 -9.41 -7.32
CA ILE A 43 47.85 -10.76 -6.82
C ILE A 43 49.08 -11.34 -6.14
N PRO A 44 48.98 -11.86 -4.92
CA PRO A 44 50.17 -12.31 -4.17
C PRO A 44 50.53 -13.77 -4.42
N LYS A 45 50.99 -14.07 -5.62
CA LYS A 45 51.45 -15.41 -5.95
C LYS A 45 52.80 -15.34 -6.63
N VAL A 46 53.72 -16.21 -6.19
CA VAL A 46 55.08 -16.24 -6.71
C VAL A 46 55.40 -17.53 -7.45
N ARG A 47 54.59 -18.57 -7.31
CA ARG A 47 54.92 -19.87 -7.88
C ARG A 47 54.73 -19.84 -9.39
N LYS A 48 55.06 -20.97 -10.03
CA LYS A 48 55.26 -21.01 -11.47
C LYS A 48 54.02 -20.61 -12.26
N GLY A 49 52.97 -21.43 -12.19
CA GLY A 49 51.78 -21.14 -12.96
C GLY A 49 50.48 -21.60 -12.33
N SER A 50 50.54 -22.10 -11.11
CA SER A 50 49.33 -22.59 -10.47
C SER A 50 48.54 -21.42 -9.88
N PRO A 51 47.22 -21.55 -9.78
CA PRO A 51 46.40 -20.45 -9.28
C PRO A 51 46.43 -20.37 -7.76
N ILE A 52 45.69 -19.39 -7.24
CA ILE A 52 45.47 -19.26 -5.80
C ILE A 52 44.16 -19.96 -5.46
N ASN A 53 44.23 -21.00 -4.63
CA ASN A 53 43.05 -21.75 -4.24
C ASN A 53 42.33 -21.03 -3.10
N VAL A 54 41.06 -20.72 -3.32
CA VAL A 54 40.22 -20.07 -2.31
C VAL A 54 39.14 -21.06 -1.92
N THR A 55 39.01 -21.32 -0.62
CA THR A 55 37.99 -22.21 -0.10
C THR A 55 36.89 -21.37 0.54
N LEU A 56 35.65 -21.63 0.16
CA LEU A 56 34.49 -20.90 0.67
C LEU A 56 33.62 -21.84 1.49
N SER A 57 33.16 -21.34 2.64
CA SER A 57 32.27 -22.08 3.52
C SER A 57 31.09 -21.20 3.88
N LEU A 58 29.89 -21.77 3.83
CA LEU A 58 28.66 -21.02 4.05
C LEU A 58 27.85 -21.64 5.18
N GLN A 59 27.35 -20.80 6.09
CA GLN A 59 26.42 -21.18 7.14
C GLN A 59 25.16 -20.35 7.00
N LEU A 60 24.01 -21.02 6.99
CA LEU A 60 22.73 -20.32 6.94
C LEU A 60 22.26 -20.07 8.37
N TYR A 61 22.00 -18.81 8.68
CA TYR A 61 21.50 -18.43 10.00
C TYR A 61 20.03 -18.10 10.03
N GLN A 62 19.49 -17.53 8.96
CA GLN A 62 18.10 -17.11 8.95
C GLN A 62 17.64 -16.89 7.52
N ILE A 63 16.41 -17.28 7.23
CA ILE A 63 15.73 -16.93 5.99
C ILE A 63 14.86 -15.74 6.35
N ILE A 64 15.34 -14.54 6.06
CA ILE A 64 14.63 -13.32 6.45
C ILE A 64 13.30 -13.21 5.72
N GLN A 65 13.30 -13.45 4.41
CA GLN A 65 12.11 -13.20 3.62
C GLN A 65 12.13 -14.06 2.36
N VAL A 66 10.94 -14.44 1.91
CA VAL A 66 10.74 -15.09 0.62
C VAL A 66 9.67 -14.25 -0.10
N ASN A 67 10.12 -13.31 -0.94
CA ASN A 67 9.21 -12.40 -1.63
C ASN A 67 8.72 -13.08 -2.89
N GLU A 68 7.46 -13.53 -2.84
CA GLU A 68 6.89 -14.25 -3.99
C GLU A 68 6.52 -13.32 -5.13
N PRO A 69 5.74 -12.26 -4.93
CA PRO A 69 5.44 -11.36 -6.06
C PRO A 69 6.67 -10.79 -6.73
N GLN A 70 7.71 -10.45 -5.96
CA GLN A 70 8.94 -9.93 -6.53
C GLN A 70 9.98 -11.00 -6.82
N GLN A 71 9.79 -12.21 -6.28
CA GLN A 71 10.60 -13.37 -6.65
C GLN A 71 12.07 -13.18 -6.30
N TYR A 72 12.35 -12.93 -5.02
CA TYR A 72 13.71 -12.92 -4.53
C TYR A 72 13.74 -13.50 -3.12
N LEU A 73 14.92 -13.99 -2.74
CA LEU A 73 15.14 -14.58 -1.42
C LEU A 73 16.11 -13.72 -0.64
N LEU A 74 15.80 -13.47 0.63
CA LEU A 74 16.64 -12.69 1.53
C LEU A 74 17.21 -13.62 2.58
N LEU A 75 18.53 -13.79 2.58
CA LEU A 75 19.20 -14.77 3.43
C LEU A 75 20.23 -14.09 4.32
N ASN A 76 20.35 -14.60 5.54
CA ASN A 76 21.39 -14.20 6.48
C ASN A 76 22.35 -15.37 6.65
N ALA A 77 23.59 -15.20 6.22
CA ALA A 77 24.57 -16.28 6.22
C ALA A 77 25.87 -15.81 6.85
N TRP A 78 26.67 -16.78 7.29
CA TRP A 78 28.01 -16.55 7.83
C TRP A 78 29.00 -17.13 6.83
N ALA A 79 29.87 -16.29 6.29
CA ALA A 79 30.81 -16.68 5.25
C ALA A 79 32.23 -16.77 5.81
N VAL A 80 32.98 -17.76 5.34
CA VAL A 80 34.38 -17.93 5.69
C VAL A 80 35.16 -18.20 4.41
N GLU A 81 36.24 -17.46 4.20
CA GLU A 81 37.12 -17.65 3.06
C GLU A 81 38.55 -17.89 3.54
N ARG A 82 39.23 -18.83 2.92
CA ARG A 82 40.61 -19.18 3.28
C ARG A 82 41.44 -19.31 2.02
N TRP A 83 42.67 -18.80 2.08
CA TRP A 83 43.64 -18.98 1.00
C TRP A 83 45.03 -18.68 1.56
N VAL A 84 46.04 -18.99 0.75
CA VAL A 84 47.43 -18.81 1.15
C VAL A 84 47.99 -17.59 0.42
N ASP A 85 48.49 -16.62 1.20
CA ASP A 85 49.17 -15.46 0.65
C ASP A 85 50.67 -15.78 0.63
N GLN A 86 51.23 -15.91 -0.56
CA GLN A 86 52.61 -16.37 -0.70
C GLN A 86 53.64 -15.30 -0.40
N MET A 87 53.21 -14.10 0.00
CA MET A 87 54.12 -12.99 0.26
C MET A 87 54.14 -12.55 1.71
N LEU A 88 53.39 -13.23 2.60
CA LEU A 88 53.21 -12.78 3.98
C LEU A 88 53.72 -13.80 4.99
N GLY A 89 54.66 -14.64 4.60
CA GLY A 89 55.20 -15.62 5.53
C GLY A 89 56.32 -15.06 6.39
N TRP A 90 56.47 -15.64 7.58
CA TRP A 90 57.51 -15.23 8.50
C TRP A 90 57.94 -16.42 9.34
N ASP A 91 59.11 -16.30 9.96
CA ASP A 91 59.64 -17.36 10.81
C ASP A 91 59.28 -17.05 12.25
N PRO A 92 58.52 -17.92 12.94
CA PRO A 92 58.10 -17.60 14.31
C PRO A 92 59.26 -17.42 15.28
N SER A 93 60.37 -18.14 15.07
CA SER A 93 61.48 -18.07 16.01
C SER A 93 62.04 -16.65 16.12
N GLU A 94 61.85 -15.83 15.10
CA GLU A 94 62.37 -14.47 15.11
C GLU A 94 61.44 -13.47 15.79
N PHE A 95 60.21 -13.86 16.13
CA PHE A 95 59.21 -12.94 16.66
C PHE A 95 58.51 -13.54 17.86
N ASP A 96 59.29 -14.04 18.82
CA ASP A 96 58.76 -14.50 20.10
C ASP A 96 57.77 -15.64 19.94
N ASN A 97 58.04 -16.54 19.00
CA ASN A 97 57.18 -17.69 18.72
C ASN A 97 55.77 -17.27 18.32
N GLU A 98 55.67 -16.09 17.71
CA GLU A 98 54.37 -15.63 17.23
C GLU A 98 53.97 -16.35 15.95
N THR A 99 52.75 -16.89 15.95
CA THR A 99 52.24 -17.67 14.84
C THR A 99 51.04 -17.06 14.15
N GLU A 100 50.23 -16.26 14.85
CA GLU A 100 49.09 -15.59 14.26
C GLU A 100 49.22 -14.09 14.44
N ILE A 101 48.50 -13.35 13.60
CA ILE A 101 48.40 -11.90 13.71
C ILE A 101 47.09 -11.47 13.09
N MET A 102 46.48 -10.45 13.67
CA MET A 102 45.20 -9.92 13.20
C MET A 102 45.45 -8.58 12.51
N ALA A 103 44.91 -8.44 11.30
CA ALA A 103 45.10 -7.23 10.51
C ALA A 103 43.80 -6.82 9.86
N ARG A 104 43.72 -5.56 9.46
CA ARG A 104 42.54 -5.06 8.75
C ARG A 104 42.48 -5.65 7.35
N HIS A 105 41.25 -5.85 6.87
CA HIS A 105 41.06 -6.47 5.56
C HIS A 105 41.52 -5.56 4.42
N ASP A 106 41.62 -4.25 4.66
CA ASP A 106 42.01 -3.30 3.62
C ASP A 106 43.51 -3.17 3.46
N ASP A 107 44.30 -3.87 4.28
CA ASP A 107 45.75 -3.78 4.20
C ASP A 107 46.36 -4.87 3.34
N ILE A 108 45.58 -5.85 2.92
CA ILE A 108 46.08 -6.99 2.15
C ILE A 108 45.22 -7.17 0.90
N TRP A 109 45.67 -8.09 0.04
CA TRP A 109 44.93 -8.42 -1.17
C TRP A 109 43.80 -9.39 -0.84
N LEU A 110 42.62 -9.11 -1.39
CA LEU A 110 41.45 -9.95 -1.17
C LEU A 110 40.86 -10.40 -2.50
N PRO A 111 40.44 -11.65 -2.62
CA PRO A 111 39.78 -12.10 -3.84
C PRO A 111 38.42 -11.43 -4.00
N ASP A 112 38.02 -11.26 -5.26
CA ASP A 112 36.77 -10.58 -5.58
C ASP A 112 35.64 -11.61 -5.74
N THR A 113 35.38 -12.33 -4.65
CA THR A 113 34.28 -13.29 -4.63
C THR A 113 32.97 -12.55 -4.86
N THR A 114 32.15 -13.05 -5.78
CA THR A 114 30.94 -12.38 -6.19
C THR A 114 29.77 -13.35 -6.20
N LEU A 115 28.59 -12.83 -5.90
CA LEU A 115 27.33 -13.56 -6.06
C LEU A 115 26.76 -13.18 -7.43
N TYR A 116 26.79 -14.13 -8.36
CA TYR A 116 26.48 -13.81 -9.75
C TYR A 116 25.03 -13.35 -9.91
N ASN A 117 24.10 -13.99 -9.20
CA ASN A 117 22.69 -13.65 -9.30
C ASN A 117 22.21 -12.71 -8.20
N SER A 118 23.07 -11.83 -7.72
CA SER A 118 22.69 -10.87 -6.69
C SER A 118 21.84 -9.75 -7.27
N LEU A 119 20.87 -9.29 -6.49
CA LEU A 119 20.03 -8.15 -6.84
C LEU A 119 20.49 -6.86 -6.18
N GLU A 120 21.65 -6.89 -5.52
CA GLU A 120 22.18 -5.72 -4.83
C GLU A 120 23.62 -5.52 -5.29
N MET A 121 23.92 -4.33 -5.80
CA MET A 121 25.27 -4.05 -6.31
C MET A 121 26.18 -3.45 -5.25
N ASP A 122 25.61 -2.77 -4.25
CA ASP A 122 26.40 -2.11 -3.22
C ASP A 122 26.80 -3.13 -2.15
N ASP A 123 28.10 -3.44 -2.09
CA ASP A 123 28.58 -4.41 -1.11
C ASP A 123 28.54 -3.86 0.31
N SER A 124 28.41 -2.54 0.48
CA SER A 124 28.30 -1.97 1.82
C SER A 124 27.02 -2.40 2.51
N ALA A 125 25.96 -2.66 1.74
CA ALA A 125 24.67 -3.03 2.29
C ALA A 125 24.48 -4.54 2.41
N SER A 126 25.47 -5.34 2.02
CA SER A 126 25.34 -6.79 2.07
C SER A 126 26.47 -7.50 2.81
N LYS A 127 27.55 -6.80 3.17
CA LYS A 127 28.70 -7.43 3.79
C LYS A 127 29.25 -6.53 4.89
N LYS A 128 30.02 -7.14 5.78
CA LYS A 128 30.68 -6.42 6.87
C LYS A 128 32.07 -7.05 7.06
N LEU A 129 33.07 -6.48 6.38
CA LEU A 129 34.44 -6.95 6.46
C LEU A 129 35.24 -6.00 7.34
N THR A 130 35.88 -6.54 8.37
CA THR A 130 36.68 -5.74 9.29
C THR A 130 38.14 -6.17 9.35
N HIS A 131 38.41 -7.45 9.60
CA HIS A 131 39.76 -7.90 9.89
C HIS A 131 40.01 -9.25 9.22
N VAL A 132 41.29 -9.59 9.11
CA VAL A 132 41.73 -10.89 8.61
C VAL A 132 42.70 -11.49 9.61
N LYS A 133 42.80 -12.82 9.58
CA LYS A 133 43.71 -13.56 10.43
C LYS A 133 44.81 -14.16 9.58
N LEU A 134 46.06 -13.95 9.99
CA LEU A 134 47.23 -14.42 9.26
C LEU A 134 47.95 -15.47 10.10
N THR A 135 48.14 -16.65 9.53
CA THR A 135 48.85 -17.74 10.20
C THR A 135 50.02 -18.16 9.32
N THR A 136 51.23 -17.93 9.80
CA THR A 136 52.42 -18.19 9.01
C THR A 136 52.58 -19.67 8.70
N LEU A 137 53.07 -19.96 7.50
CA LEU A 137 53.42 -21.32 7.08
C LEU A 137 54.92 -21.52 6.98
N GLY A 138 55.71 -20.50 7.29
CA GLY A 138 57.14 -20.51 7.08
C GLY A 138 57.57 -19.21 6.42
N LYS A 139 58.87 -18.94 6.49
CA LYS A 139 59.37 -17.65 6.02
C LYS A 139 59.10 -17.45 4.53
N ASN A 140 59.30 -18.49 3.72
CA ASN A 140 59.05 -18.40 2.29
C ASN A 140 57.85 -19.23 1.84
N GLN A 141 57.08 -19.80 2.77
CA GLN A 141 55.90 -20.59 2.43
C GLN A 141 54.62 -19.79 2.36
N GLY A 142 54.64 -18.53 2.80
CA GLY A 142 53.44 -17.73 2.85
C GLY A 142 52.66 -17.91 4.14
N ALA A 143 51.51 -17.26 4.18
CA ALA A 143 50.63 -17.30 5.34
C ALA A 143 49.21 -17.61 4.90
N MET A 144 48.53 -18.47 5.66
CA MET A 144 47.13 -18.77 5.44
C MET A 144 46.29 -17.60 5.95
N VAL A 145 45.36 -17.13 5.13
CA VAL A 145 44.51 -16.00 5.45
C VAL A 145 43.08 -16.50 5.67
N GLU A 146 42.48 -16.08 6.78
CA GLU A 146 41.10 -16.44 7.10
C GLU A 146 40.27 -15.16 7.15
N LEU A 147 39.17 -15.16 6.41
CA LEU A 147 38.27 -14.02 6.33
C LEU A 147 36.88 -14.44 6.78
N LEU A 148 36.35 -13.77 7.80
CA LEU A 148 35.04 -14.05 8.35
C LEU A 148 34.18 -12.79 8.25
N TYR A 149 32.92 -12.96 7.87
CA TYR A 149 32.03 -11.81 7.81
C TYR A 149 30.57 -12.23 7.70
N PRO A 150 29.65 -11.47 8.28
CA PRO A 150 28.22 -11.73 8.06
C PRO A 150 27.75 -11.13 6.75
N THR A 151 26.73 -11.75 6.18
CA THR A 151 26.19 -11.31 4.91
C THR A 151 24.67 -11.36 4.93
N ILE A 152 24.06 -10.53 4.09
CA ILE A 152 22.62 -10.59 3.82
C ILE A 152 22.49 -10.61 2.30
N TYR A 153 22.18 -11.77 1.75
CA TYR A 153 22.13 -11.96 0.30
C TYR A 153 20.70 -11.78 -0.20
N LYS A 154 20.55 -11.00 -1.26
CA LYS A 154 19.28 -10.80 -1.95
C LYS A 154 19.45 -11.39 -3.34
N ILE A 155 18.97 -12.63 -3.51
CA ILE A 155 19.17 -13.37 -4.75
C ILE A 155 17.84 -13.52 -5.47
N SER A 156 17.89 -13.54 -6.79
CA SER A 156 16.71 -13.73 -7.61
C SER A 156 16.39 -15.21 -7.70
N CYS A 157 15.14 -15.57 -7.43
CA CYS A 157 14.68 -16.96 -7.49
C CYS A 157 13.46 -17.05 -8.40
N LEU A 158 13.48 -18.02 -9.31
CA LEU A 158 12.34 -18.30 -10.16
C LEU A 158 11.45 -19.31 -9.45
N LEU A 159 10.31 -18.84 -8.94
CA LEU A 159 9.42 -19.68 -8.15
C LEU A 159 8.40 -20.37 -9.06
N ASN A 160 8.20 -21.66 -8.84
CA ASN A 160 7.22 -22.46 -9.58
C ASN A 160 6.04 -22.71 -8.65
N LEU A 161 4.97 -21.94 -8.81
CA LEU A 161 3.80 -22.01 -7.95
C LEU A 161 2.71 -22.90 -8.52
N LYS A 162 3.10 -23.96 -9.22
CA LYS A 162 2.11 -24.87 -9.80
C LYS A 162 1.30 -25.57 -8.71
N TYR A 163 1.94 -25.91 -7.60
CA TYR A 163 1.30 -26.64 -6.51
C TYR A 163 0.97 -25.75 -5.32
N PHE A 164 0.96 -24.43 -5.51
CA PHE A 164 0.66 -23.52 -4.42
C PHE A 164 -0.70 -23.86 -3.82
N PRO A 165 -0.84 -23.90 -2.49
CA PRO A 165 0.19 -23.62 -1.47
C PRO A 165 0.90 -24.86 -0.95
N PHE A 166 1.10 -25.88 -1.76
CA PHE A 166 1.82 -27.09 -1.37
C PHE A 166 3.13 -27.21 -2.13
N ASP A 167 3.73 -26.07 -2.48
CA ASP A 167 4.86 -26.03 -3.40
C ASP A 167 6.18 -26.18 -2.66
N THR A 168 7.17 -26.69 -3.38
CA THR A 168 8.56 -26.77 -2.92
C THR A 168 9.42 -25.96 -3.87
N GLN A 169 10.29 -25.11 -3.32
CA GLN A 169 11.12 -24.22 -4.11
C GLN A 169 12.59 -24.57 -3.91
N THR A 170 13.39 -24.34 -4.95
CA THR A 170 14.83 -24.54 -4.91
C THR A 170 15.51 -23.21 -5.24
N CYS A 171 16.44 -22.80 -4.39
CA CYS A 171 17.17 -21.55 -4.55
C CYS A 171 18.63 -21.86 -4.84
N ARG A 172 19.15 -21.28 -5.91
CA ARG A 172 20.54 -21.47 -6.30
C ARG A 172 21.33 -20.19 -6.14
N MET A 173 22.48 -20.27 -5.48
CA MET A 173 23.42 -19.17 -5.36
C MET A 173 24.69 -19.53 -6.09
N THR A 174 25.11 -18.68 -7.01
CA THR A 174 26.33 -18.89 -7.79
C THR A 174 27.42 -17.95 -7.28
N PHE A 175 28.58 -18.53 -6.98
CA PHE A 175 29.72 -17.77 -6.46
C PHE A 175 30.91 -17.96 -7.39
N GLY A 176 31.71 -16.90 -7.50
CA GLY A 176 32.90 -16.96 -8.32
C GLY A 176 33.58 -15.61 -8.36
N SER A 177 34.62 -15.54 -9.17
CA SER A 177 35.36 -14.31 -9.40
C SER A 177 34.86 -13.67 -10.69
N TRP A 178 34.70 -12.34 -10.68
CA TRP A 178 34.22 -11.66 -11.87
C TRP A 178 35.34 -11.34 -12.85
N SER A 179 36.56 -11.10 -12.36
CA SER A 179 37.65 -10.65 -13.21
C SER A 179 38.79 -11.64 -13.36
N PHE A 180 38.88 -12.64 -12.50
CA PHE A 180 39.98 -13.60 -12.51
C PHE A 180 39.49 -14.95 -12.98
N ASP A 181 40.22 -15.57 -13.90
CA ASP A 181 39.85 -16.86 -14.46
C ASP A 181 40.58 -17.98 -13.72
N ASN A 182 40.44 -19.21 -14.22
CA ASN A 182 40.96 -20.37 -13.51
C ASN A 182 42.47 -20.29 -13.30
N SER A 183 43.20 -19.71 -14.25
CA SER A 183 44.65 -19.65 -14.14
C SER A 183 45.12 -18.73 -13.02
N LEU A 184 44.22 -17.93 -12.45
CA LEU A 184 44.55 -17.01 -11.38
C LEU A 184 43.91 -17.39 -10.05
N ILE A 185 42.59 -17.55 -10.02
CA ILE A 185 41.87 -17.88 -8.79
C ILE A 185 41.01 -19.11 -9.05
N ASP A 186 41.16 -20.12 -8.20
CA ASP A 186 40.35 -21.33 -8.25
C ASP A 186 39.54 -21.45 -6.96
N TYR A 187 38.29 -21.89 -7.07
CA TYR A 187 37.37 -21.94 -5.96
C TYR A 187 37.01 -23.38 -5.61
N PHE A 188 37.00 -23.68 -4.31
CA PHE A 188 36.63 -24.98 -3.79
C PHE A 188 35.68 -24.80 -2.61
N PRO A 189 34.75 -25.72 -2.42
CA PRO A 189 33.81 -25.62 -1.30
C PRO A 189 34.32 -26.34 -0.05
N ARG A 190 33.82 -25.87 1.09
CA ARG A 190 34.11 -26.46 2.40
C ARG A 190 32.77 -26.81 3.04
N THR A 191 32.51 -28.10 3.22
CA THR A 191 31.22 -28.55 3.70
C THR A 191 31.25 -28.85 5.20
N PHE A 192 30.07 -28.91 5.79
CA PHE A 192 29.89 -29.13 7.22
C PHE A 192 29.47 -30.57 7.47
N THR A 193 29.22 -30.88 8.74
CA THR A 193 28.82 -32.23 9.11
C THR A 193 27.46 -32.61 8.53
N ASN A 194 26.50 -31.68 8.56
CA ASN A 194 25.15 -31.97 8.09
C ASN A 194 25.00 -31.82 6.57
N GLY A 195 25.95 -31.19 5.90
CA GLY A 195 25.86 -31.00 4.47
C GLY A 195 26.66 -29.82 3.97
N PRO A 196 26.47 -29.48 2.69
CA PRO A 196 27.26 -28.37 2.11
C PRO A 196 27.07 -27.05 2.83
N ILE A 197 25.86 -26.76 3.30
CA ILE A 197 25.56 -25.51 4.00
C ILE A 197 25.26 -25.84 5.45
N GLY A 198 25.97 -25.18 6.36
CA GLY A 198 25.78 -25.45 7.77
C GLY A 198 24.42 -24.98 8.25
N LEU A 199 23.84 -25.77 9.17
CA LEU A 199 22.55 -25.44 9.78
C LEU A 199 22.58 -25.64 11.30
N ALA A 200 23.76 -25.58 11.91
CA ALA A 200 23.86 -25.79 13.35
C ALA A 200 23.34 -24.58 14.12
N ASN A 201 23.44 -23.39 13.53
CA ASN A 201 22.97 -22.16 14.16
C ASN A 201 21.74 -21.60 13.48
N PHE A 202 21.06 -22.40 12.65
CA PHE A 202 19.93 -21.92 11.88
C PHE A 202 18.71 -21.75 12.74
N LEU A 203 17.99 -20.64 12.54
CA LEU A 203 16.73 -20.39 13.21
C LEU A 203 15.58 -20.78 12.29
N GLU A 204 14.74 -21.70 12.75
CA GLU A 204 13.67 -22.22 11.91
C GLU A 204 12.71 -21.12 11.48
N ASN A 205 12.22 -21.22 10.25
CA ASN A 205 11.29 -20.26 9.69
C ASN A 205 9.87 -20.71 9.95
N ASP A 206 8.96 -19.75 10.18
CA ASP A 206 7.58 -20.08 10.49
C ASP A 206 6.75 -20.46 9.27
N ALA A 207 7.24 -20.16 8.07
CA ALA A 207 6.49 -20.45 6.85
C ALA A 207 7.16 -21.46 5.93
N TRP A 208 8.45 -21.75 6.11
CA TRP A 208 9.19 -22.60 5.20
C TRP A 208 10.02 -23.61 5.97
N SER A 209 10.27 -24.75 5.34
CA SER A 209 11.12 -25.79 5.89
C SER A 209 12.30 -26.01 4.95
N VAL A 210 13.49 -26.23 5.52
CA VAL A 210 14.68 -26.50 4.73
C VAL A 210 14.79 -28.02 4.58
N LEU A 211 14.50 -28.52 3.37
CA LEU A 211 14.56 -29.95 3.13
C LEU A 211 16.00 -30.45 3.01
N GLY A 212 16.87 -29.67 2.37
CA GLY A 212 18.25 -30.07 2.22
C GLY A 212 19.01 -29.01 1.45
N THR A 213 20.31 -29.26 1.31
CA THR A 213 21.22 -28.36 0.62
C THR A 213 22.14 -29.15 -0.31
N LYS A 214 22.63 -28.48 -1.35
CA LYS A 214 23.51 -29.09 -2.33
C LYS A 214 24.59 -28.09 -2.72
N VAL A 215 25.74 -28.62 -3.17
CA VAL A 215 26.83 -27.79 -3.67
C VAL A 215 27.46 -28.50 -4.87
N ASN A 216 27.71 -27.76 -5.93
CA ASN A 216 28.33 -28.30 -7.14
C ASN A 216 29.43 -27.35 -7.60
N ARG A 217 30.56 -27.91 -8.00
CA ARG A 217 31.68 -27.14 -8.53
C ARG A 217 31.79 -27.42 -10.03
N GLU A 218 31.68 -26.38 -10.84
CA GLU A 218 31.67 -26.52 -12.28
C GLU A 218 32.56 -25.47 -12.93
N GLU A 219 33.25 -25.87 -13.99
CA GLU A 219 34.13 -25.00 -14.75
C GLU A 219 33.44 -24.58 -16.04
N LYS A 220 33.41 -23.28 -16.30
CA LYS A 220 32.64 -22.75 -17.42
C LYS A 220 33.51 -21.87 -18.31
N LYS A 221 33.25 -21.95 -19.62
CA LYS A 221 33.86 -21.07 -20.59
C LYS A 221 32.91 -19.94 -20.98
N TYR A 222 33.46 -18.74 -21.09
CA TYR A 222 32.71 -17.55 -21.49
C TYR A 222 33.37 -16.94 -22.71
N THR A 223 32.56 -16.29 -23.54
CA THR A 223 33.05 -15.71 -24.78
C THR A 223 33.98 -14.52 -24.56
N CYS A 224 33.97 -13.93 -23.37
CA CYS A 224 34.80 -12.76 -23.10
C CYS A 224 36.23 -13.12 -22.69
N CYS A 225 36.49 -14.38 -22.33
CA CYS A 225 37.81 -14.78 -21.87
C CYS A 225 38.20 -16.10 -22.53
N PRO A 226 39.48 -16.27 -22.86
CA PRO A 226 39.92 -17.55 -23.44
C PRO A 226 40.08 -18.66 -22.42
N VAL A 227 40.11 -18.35 -21.13
CA VAL A 227 40.29 -19.34 -20.08
C VAL A 227 38.97 -19.55 -19.35
N ASN A 228 38.85 -20.71 -18.69
CA ASN A 228 37.65 -21.04 -17.96
C ASN A 228 37.53 -20.23 -16.67
N TYR A 229 36.32 -20.25 -16.11
CA TYR A 229 36.04 -19.75 -14.77
C TYR A 229 35.58 -20.91 -13.90
N THR A 230 35.81 -20.81 -12.60
CA THR A 230 35.35 -21.81 -11.65
C THR A 230 34.20 -21.23 -10.84
N LEU A 231 33.06 -21.92 -10.84
CA LEU A 231 31.86 -21.45 -10.16
C LEU A 231 31.45 -22.46 -9.10
N LEU A 232 30.89 -21.96 -8.00
CA LEU A 232 30.33 -22.77 -6.94
C LEU A 232 28.83 -22.56 -6.91
N HIS A 233 28.05 -23.64 -6.98
CA HIS A 233 26.60 -23.58 -6.97
C HIS A 233 26.08 -24.13 -5.65
N TYR A 234 25.35 -23.32 -4.92
CA TYR A 234 24.73 -23.72 -3.66
C TYR A 234 23.21 -23.74 -3.86
N ASP A 235 22.60 -24.88 -3.57
CA ASP A 235 21.16 -25.05 -3.71
C ASP A 235 20.54 -25.27 -2.35
N VAL A 236 19.42 -24.57 -2.10
CA VAL A 236 18.64 -24.75 -0.88
C VAL A 236 17.24 -25.16 -1.31
N VAL A 237 16.76 -26.28 -0.77
CA VAL A 237 15.41 -26.77 -1.03
C VAL A 237 14.54 -26.43 0.17
N ILE A 238 13.50 -25.64 -0.06
CA ILE A 238 12.60 -25.17 0.99
C ILE A 238 11.18 -25.56 0.61
N GLN A 239 10.43 -26.09 1.57
CA GLN A 239 9.05 -26.50 1.37
C GLN A 239 8.14 -25.62 2.21
N ARG A 240 7.04 -25.17 1.62
CA ARG A 240 6.10 -24.31 2.32
C ARG A 240 5.30 -25.11 3.35
N LYS A 241 4.94 -24.42 4.43
CA LYS A 241 4.02 -24.98 5.42
C LYS A 241 2.61 -24.51 5.07
N PRO A 242 1.71 -25.41 4.66
CA PRO A 242 0.48 -24.96 3.97
C PRO A 242 -0.65 -24.53 4.89
N LEU A 243 -0.62 -24.86 6.18
CA LEU A 243 -1.80 -24.67 7.02
C LEU A 243 -2.27 -23.22 7.00
N TYR A 244 -1.34 -22.27 6.99
CA TYR A 244 -1.72 -20.87 7.01
C TYR A 244 -2.51 -20.49 5.77
N TYR A 245 -2.07 -20.94 4.61
CA TYR A 245 -2.71 -20.53 3.35
C TYR A 245 -4.01 -21.28 3.12
N VAL A 246 -4.08 -22.54 3.55
CA VAL A 246 -5.32 -23.30 3.42
C VAL A 246 -6.43 -22.64 4.23
N LEU A 247 -6.12 -22.22 5.46
CA LEU A 247 -7.12 -21.61 6.32
C LEU A 247 -7.55 -20.24 5.80
N ASN A 248 -6.58 -19.44 5.34
CA ASN A 248 -6.85 -18.04 5.01
C ASN A 248 -7.34 -17.83 3.59
N LEU A 249 -7.08 -18.76 2.68
CA LEU A 249 -7.43 -18.57 1.27
C LEU A 249 -8.47 -19.55 0.74
N ILE A 250 -8.63 -20.71 1.35
CA ILE A 250 -9.53 -21.74 0.85
C ILE A 250 -10.74 -21.93 1.75
N ALA A 251 -10.54 -21.95 3.06
CA ALA A 251 -11.66 -22.19 3.97
C ALA A 251 -12.77 -21.16 3.83
N PRO A 252 -12.49 -19.85 3.85
CA PRO A 252 -13.59 -18.88 3.73
C PRO A 252 -14.39 -19.01 2.44
N THR A 253 -13.72 -19.36 1.34
CA THR A 253 -14.42 -19.44 0.07
C THR A 253 -15.31 -20.67 0.00
N ALA A 254 -14.87 -21.79 0.57
CA ALA A 254 -15.66 -23.01 0.55
C ALA A 254 -16.96 -22.84 1.35
N VAL A 255 -16.88 -22.18 2.50
CA VAL A 255 -18.06 -22.02 3.35
C VAL A 255 -19.13 -21.19 2.63
N ILE A 256 -18.71 -20.09 2.00
CA ILE A 256 -19.67 -19.25 1.28
C ILE A 256 -20.27 -20.01 0.11
N THR A 257 -19.43 -20.75 -0.64
CA THR A 257 -19.93 -21.49 -1.78
C THR A 257 -20.94 -22.56 -1.37
N PHE A 258 -20.67 -23.27 -0.27
CA PHE A 258 -21.59 -24.30 0.18
C PHE A 258 -22.93 -23.70 0.60
N ILE A 259 -22.90 -22.60 1.35
CA ILE A 259 -24.14 -21.98 1.82
C ILE A 259 -24.97 -21.49 0.64
N SER A 260 -24.32 -20.87 -0.35
CA SER A 260 -25.05 -20.33 -1.49
C SER A 260 -25.71 -21.43 -2.31
N ILE A 261 -25.11 -22.62 -2.35
CA ILE A 261 -25.70 -23.73 -3.10
C ILE A 261 -27.06 -24.09 -2.52
N ILE A 262 -27.16 -24.15 -1.19
CA ILE A 262 -28.41 -24.51 -0.55
C ILE A 262 -29.48 -23.46 -0.87
N GLY A 263 -29.11 -22.19 -0.88
CA GLY A 263 -30.07 -21.15 -1.20
C GLY A 263 -30.61 -21.24 -2.62
N PHE A 264 -29.78 -21.72 -3.55
CA PHE A 264 -30.22 -21.82 -4.94
C PHE A 264 -31.39 -22.78 -5.09
N PHE A 265 -31.32 -23.93 -4.43
CA PHE A 265 -32.24 -25.04 -4.68
C PHE A 265 -33.09 -25.36 -3.46
N THR A 266 -33.55 -24.33 -2.77
CA THR A 266 -34.44 -24.49 -1.63
C THR A 266 -35.63 -23.55 -1.79
N SER A 267 -36.82 -24.03 -1.47
CA SER A 267 -38.03 -23.23 -1.56
C SER A 267 -38.92 -23.52 -0.36
N SER A 268 -39.73 -22.52 0.02
CA SER A 268 -40.61 -22.67 1.16
C SER A 268 -41.92 -23.36 0.82
N SER A 269 -42.23 -23.53 -0.47
CA SER A 269 -43.48 -24.16 -0.88
C SER A 269 -43.30 -24.78 -2.26
N VAL A 270 -44.19 -25.72 -2.57
CA VAL A 270 -44.14 -26.43 -3.85
C VAL A 270 -45.04 -25.80 -4.90
N HIS A 271 -46.18 -25.23 -4.49
CA HIS A 271 -47.18 -24.71 -5.42
C HIS A 271 -47.23 -23.19 -5.42
N ASP A 272 -46.08 -22.53 -5.29
CA ASP A 272 -46.00 -21.07 -5.37
C ASP A 272 -44.88 -20.68 -6.31
N LEU A 273 -45.05 -19.55 -6.97
CA LEU A 273 -44.03 -19.05 -7.90
C LEU A 273 -42.75 -18.76 -7.14
N ARG A 274 -41.61 -19.07 -7.75
CA ARG A 274 -40.32 -18.89 -7.11
C ARG A 274 -39.76 -17.51 -7.41
N GLN A 275 -38.90 -17.04 -6.50
CA GLN A 275 -38.18 -15.80 -6.69
C GLN A 275 -36.87 -16.07 -7.42
N GLU A 276 -36.47 -15.14 -8.28
CA GLU A 276 -35.24 -15.30 -9.04
C GLU A 276 -34.03 -15.26 -8.10
N LYS A 277 -33.05 -16.10 -8.38
CA LYS A 277 -31.83 -16.18 -7.59
C LYS A 277 -30.67 -15.43 -8.21
N ILE A 278 -30.95 -14.58 -9.20
CA ILE A 278 -29.87 -13.86 -9.88
C ILE A 278 -29.13 -12.95 -8.91
N THR A 279 -29.88 -12.23 -8.07
CA THR A 279 -29.25 -11.32 -7.12
C THR A 279 -28.36 -12.09 -6.14
N LEU A 280 -28.81 -13.26 -5.69
CA LEU A 280 -27.98 -14.07 -4.81
C LEU A 280 -26.69 -14.50 -5.51
N GLY A 281 -26.78 -14.91 -6.78
CA GLY A 281 -25.60 -15.30 -7.50
C GLY A 281 -24.64 -14.15 -7.76
N ILE A 282 -25.19 -12.99 -8.11
CA ILE A 282 -24.34 -11.84 -8.43
C ILE A 282 -23.55 -11.41 -7.21
N THR A 283 -24.20 -11.35 -6.05
CA THR A 283 -23.50 -10.93 -4.83
C THR A 283 -22.39 -11.92 -4.48
N THR A 284 -22.66 -13.22 -4.59
CA THR A 284 -21.63 -14.21 -4.34
C THR A 284 -20.50 -14.11 -5.37
N LEU A 285 -20.84 -13.91 -6.63
CA LEU A 285 -19.82 -13.82 -7.68
C LEU A 285 -18.94 -12.60 -7.47
N LEU A 286 -19.52 -11.47 -7.08
CA LEU A 286 -18.74 -10.25 -6.95
C LEU A 286 -17.79 -10.33 -5.76
N SER A 287 -18.17 -11.04 -4.70
CA SER A 287 -17.28 -11.19 -3.55
C SER A 287 -16.07 -12.04 -3.88
N MET A 288 -16.28 -13.14 -4.61
CA MET A 288 -15.16 -13.99 -4.99
C MET A 288 -14.17 -13.24 -5.89
N SER A 289 -14.66 -12.30 -6.68
CA SER A 289 -13.76 -11.50 -7.51
C SER A 289 -12.83 -10.66 -6.66
N ILE A 290 -13.34 -10.07 -5.58
CA ILE A 290 -12.49 -9.31 -4.67
C ILE A 290 -11.49 -10.24 -4.00
N MET A 291 -11.94 -11.43 -3.59
CA MET A 291 -11.02 -12.41 -3.03
C MET A 291 -9.92 -12.77 -4.02
N ILE A 292 -10.26 -12.90 -5.30
CA ILE A 292 -9.25 -13.25 -6.31
C ILE A 292 -8.23 -12.12 -6.46
N PHE A 293 -8.71 -10.88 -6.49
CA PHE A 293 -7.80 -9.74 -6.60
C PHE A 293 -6.89 -9.66 -5.38
N MET A 294 -7.43 -9.89 -4.18
CA MET A 294 -6.62 -9.85 -2.98
C MET A 294 -5.54 -10.92 -3.01
N VAL A 295 -5.90 -12.15 -3.39
CA VAL A 295 -4.93 -13.23 -3.44
C VAL A 295 -3.91 -12.99 -4.55
N SER A 296 -4.37 -12.44 -5.67
CA SER A 296 -3.48 -12.23 -6.82
C SER A 296 -2.34 -11.29 -6.49
N ASP A 297 -2.50 -10.40 -5.50
CA ASP A 297 -1.43 -9.50 -5.12
C ASP A 297 -0.31 -10.18 -4.35
N LYS A 298 -0.50 -11.43 -3.96
CA LYS A 298 0.50 -12.19 -3.21
C LYS A 298 1.29 -13.15 -4.08
N MET A 299 1.18 -13.05 -5.39
CA MET A 299 1.74 -14.04 -6.31
C MET A 299 2.62 -13.36 -7.36
N PRO A 300 3.50 -14.14 -8.00
CA PRO A 300 4.43 -13.54 -8.97
C PRO A 300 3.78 -12.87 -10.17
N SER A 301 2.55 -13.23 -10.54
CA SER A 301 1.93 -12.70 -11.74
C SER A 301 2.56 -13.28 -13.01
N THR A 302 2.91 -14.56 -12.96
CA THR A 302 3.45 -15.24 -14.14
C THR A 302 2.33 -15.76 -15.04
N SER A 303 2.71 -16.16 -16.25
CA SER A 303 1.79 -16.80 -17.18
C SER A 303 2.22 -18.21 -17.56
N THR A 304 3.26 -18.75 -16.92
CA THR A 304 3.79 -20.05 -17.34
C THR A 304 2.91 -21.19 -16.87
N CYS A 305 2.36 -21.10 -15.67
CA CYS A 305 1.61 -22.19 -15.07
C CYS A 305 0.29 -21.69 -14.50
N VAL A 306 -0.59 -22.63 -14.19
CA VAL A 306 -1.84 -22.40 -13.50
C VAL A 306 -1.75 -23.10 -12.15
N PRO A 307 -1.75 -22.37 -11.04
CA PRO A 307 -1.52 -23.01 -9.74
C PRO A 307 -2.67 -23.94 -9.34
N LEU A 308 -2.42 -24.69 -8.27
CA LEU A 308 -3.46 -25.58 -7.73
C LEU A 308 -4.63 -24.77 -7.18
N ILE A 309 -4.36 -23.62 -6.57
CA ILE A 309 -5.42 -22.80 -6.02
C ILE A 309 -6.25 -22.14 -7.12
N ALA A 310 -5.64 -21.91 -8.28
CA ALA A 310 -6.40 -21.33 -9.39
C ALA A 310 -7.50 -22.28 -9.84
N LEU A 311 -7.21 -23.58 -9.89
CA LEU A 311 -8.22 -24.56 -10.26
C LEU A 311 -9.35 -24.60 -9.23
N PHE A 312 -9.00 -24.46 -7.94
CA PHE A 312 -10.02 -24.45 -6.90
C PHE A 312 -10.98 -23.28 -7.08
N TYR A 313 -10.44 -22.08 -7.35
CA TYR A 313 -11.30 -20.92 -7.54
C TYR A 313 -12.14 -21.05 -8.79
N THR A 314 -11.57 -21.63 -9.86
CA THR A 314 -12.33 -21.80 -11.09
C THR A 314 -13.53 -22.70 -10.87
N LEU A 315 -13.37 -23.77 -10.09
CA LEU A 315 -14.49 -24.66 -9.81
C LEU A 315 -15.55 -23.97 -8.97
N MET A 316 -15.14 -23.19 -7.97
CA MET A 316 -16.11 -22.44 -7.16
C MET A 316 -16.89 -21.46 -8.02
N ILE A 317 -16.21 -20.75 -8.91
CA ILE A 317 -16.89 -19.80 -9.79
C ILE A 317 -17.86 -20.52 -10.71
N THR A 318 -17.43 -21.65 -11.28
CA THR A 318 -18.28 -22.36 -12.22
C THR A 318 -19.54 -22.89 -11.54
N ILE A 319 -19.40 -23.41 -10.31
CA ILE A 319 -20.56 -23.95 -9.61
C ILE A 319 -21.58 -22.85 -9.34
N ILE A 320 -21.11 -21.69 -8.90
CA ILE A 320 -22.02 -20.60 -8.59
C ILE A 320 -22.68 -20.07 -9.87
N SER A 321 -21.89 -19.87 -10.93
CA SER A 321 -22.44 -19.33 -12.16
C SER A 321 -23.34 -20.34 -12.86
N VAL A 322 -22.91 -21.59 -12.94
CA VAL A 322 -23.75 -22.62 -13.55
C VAL A 322 -24.94 -22.95 -12.65
N GLY A 323 -24.73 -22.90 -11.33
CA GLY A 323 -25.84 -23.10 -10.42
C GLY A 323 -26.90 -22.03 -10.51
N THR A 324 -26.49 -20.80 -10.81
CA THR A 324 -27.47 -19.72 -11.00
C THR A 324 -28.33 -19.98 -12.22
N LEU A 325 -27.74 -20.51 -13.29
CA LEU A 325 -28.51 -20.80 -14.50
C LEU A 325 -29.41 -22.01 -14.28
N ALA A 326 -28.97 -22.99 -13.48
CA ALA A 326 -29.81 -24.14 -13.19
C ALA A 326 -31.02 -23.76 -12.36
N ALA A 327 -30.85 -22.80 -11.45
CA ALA A 327 -31.99 -22.33 -10.65
C ALA A 327 -32.99 -21.56 -11.50
N SER A 328 -32.51 -20.86 -12.53
CA SER A 328 -33.42 -20.15 -13.42
C SER A 328 -34.17 -21.10 -14.34
N SER A 329 -33.59 -22.26 -14.65
CA SER A 329 -34.27 -23.24 -15.48
C SER A 329 -35.39 -23.94 -14.71
N VAL A 330 -35.31 -23.95 -13.38
CA VAL A 330 -36.41 -24.47 -12.58
C VAL A 330 -37.63 -23.56 -12.70
N ILE A 331 -37.39 -22.24 -12.68
CA ILE A 331 -38.47 -21.29 -12.88
C ILE A 331 -39.05 -21.42 -14.28
N PHE A 332 -38.18 -21.71 -15.26
CA PHE A 332 -38.64 -21.89 -16.63
C PHE A 332 -39.58 -23.09 -16.74
N VAL A 333 -39.26 -24.19 -16.06
CA VAL A 333 -40.07 -25.40 -16.15
C VAL A 333 -41.43 -25.17 -15.50
N GLN A 334 -41.44 -24.51 -14.33
CA GLN A 334 -42.71 -24.24 -13.66
C GLN A 334 -43.61 -23.33 -14.48
N LYS A 335 -43.04 -22.41 -15.24
CA LYS A 335 -43.80 -21.48 -16.06
C LYS A 335 -44.53 -22.15 -17.21
N LEU A 336 -44.20 -23.41 -17.53
CA LEU A 336 -44.88 -24.11 -18.60
C LEU A 336 -46.32 -24.47 -18.23
N GLY A 337 -46.67 -24.48 -16.95
CA GLY A 337 -48.03 -24.79 -16.56
C GLY A 337 -49.01 -23.70 -16.99
N SER A 338 -48.60 -22.44 -16.89
CA SER A 338 -49.48 -21.34 -17.27
C SER A 338 -49.59 -21.21 -18.78
N ILE A 339 -48.49 -21.42 -19.51
CA ILE A 339 -48.47 -21.22 -20.94
C ILE A 339 -49.16 -22.41 -21.59
N GLY A 340 -50.44 -22.25 -21.91
CA GLY A 340 -51.22 -23.35 -22.41
C GLY A 340 -51.45 -24.38 -21.31
N ASN A 341 -52.19 -25.42 -21.67
CA ASN A 341 -52.35 -26.52 -20.74
C ASN A 341 -51.95 -27.85 -21.37
N PRO A 342 -50.85 -27.93 -22.10
CA PRO A 342 -50.26 -29.24 -22.39
C PRO A 342 -49.59 -29.80 -21.15
N PRO A 343 -50.15 -30.83 -20.53
CA PRO A 343 -49.51 -31.43 -19.36
C PRO A 343 -48.30 -32.26 -19.75
N ALA A 344 -47.51 -32.60 -18.75
CA ALA A 344 -46.38 -33.49 -18.97
C ALA A 344 -46.89 -34.84 -19.47
N SER A 345 -46.23 -35.37 -20.50
CA SER A 345 -46.70 -36.57 -21.19
C SER A 345 -45.99 -37.84 -20.72
N LYS A 346 -44.66 -37.87 -20.86
CA LYS A 346 -43.86 -39.00 -20.37
C LYS A 346 -43.00 -38.64 -19.18
N THR A 347 -42.82 -37.35 -18.90
CA THR A 347 -42.05 -36.92 -17.74
C THR A 347 -42.71 -37.34 -16.43
N MET A 348 -44.02 -37.58 -16.43
CA MET A 348 -44.73 -37.77 -15.17
C MET A 348 -44.48 -39.15 -14.59
N LYS A 349 -44.25 -40.15 -15.44
CA LYS A 349 -43.86 -41.46 -14.92
C LYS A 349 -42.44 -41.45 -14.39
N TRP A 350 -41.51 -40.82 -15.13
CA TRP A 350 -40.14 -40.69 -14.66
C TRP A 350 -40.06 -39.84 -13.40
N THR A 351 -40.85 -38.76 -13.34
CA THR A 351 -40.82 -37.88 -12.17
C THR A 351 -41.30 -38.61 -10.92
N HIS A 352 -42.27 -39.53 -11.08
CA HIS A 352 -42.80 -40.24 -9.92
C HIS A 352 -41.82 -41.26 -9.39
N ARG A 353 -41.05 -41.90 -10.28
CA ARG A 353 -40.09 -42.91 -9.83
C ARG A 353 -38.91 -42.27 -9.11
N ILE A 354 -38.37 -41.18 -9.67
CA ILE A 354 -37.28 -40.48 -9.02
C ILE A 354 -37.72 -39.81 -7.73
N ALA A 355 -39.01 -39.49 -7.60
CA ALA A 355 -39.48 -38.75 -6.43
C ALA A 355 -39.14 -39.42 -5.11
N PRO A 356 -39.25 -40.74 -4.94
CA PRO A 356 -38.90 -41.32 -3.64
C PRO A 356 -37.41 -41.35 -3.37
N PHE A 357 -36.57 -41.55 -4.40
CA PHE A 357 -35.13 -41.64 -4.15
C PHE A 357 -34.58 -40.32 -3.61
N VAL A 358 -34.93 -39.21 -4.23
CA VAL A 358 -34.67 -37.89 -3.66
C VAL A 358 -35.84 -37.59 -2.73
N LEU A 359 -35.56 -37.43 -1.44
CA LEU A 359 -36.61 -37.55 -0.42
C LEU A 359 -37.56 -36.36 -0.52
N ILE A 360 -38.50 -36.48 -1.46
CA ILE A 360 -39.54 -35.49 -1.66
C ILE A 360 -40.86 -36.22 -1.92
N GLN A 361 -41.93 -35.75 -1.31
CA GLN A 361 -43.24 -36.40 -1.40
C GLN A 361 -44.28 -35.42 -1.90
N MET A 362 -45.37 -35.98 -2.44
CA MET A 362 -46.38 -35.17 -3.09
C MET A 362 -47.18 -34.38 -2.06
N PRO A 363 -47.52 -33.12 -2.35
CA PRO A 363 -48.41 -32.36 -1.46
C PRO A 363 -49.82 -32.92 -1.46
N LEU A 364 -50.57 -32.55 -0.42
CA LEU A 364 -51.94 -33.06 -0.28
C LEU A 364 -52.83 -32.56 -1.42
N VAL A 365 -52.70 -31.28 -1.79
CA VAL A 365 -53.57 -30.73 -2.82
C VAL A 365 -53.40 -31.48 -4.14
N MET A 366 -52.15 -31.82 -4.48
CA MET A 366 -51.92 -32.58 -5.71
C MET A 366 -52.56 -33.95 -5.63
N LYS A 367 -52.51 -34.60 -4.47
CA LYS A 367 -53.16 -35.89 -4.32
C LYS A 367 -54.67 -35.76 -4.42
N GLN A 368 -55.24 -34.69 -3.87
CA GLN A 368 -56.67 -34.46 -3.99
C GLN A 368 -57.09 -34.23 -5.43
N ALA A 369 -56.29 -33.48 -6.19
CA ALA A 369 -56.62 -33.24 -7.60
C ALA A 369 -56.61 -34.54 -8.39
N TYR A 370 -55.65 -35.43 -8.12
CA TYR A 370 -55.59 -36.70 -8.84
C TYR A 370 -56.84 -37.52 -8.58
N ALA A 371 -57.30 -37.59 -7.33
CA ALA A 371 -58.52 -38.32 -7.03
C ALA A 371 -59.73 -37.69 -7.68
N LYS A 372 -59.80 -36.35 -7.68
CA LYS A 372 -60.91 -35.67 -8.33
C LYS A 372 -60.96 -36.00 -9.82
N ARG A 373 -59.81 -35.96 -10.49
CA ARG A 373 -59.76 -36.35 -11.90
C ARG A 373 -60.10 -37.82 -12.09
N ALA A 374 -59.88 -38.65 -11.08
CA ALA A 374 -60.26 -40.06 -11.16
C ALA A 374 -61.75 -40.28 -11.00
N LYS A 375 -62.48 -39.33 -10.38
CA LYS A 375 -63.92 -39.41 -10.30
C LYS A 375 -64.60 -39.15 -11.64
N GLU A 376 -64.15 -38.12 -12.37
CA GLU A 376 -64.57 -37.96 -13.75
C GLU A 376 -64.04 -39.06 -14.65
N GLU A 377 -62.98 -39.75 -14.24
CA GLU A 377 -62.46 -40.88 -15.01
C GLU A 377 -63.47 -42.00 -15.07
N LYS A 378 -64.17 -42.27 -13.97
CA LYS A 378 -65.18 -43.32 -13.89
C LYS A 378 -66.60 -42.77 -13.92
N HIS A 379 -66.92 -41.84 -13.03
CA HIS A 379 -68.27 -41.33 -12.92
C HIS A 379 -68.71 -40.62 -14.20
N ARG A 380 -67.79 -39.88 -14.82
CA ARG A 380 -68.07 -39.22 -16.10
C ARG A 380 -67.78 -40.10 -17.30
N LYS A 381 -67.14 -41.25 -17.11
CA LYS A 381 -66.86 -42.13 -18.23
C LYS A 381 -68.10 -42.91 -18.63
N ARG A 382 -68.83 -43.43 -17.66
CA ARG A 382 -69.89 -44.38 -17.95
C ARG A 382 -71.20 -43.72 -18.37
N MET A 383 -71.35 -42.40 -18.19
CA MET A 383 -72.55 -41.76 -18.73
C MET A 383 -72.56 -41.80 -20.25
N SER A 384 -71.39 -41.79 -20.89
CA SER A 384 -71.34 -41.88 -22.34
C SER A 384 -71.96 -43.17 -22.85
N ARG A 385 -72.10 -44.18 -22.00
CA ARG A 385 -72.75 -45.43 -22.34
C ARG A 385 -74.19 -45.19 -22.80
N ASN A 550 -56.10 -26.12 -13.59
CA ASN A 550 -55.22 -25.93 -12.44
C ASN A 550 -54.46 -27.21 -12.13
N ILE A 551 -54.98 -28.34 -12.62
CA ILE A 551 -54.25 -29.60 -12.49
C ILE A 551 -53.00 -29.58 -13.35
N VAL A 552 -53.08 -28.95 -14.53
CA VAL A 552 -51.90 -28.83 -15.38
C VAL A 552 -50.82 -28.03 -14.68
N GLU A 553 -51.22 -26.97 -13.98
CA GLU A 553 -50.25 -26.20 -13.21
C GLU A 553 -49.63 -27.03 -12.10
N LEU A 554 -50.43 -27.85 -11.43
CA LEU A 554 -49.91 -28.70 -10.36
C LEU A 554 -48.88 -29.69 -10.88
N GLU A 555 -49.15 -30.30 -12.05
CA GLU A 555 -48.22 -31.28 -12.60
C GLU A 555 -46.88 -30.65 -12.96
N TRP A 556 -46.90 -29.44 -13.52
CA TRP A 556 -45.65 -28.78 -13.85
C TRP A 556 -44.97 -28.24 -12.60
N ASP A 557 -45.73 -27.92 -11.55
CA ASP A 557 -45.12 -27.60 -10.27
C ASP A 557 -44.40 -28.80 -9.69
N TRP A 558 -44.99 -29.99 -9.83
CA TRP A 558 -44.37 -31.20 -9.32
C TRP A 558 -43.06 -31.50 -10.04
N VAL A 559 -43.03 -31.34 -11.36
CA VAL A 559 -41.82 -31.60 -12.13
C VAL A 559 -40.70 -30.67 -11.70
N ALA A 560 -41.01 -29.38 -11.51
CA ALA A 560 -39.99 -28.43 -11.09
C ALA A 560 -39.51 -28.73 -9.67
N ALA A 561 -40.42 -29.18 -8.80
CA ALA A 561 -40.02 -29.49 -7.43
C ALA A 561 -39.06 -30.66 -7.38
N VAL A 562 -39.32 -31.70 -8.18
CA VAL A 562 -38.42 -32.85 -8.23
C VAL A 562 -37.09 -32.46 -8.87
N LEU A 563 -37.15 -31.66 -9.95
CA LEU A 563 -35.94 -31.31 -10.68
C LEU A 563 -34.98 -30.51 -9.80
N GLU A 564 -35.49 -29.54 -9.04
CA GLU A 564 -34.62 -28.74 -8.20
C GLU A 564 -34.06 -29.55 -7.03
N ARG A 565 -34.77 -30.62 -6.63
CA ARG A 565 -34.22 -31.54 -5.63
C ARG A 565 -33.07 -32.33 -6.21
N VAL A 566 -33.14 -32.66 -7.51
CA VAL A 566 -32.03 -33.33 -8.17
C VAL A 566 -30.83 -32.40 -8.31
N PHE A 567 -31.09 -31.12 -8.58
CA PHE A 567 -30.00 -30.14 -8.68
C PHE A 567 -29.28 -30.00 -7.34
N LEU A 568 -30.03 -30.01 -6.24
CA LEU A 568 -29.41 -29.85 -4.93
C LEU A 568 -28.44 -30.98 -4.63
N ILE A 569 -28.82 -32.22 -4.96
CA ILE A 569 -27.95 -33.36 -4.71
C ILE A 569 -26.75 -33.33 -5.66
N PHE A 570 -26.98 -33.01 -6.93
CA PHE A 570 -25.89 -33.01 -7.90
C PHE A 570 -24.83 -31.98 -7.55
N PHE A 571 -25.25 -30.76 -7.21
CA PHE A 571 -24.29 -29.70 -6.94
C PHE A 571 -23.63 -29.83 -5.59
N THR A 572 -24.22 -30.62 -4.68
CA THR A 572 -23.57 -30.85 -3.39
C THR A 572 -22.38 -31.79 -3.53
N ILE A 573 -22.52 -32.85 -4.34
CA ILE A 573 -21.42 -33.78 -4.54
C ILE A 573 -20.31 -33.13 -5.36
N CYS A 574 -20.69 -32.34 -6.37
CA CYS A 574 -19.69 -31.65 -7.17
C CYS A 574 -18.85 -30.71 -6.31
N PHE A 575 -19.47 -30.04 -5.35
CA PHE A 575 -18.73 -29.18 -4.43
C PHE A 575 -17.79 -30.00 -3.56
N LEU A 576 -18.28 -31.12 -3.02
CA LEU A 576 -17.45 -31.92 -2.11
C LEU A 576 -16.24 -32.48 -2.82
N PHE A 577 -16.43 -33.00 -4.03
CA PHE A 577 -15.30 -33.56 -4.77
C PHE A 577 -14.33 -32.48 -5.23
N SER A 578 -14.81 -31.26 -5.48
CA SER A 578 -13.93 -30.19 -5.92
C SER A 578 -13.09 -29.65 -4.76
N ALA A 579 -13.73 -29.26 -3.67
CA ALA A 579 -13.00 -28.72 -2.52
C ALA A 579 -12.12 -29.79 -1.88
N ILE A 580 -12.67 -30.96 -1.61
CA ILE A 580 -11.90 -32.02 -0.96
C ILE A 580 -10.88 -32.60 -1.92
N GLY A 581 -11.27 -32.84 -3.17
CA GLY A 581 -10.37 -33.51 -4.10
C GLY A 581 -9.12 -32.71 -4.40
N ILE A 582 -9.27 -31.40 -4.61
CA ILE A 582 -8.12 -30.57 -4.94
C ILE A 582 -7.15 -30.51 -3.75
N ASN A 583 -7.69 -30.32 -2.54
CA ASN A 583 -6.83 -30.20 -1.36
C ASN A 583 -6.20 -31.54 -0.99
N LEU A 584 -6.95 -32.64 -1.13
CA LEU A 584 -6.37 -33.95 -0.84
C LEU A 584 -5.28 -34.29 -1.84
N TYR A 585 -5.47 -33.97 -3.11
CA TYR A 585 -4.43 -34.18 -4.11
C TYR A 585 -3.20 -33.34 -3.78
N GLY A 586 -3.41 -32.07 -3.43
CA GLY A 586 -2.29 -31.22 -3.08
C GLY A 586 -1.52 -31.72 -1.87
N TRP A 587 -2.24 -32.15 -0.84
CA TRP A 587 -1.58 -32.69 0.35
C TRP A 587 -0.80 -33.95 0.01
N TYR A 588 -1.31 -34.77 -0.91
CA TYR A 588 -0.60 -35.97 -1.32
C TYR A 588 0.74 -35.61 -1.96
N ILE A 589 0.75 -34.63 -2.84
CA ILE A 589 1.99 -34.19 -3.47
C ILE A 589 2.94 -33.63 -2.41
N TRP A 590 2.41 -32.81 -1.50
CA TRP A 590 3.21 -32.24 -0.44
C TRP A 590 3.77 -33.31 0.49
N TYR A 591 2.98 -34.33 0.80
CA TYR A 591 3.43 -35.36 1.73
C TYR A 591 4.54 -36.21 1.14
N THR A 592 4.44 -36.54 -0.15
CA THR A 592 5.45 -37.40 -0.77
C THR A 592 6.77 -36.67 -0.95
N GLU A 593 6.76 -35.34 -1.09
CA GLU A 593 8.00 -34.59 -1.23
C GLU A 593 8.87 -34.73 0.01
N ASN A 594 8.39 -34.24 1.15
CA ASN A 594 9.20 -34.23 2.35
C ASN A 594 9.51 -35.64 2.83
N HIS A 595 8.53 -36.54 2.80
CA HIS A 595 8.69 -37.84 3.42
C HIS A 595 9.56 -38.78 2.61
N PHE A 596 9.54 -38.66 1.28
CA PHE A 596 10.29 -39.58 0.42
C PHE A 596 11.29 -38.91 -0.50
N LEU A 597 11.05 -37.68 -0.94
CA LEU A 597 11.94 -37.03 -1.89
C LEU A 597 12.35 -35.64 -1.43
N PRO B 22 54.71 27.07 24.38
CA PRO B 22 54.32 28.41 23.93
C PRO B 22 52.82 28.53 23.70
N ASP B 23 52.43 29.11 22.57
CA ASP B 23 51.03 29.23 22.21
C ASP B 23 50.41 27.89 21.83
N ILE B 24 51.23 26.87 21.61
CA ILE B 24 50.69 25.54 21.28
C ILE B 24 50.07 24.94 22.54
N PRO B 25 48.82 24.48 22.49
CA PRO B 25 48.20 23.89 23.67
C PRO B 25 48.97 22.66 24.14
N ILE B 26 48.90 22.40 25.45
CA ILE B 26 49.59 21.25 26.01
C ILE B 26 49.06 19.95 25.41
N GLN B 27 47.75 19.90 25.14
CA GLN B 27 47.18 18.70 24.54
C GLN B 27 47.79 18.40 23.18
N TYR B 28 48.26 19.41 22.45
CA TYR B 28 48.91 19.16 21.18
C TYR B 28 50.15 18.29 21.36
N GLU B 29 51.03 18.68 22.28
CA GLU B 29 52.25 17.91 22.51
C GLU B 29 51.95 16.59 23.20
N LEU B 30 50.90 16.54 24.03
CA LEU B 30 50.50 15.26 24.61
C LEU B 30 50.09 14.26 23.53
N ALA B 31 49.28 14.71 22.57
CA ALA B 31 48.88 13.84 21.47
C ALA B 31 50.08 13.46 20.61
N ASN B 32 50.97 14.42 20.33
CA ASN B 32 52.16 14.10 19.57
C ASN B 32 53.01 13.05 20.29
N ASN B 33 53.07 13.13 21.62
CA ASN B 33 53.85 12.16 22.39
C ASN B 33 53.23 10.77 22.35
N ILE B 34 51.92 10.68 22.59
CA ILE B 34 51.30 9.35 22.71
C ILE B 34 50.97 8.72 21.37
N MET B 35 50.91 9.49 20.29
CA MET B 35 50.63 8.96 18.97
C MET B 35 51.90 8.68 18.17
N GLU B 36 53.08 8.86 18.78
CA GLU B 36 54.33 8.75 18.03
C GLU B 36 54.47 7.38 17.38
N ASN B 37 54.55 6.33 18.18
CA ASN B 37 54.78 4.98 17.67
C ASN B 37 53.50 4.15 17.61
N TYR B 38 52.35 4.76 17.86
CA TYR B 38 51.09 4.01 17.84
C TYR B 38 50.77 3.52 16.44
N GLN B 39 50.19 2.32 16.38
CA GLN B 39 49.74 1.72 15.12
C GLN B 39 48.32 1.22 15.35
N LYS B 40 47.34 1.98 14.85
CA LYS B 40 45.94 1.68 15.14
C LYS B 40 45.44 0.43 14.44
N GLY B 41 46.18 -0.12 13.49
CA GLY B 41 45.74 -1.32 12.80
C GLY B 41 46.00 -2.61 13.53
N LEU B 42 46.72 -2.56 14.65
CA LEU B 42 47.09 -3.75 15.41
C LEU B 42 46.48 -3.69 16.79
N ILE B 43 46.17 -4.86 17.35
CA ILE B 43 45.56 -4.90 18.69
C ILE B 43 46.55 -4.32 19.71
N PRO B 44 46.13 -3.37 20.55
CA PRO B 44 47.06 -2.67 21.45
C PRO B 44 47.22 -3.34 22.81
N LYS B 45 47.77 -4.54 22.83
CA LYS B 45 48.02 -5.24 24.08
C LYS B 45 49.47 -5.68 24.14
N VAL B 46 50.08 -5.50 25.31
CA VAL B 46 51.49 -5.79 25.50
C VAL B 46 51.74 -6.88 26.52
N ARG B 47 50.77 -7.17 27.39
CA ARG B 47 50.98 -8.11 28.48
C ARG B 47 51.06 -9.54 27.95
N LYS B 48 51.29 -10.48 28.86
CA LYS B 48 51.72 -11.83 28.50
C LYS B 48 50.71 -12.57 27.63
N GLY B 49 49.54 -12.88 28.18
CA GLY B 49 48.58 -13.68 27.45
C GLY B 49 47.13 -13.35 27.74
N SER B 50 46.91 -12.29 28.50
CA SER B 50 45.55 -11.90 28.84
C SER B 50 44.90 -11.18 27.66
N PRO B 51 43.58 -11.29 27.53
CA PRO B 51 42.88 -10.55 26.48
C PRO B 51 42.63 -9.11 26.89
N ILE B 52 41.99 -8.37 25.99
CA ILE B 52 41.55 -7.01 26.29
C ILE B 52 40.10 -7.06 26.75
N ASN B 53 39.86 -6.64 27.97
CA ASN B 53 38.51 -6.67 28.54
C ASN B 53 37.73 -5.45 28.09
N VAL B 54 36.60 -5.69 27.43
CA VAL B 54 35.71 -4.62 26.97
C VAL B 54 34.42 -4.72 27.76
N THR B 55 34.02 -3.62 28.37
CA THR B 55 32.77 -3.54 29.13
C THR B 55 31.75 -2.76 28.31
N LEU B 56 30.58 -3.35 28.09
CA LEU B 56 29.52 -2.72 27.31
C LEU B 56 28.35 -2.37 28.21
N SER B 57 27.79 -1.19 28.02
CA SER B 57 26.65 -0.71 28.77
C SER B 57 25.60 -0.19 27.79
N LEU B 58 24.34 -0.58 28.02
CA LEU B 58 23.25 -0.26 27.12
C LEU B 58 22.16 0.50 27.87
N GLN B 59 21.66 1.57 27.26
CA GLN B 59 20.50 2.31 27.76
C GLN B 59 19.44 2.33 26.67
N LEU B 60 18.23 1.94 27.02
CA LEU B 60 17.11 1.99 26.08
C LEU B 60 16.45 3.36 26.20
N TYR B 61 16.41 4.08 25.08
CA TYR B 61 15.76 5.39 25.04
C TYR B 61 14.39 5.38 24.41
N GLN B 62 14.15 4.49 23.45
CA GLN B 62 12.87 4.48 22.75
C GLN B 62 12.72 3.17 21.99
N ILE B 63 11.50 2.65 21.97
CA ILE B 63 11.13 1.54 21.08
C ILE B 63 10.43 2.18 19.90
N ILE B 64 11.17 2.36 18.81
CA ILE B 64 10.63 3.06 17.65
C ILE B 64 9.49 2.29 17.01
N GLN B 65 9.66 0.98 16.84
CA GLN B 65 8.71 0.20 16.08
C GLN B 65 8.77 -1.27 16.49
N VAL B 66 7.64 -1.95 16.34
CA VAL B 66 7.55 -3.40 16.49
C VAL B 66 6.80 -3.90 15.26
N ASN B 67 7.53 -4.34 14.25
CA ASN B 67 6.94 -4.77 12.98
C ASN B 67 6.54 -6.23 13.08
N GLU B 68 5.27 -6.47 13.40
CA GLU B 68 4.78 -7.84 13.54
C GLU B 68 4.83 -8.61 12.23
N PRO B 69 4.27 -8.11 11.12
CA PRO B 69 4.32 -8.88 9.87
C PRO B 69 5.73 -9.20 9.41
N GLN B 70 6.68 -8.28 9.59
CA GLN B 70 8.06 -8.52 9.20
C GLN B 70 8.92 -9.05 10.35
N GLN B 71 8.42 -8.98 11.58
CA GLN B 71 9.05 -9.64 12.72
C GLN B 71 10.45 -9.09 13.00
N TYR B 72 10.53 -7.78 13.21
CA TYR B 72 11.77 -7.16 13.66
C TYR B 72 11.45 -6.05 14.64
N LEU B 73 12.43 -5.72 15.46
CA LEU B 73 12.31 -4.67 16.47
C LEU B 73 13.26 -3.53 16.14
N LEU B 74 12.77 -2.30 16.23
CA LEU B 74 13.55 -1.10 15.97
C LEU B 74 13.75 -0.38 17.31
N LEU B 75 15.01 -0.28 17.74
CA LEU B 75 15.33 0.26 19.06
C LEU B 75 16.28 1.44 18.93
N ASN B 76 16.10 2.42 19.82
CA ASN B 76 17.00 3.57 19.96
C ASN B 76 17.68 3.44 21.32
N ALA B 77 18.98 3.17 21.30
CA ALA B 77 19.74 2.92 22.53
C ALA B 77 20.96 3.83 22.58
N TRP B 78 21.49 3.98 23.80
CA TRP B 78 22.73 4.69 24.05
C TRP B 78 23.77 3.67 24.51
N ALA B 79 24.88 3.57 23.78
CA ALA B 79 25.89 2.57 24.05
C ALA B 79 27.15 3.22 24.61
N VAL B 80 27.78 2.53 25.56
CA VAL B 80 29.05 2.96 26.15
C VAL B 80 29.99 1.76 26.17
N GLU B 81 31.19 1.93 25.62
CA GLU B 81 32.22 0.90 25.61
C GLU B 81 33.45 1.42 26.32
N ARG B 82 34.05 0.58 27.17
CA ARG B 82 35.21 0.94 27.97
C ARG B 82 36.24 -0.18 27.92
N TRP B 83 37.49 0.20 27.66
CA TRP B 83 38.60 -0.76 27.68
C TRP B 83 39.89 0.03 27.91
N VAL B 84 40.95 -0.71 28.24
CA VAL B 84 42.25 -0.11 28.51
C VAL B 84 43.15 -0.34 27.31
N ASP B 85 43.71 0.75 26.77
CA ASP B 85 44.69 0.68 25.70
C ASP B 85 46.09 0.72 26.32
N GLN B 86 46.82 -0.38 26.19
CA GLN B 86 48.10 -0.52 26.89
C GLN B 86 49.22 0.26 26.24
N MET B 87 48.96 1.00 25.17
CA MET B 87 49.98 1.73 24.44
C MET B 87 49.82 3.25 24.52
N LEU B 88 48.81 3.75 25.22
CA LEU B 88 48.48 5.17 25.20
C LEU B 88 48.59 5.83 26.57
N GLY B 89 49.44 5.28 27.45
CA GLY B 89 49.62 5.87 28.76
C GLY B 89 50.66 6.98 28.75
N TRP B 90 50.48 7.93 29.66
CA TRP B 90 51.40 9.04 29.80
C TRP B 90 51.45 9.47 31.26
N ASP B 91 52.52 10.20 31.61
CA ASP B 91 52.68 10.71 32.96
C ASP B 91 52.13 12.13 33.04
N PRO B 92 51.14 12.40 33.89
CA PRO B 92 50.55 13.74 33.93
C PRO B 92 51.53 14.84 34.30
N SER B 93 52.54 14.54 35.11
CA SER B 93 53.46 15.57 35.57
C SER B 93 54.19 16.23 34.40
N GLU B 94 54.37 15.52 33.29
CA GLU B 94 55.07 16.07 32.14
C GLU B 94 54.22 16.96 31.27
N PHE B 95 52.90 16.97 31.47
CA PHE B 95 51.98 17.66 30.57
C PHE B 95 50.98 18.50 31.36
N ASP B 96 51.49 19.29 32.30
CA ASP B 96 50.68 20.27 33.03
C ASP B 96 49.56 19.59 33.81
N ASN B 97 49.83 18.41 34.35
CA ASN B 97 48.87 17.65 35.14
C ASN B 97 47.63 17.28 34.33
N GLU B 98 47.82 17.08 33.03
CA GLU B 98 46.71 16.67 32.18
C GLU B 98 46.43 15.18 32.35
N THR B 99 45.15 14.85 32.54
CA THR B 99 44.74 13.47 32.78
C THR B 99 43.78 12.94 31.73
N GLU B 100 43.03 13.79 31.04
CA GLU B 100 42.11 13.38 29.99
C GLU B 100 42.49 14.05 28.68
N ILE B 101 42.07 13.43 27.59
CA ILE B 101 42.23 14.01 26.25
C ILE B 101 41.16 13.43 25.35
N MET B 102 40.62 14.25 24.46
CA MET B 102 39.59 13.85 23.52
C MET B 102 40.21 13.68 22.14
N ALA B 103 39.94 12.55 21.51
CA ALA B 103 40.50 12.23 20.20
C ALA B 103 39.42 11.62 19.31
N ARG B 104 39.63 11.72 18.01
CA ARG B 104 38.71 11.10 17.06
C ARG B 104 38.79 9.59 17.14
N HIS B 105 37.65 8.94 16.93
CA HIS B 105 37.57 7.48 17.02
C HIS B 105 38.38 6.79 15.94
N ASP B 106 38.68 7.46 14.83
CA ASP B 106 39.41 6.86 13.73
C ASP B 106 40.93 6.92 13.91
N ASP B 107 41.41 7.53 14.99
CA ASP B 107 42.84 7.65 15.23
C ASP B 107 43.38 6.52 16.08
N ILE B 108 42.51 5.73 16.72
CA ILE B 108 42.94 4.68 17.63
C ILE B 108 42.29 3.36 17.22
N TRP B 109 42.73 2.28 17.84
CA TRP B 109 42.17 0.96 17.60
C TRP B 109 40.85 0.81 18.34
N LEU B 110 39.84 0.28 17.65
CA LEU B 110 38.53 0.07 18.23
C LEU B 110 38.13 -1.39 18.11
N PRO B 111 37.54 -1.97 19.15
CA PRO B 111 37.05 -3.35 19.05
C PRO B 111 35.88 -3.44 18.09
N ASP B 112 35.73 -4.61 17.47
CA ASP B 112 34.68 -4.82 16.46
C ASP B 112 33.45 -5.45 17.12
N THR B 113 32.83 -4.68 18.01
CA THR B 113 31.61 -5.12 18.65
C THR B 113 30.49 -5.21 17.62
N THR B 114 29.82 -6.36 17.57
CA THR B 114 28.84 -6.65 16.54
C THR B 114 27.54 -7.12 17.18
N LEU B 115 26.43 -6.79 16.52
CA LEU B 115 25.13 -7.33 16.86
C LEU B 115 24.87 -8.53 15.97
N TYR B 116 24.90 -9.73 16.55
CA TYR B 116 24.88 -10.95 15.75
C TYR B 116 23.59 -11.09 14.96
N ASN B 117 22.46 -10.73 15.56
CA ASN B 117 21.16 -10.86 14.90
C ASN B 117 20.67 -9.55 14.28
N SER B 118 21.58 -8.72 13.79
CA SER B 118 21.21 -7.47 13.15
C SER B 118 20.70 -7.71 11.74
N LEU B 119 19.70 -6.92 11.33
CA LEU B 119 19.16 -6.96 9.99
C LEU B 119 19.72 -5.85 9.10
N GLU B 120 20.72 -5.11 9.59
CA GLU B 120 21.31 -4.01 8.85
C GLU B 120 22.82 -4.23 8.82
N MET B 121 23.38 -4.36 7.61
CA MET B 121 24.81 -4.59 7.45
C MET B 121 25.62 -3.30 7.49
N ASP B 122 25.02 -2.17 7.10
CA ASP B 122 25.73 -0.91 6.99
C ASP B 122 25.75 -0.22 8.35
N ASP B 123 26.93 -0.08 8.94
CA ASP B 123 27.05 0.56 10.25
C ASP B 123 26.85 2.06 10.18
N SER B 124 26.93 2.66 8.99
CA SER B 124 26.69 4.09 8.87
C SER B 124 25.24 4.44 9.16
N ALA B 125 24.31 3.52 8.90
CA ALA B 125 22.89 3.76 9.11
C ALA B 125 22.41 3.36 10.50
N SER B 126 23.29 2.82 11.33
CA SER B 126 22.90 2.37 12.66
C SER B 126 23.73 2.96 13.79
N LYS B 127 24.82 3.66 13.51
CA LYS B 127 25.72 4.12 14.54
C LYS B 127 26.25 5.51 14.18
N LYS B 128 26.74 6.20 15.19
CA LYS B 128 27.32 7.54 15.01
C LYS B 128 28.51 7.65 15.97
N LEU B 129 29.69 7.34 15.46
CA LEU B 129 30.93 7.41 16.24
C LEU B 129 31.71 8.64 15.82
N THR B 130 32.04 9.50 16.79
CA THR B 130 32.79 10.72 16.51
C THR B 130 34.12 10.79 17.25
N HIS B 131 34.11 10.63 18.57
CA HIS B 131 35.29 10.88 19.38
C HIS B 131 35.41 9.83 20.47
N VAL B 132 36.61 9.75 21.07
CA VAL B 132 36.86 8.89 22.21
C VAL B 132 37.52 9.73 23.30
N LYS B 133 37.39 9.26 24.54
CA LYS B 133 37.98 9.91 25.70
C LYS B 133 39.10 9.04 26.24
N LEU B 134 40.27 9.63 26.46
CA LEU B 134 41.45 8.93 26.94
C LEU B 134 41.80 9.43 28.33
N THR B 135 41.88 8.51 29.30
CA THR B 135 42.27 8.83 30.67
C THR B 135 43.48 8.00 31.02
N THR B 136 44.60 8.66 31.30
CA THR B 136 45.85 7.95 31.55
C THR B 136 45.79 7.18 32.87
N LEU B 137 46.42 6.01 32.87
CA LEU B 137 46.58 5.19 34.07
C LEU B 137 48.02 5.19 34.57
N GLY B 138 48.91 5.90 33.90
CA GLY B 138 50.34 5.87 34.16
C GLY B 138 51.10 5.77 32.86
N LYS B 139 52.40 6.03 32.94
CA LYS B 139 53.21 6.10 31.72
C LYS B 139 53.25 4.76 31.01
N ASN B 140 53.41 3.66 31.75
CA ASN B 140 53.43 2.33 31.16
C ASN B 140 52.22 1.48 31.53
N GLN B 141 51.20 2.07 32.16
CA GLN B 141 50.00 1.34 32.53
C GLN B 141 48.89 1.41 31.49
N GLY B 142 49.05 2.23 30.46
CA GLY B 142 48.02 2.39 29.47
C GLY B 142 47.02 3.50 29.83
N ALA B 143 45.99 3.60 29.00
CA ALA B 143 44.93 4.57 29.20
C ALA B 143 43.57 3.90 29.04
N MET B 144 42.60 4.36 29.84
CA MET B 144 41.24 3.88 29.74
C MET B 144 40.52 4.66 28.65
N VAL B 145 39.88 3.94 27.73
CA VAL B 145 39.20 4.53 26.59
C VAL B 145 37.69 4.44 26.81
N GLU B 146 37.00 5.57 26.64
CA GLU B 146 35.55 5.64 26.76
C GLU B 146 34.97 5.96 25.38
N LEU B 147 34.05 5.12 24.92
CA LEU B 147 33.39 5.30 23.63
C LEU B 147 31.89 5.42 23.86
N LEU B 148 31.32 6.55 23.42
CA LEU B 148 29.90 6.83 23.56
C LEU B 148 29.31 7.07 22.17
N TYR B 149 28.15 6.49 21.91
CA TYR B 149 27.51 6.74 20.62
C TYR B 149 26.04 6.35 20.64
N PRO B 150 25.19 7.05 19.88
CA PRO B 150 23.81 6.63 19.73
C PRO B 150 23.66 5.56 18.66
N THR B 151 22.65 4.71 18.82
CA THR B 151 22.43 3.60 17.91
C THR B 151 20.94 3.46 17.60
N ILE B 152 20.66 2.85 16.47
CA ILE B 152 19.32 2.40 16.11
C ILE B 152 19.44 0.96 15.66
N TYR B 153 19.04 0.03 16.52
CA TYR B 153 19.21 -1.40 16.26
C TYR B 153 17.95 -1.96 15.61
N LYS B 154 18.15 -2.69 14.51
CA LYS B 154 17.08 -3.40 13.82
C LYS B 154 17.39 -4.89 13.98
N ILE B 155 16.71 -5.52 14.94
CA ILE B 155 16.99 -6.90 15.31
C ILE B 155 15.80 -7.77 14.95
N SER B 156 16.07 -8.93 14.37
CA SER B 156 15.03 -9.90 14.05
C SER B 156 14.49 -10.50 15.33
N CYS B 157 13.16 -10.56 15.45
CA CYS B 157 12.51 -11.10 16.63
C CYS B 157 11.45 -12.11 16.20
N LEU B 158 11.48 -13.29 16.81
CA LEU B 158 10.48 -14.33 16.56
C LEU B 158 9.30 -14.11 17.49
N LEU B 159 8.20 -13.63 16.94
CA LEU B 159 7.02 -13.29 17.73
C LEU B 159 6.09 -14.48 17.86
N ASN B 160 5.63 -14.73 19.08
CA ASN B 160 4.66 -15.79 19.37
C ASN B 160 3.32 -15.13 19.63
N LEU B 161 2.44 -15.16 18.64
CA LEU B 161 1.14 -14.51 18.71
C LEU B 161 0.03 -15.46 19.12
N LYS B 162 0.35 -16.44 19.97
CA LYS B 162 -0.66 -17.39 20.41
C LYS B 162 -1.76 -16.71 21.22
N TYR B 163 -1.41 -15.71 22.03
CA TYR B 163 -2.35 -15.02 22.88
C TYR B 163 -2.71 -13.63 22.35
N PHE B 164 -2.44 -13.37 21.08
CA PHE B 164 -2.76 -12.07 20.51
C PHE B 164 -4.25 -11.79 20.67
N PRO B 165 -4.64 -10.57 21.10
CA PRO B 165 -3.79 -9.41 21.40
C PRO B 165 -3.41 -9.26 22.88
N PHE B 166 -3.27 -10.35 23.62
CA PHE B 166 -2.84 -10.30 25.01
C PHE B 166 -1.45 -10.90 25.19
N ASP B 167 -0.63 -10.79 24.15
CA ASP B 167 0.64 -11.50 24.09
C ASP B 167 1.76 -10.73 24.76
N THR B 168 2.76 -11.47 25.25
CA THR B 168 4.00 -10.91 25.76
C THR B 168 5.14 -11.44 24.90
N GLN B 169 6.05 -10.55 24.50
CA GLN B 169 7.15 -10.89 23.62
C GLN B 169 8.48 -10.67 24.32
N THR B 170 9.46 -11.50 24.00
CA THR B 170 10.82 -11.37 24.51
C THR B 170 11.77 -11.20 23.33
N CYS B 171 12.58 -10.16 23.37
CA CYS B 171 13.52 -9.83 22.31
C CYS B 171 14.94 -9.97 22.84
N ARG B 172 15.78 -10.71 22.12
CA ARG B 172 17.16 -10.95 22.53
C ARG B 172 18.12 -10.26 21.57
N MET B 173 19.09 -9.54 22.12
CA MET B 173 20.19 -8.96 21.36
C MET B 173 21.48 -9.63 21.79
N THR B 174 22.21 -10.18 20.82
CA THR B 174 23.48 -10.84 21.07
C THR B 174 24.62 -9.94 20.61
N PHE B 175 25.58 -9.71 21.49
CA PHE B 175 26.73 -8.86 21.21
C PHE B 175 28.01 -9.65 21.37
N GLY B 176 29.00 -9.32 20.54
CA GLY B 176 30.28 -9.98 20.61
C GLY B 176 31.17 -9.49 19.50
N SER B 177 32.35 -10.12 19.41
CA SER B 177 33.32 -9.83 18.37
C SER B 177 33.18 -10.88 17.27
N TRP B 178 33.26 -10.43 16.01
CA TRP B 178 33.14 -11.36 14.90
C TRP B 178 34.46 -12.03 14.57
N SER B 179 35.58 -11.35 14.74
CA SER B 179 36.87 -11.88 14.31
C SER B 179 37.83 -12.22 15.45
N PHE B 180 37.55 -11.79 16.67
CA PHE B 180 38.45 -12.00 17.80
C PHE B 180 37.80 -12.97 18.79
N ASP B 181 38.59 -13.93 19.27
CA ASP B 181 38.11 -14.93 20.21
C ASP B 181 38.47 -14.52 21.64
N ASN B 182 38.18 -15.39 22.60
CA ASN B 182 38.39 -15.05 24.01
C ASN B 182 39.82 -14.66 24.32
N SER B 183 40.79 -15.30 23.65
CA SER B 183 42.19 -15.03 23.96
C SER B 183 42.61 -13.62 23.57
N LEU B 184 41.79 -12.92 22.79
CA LEU B 184 42.08 -11.56 22.35
C LEU B 184 41.14 -10.53 22.98
N ILE B 185 39.83 -10.70 22.84
CA ILE B 185 38.86 -9.74 23.35
C ILE B 185 37.86 -10.49 24.22
N ASP B 186 37.66 -10.01 25.44
CA ASP B 186 36.68 -10.57 26.37
C ASP B 186 35.65 -9.49 26.70
N TYR B 187 34.38 -9.88 26.74
CA TYR B 187 33.28 -8.93 26.90
C TYR B 187 32.61 -9.14 28.25
N PHE B 188 32.33 -8.03 28.93
CA PHE B 188 31.63 -8.03 30.21
C PHE B 188 30.52 -6.98 30.19
N PRO B 189 29.42 -7.24 30.89
CA PRO B 189 28.33 -6.26 30.96
C PRO B 189 28.47 -5.29 32.12
N ARG B 190 27.91 -4.11 31.93
CA ARG B 190 27.84 -3.08 32.96
C ARG B 190 26.36 -2.72 33.15
N THR B 191 25.84 -2.98 34.35
CA THR B 191 24.42 -2.84 34.61
C THR B 191 24.13 -1.54 35.36
N PHE B 192 22.86 -1.13 35.32
CA PHE B 192 22.40 0.11 35.92
C PHE B 192 21.68 -0.19 37.23
N THR B 193 21.15 0.86 37.86
CA THR B 193 20.45 0.70 39.13
C THR B 193 19.18 -0.12 38.97
N ASN B 194 18.40 0.12 37.92
CA ASN B 194 17.14 -0.57 37.73
C ASN B 194 17.29 -1.95 37.11
N GLY B 195 18.45 -2.27 36.53
CA GLY B 195 18.65 -3.57 35.92
C GLY B 195 19.74 -3.56 34.86
N PRO B 196 19.84 -4.66 34.12
CA PRO B 196 20.90 -4.75 33.10
C PRO B 196 20.84 -3.67 32.05
N ILE B 197 19.65 -3.26 31.64
CA ILE B 197 19.46 -2.21 30.63
C ILE B 197 18.85 -1.01 31.32
N GLY B 198 19.48 0.15 31.15
CA GLY B 198 19.00 1.36 31.79
C GLY B 198 17.68 1.83 31.19
N LEU B 199 16.83 2.38 32.06
CA LEU B 199 15.54 2.93 31.65
C LEU B 199 15.26 4.27 32.30
N ALA B 200 16.31 5.00 32.71
CA ALA B 200 16.11 6.29 33.36
C ALA B 200 15.63 7.34 32.37
N ASN B 201 16.08 7.24 31.12
CA ASN B 201 15.73 8.20 30.07
C ASN B 201 14.75 7.61 29.06
N PHE B 202 14.15 6.46 29.37
CA PHE B 202 13.28 5.78 28.43
C PHE B 202 11.95 6.51 28.28
N LEU B 203 11.46 6.58 27.03
CA LEU B 203 10.17 7.18 26.74
C LEU B 203 9.13 6.07 26.59
N GLU B 204 8.07 6.13 27.38
CA GLU B 204 7.06 5.08 27.36
C GLU B 204 6.44 4.94 25.97
N ASN B 205 6.20 3.69 25.57
CA ASN B 205 5.57 3.39 24.30
C ASN B 205 4.06 3.32 24.48
N ASP B 206 3.31 3.72 23.44
CA ASP B 206 1.86 3.75 23.52
C ASP B 206 1.22 2.40 23.30
N ALA B 207 1.96 1.41 22.79
CA ALA B 207 1.40 0.10 22.51
C ALA B 207 2.03 -1.03 23.31
N TRP B 208 3.19 -0.81 23.91
CA TRP B 208 3.93 -1.88 24.59
C TRP B 208 4.42 -1.38 25.94
N SER B 209 4.55 -2.32 26.88
CA SER B 209 5.10 -2.06 28.20
C SER B 209 6.36 -2.90 28.38
N VAL B 210 7.37 -2.32 29.00
CA VAL B 210 8.62 -3.04 29.28
C VAL B 210 8.49 -3.68 30.65
N LEU B 211 8.33 -5.01 30.69
CA LEU B 211 8.17 -5.71 31.95
C LEU B 211 9.49 -5.84 32.70
N GLY B 212 10.59 -6.05 31.99
CA GLY B 212 11.88 -6.18 32.62
C GLY B 212 12.95 -6.43 31.58
N THR B 213 14.18 -6.54 32.07
CA THR B 213 15.35 -6.77 31.23
C THR B 213 16.25 -7.81 31.88
N LYS B 214 17.04 -8.50 31.06
CA LYS B 214 17.96 -9.52 31.51
C LYS B 214 19.26 -9.43 30.72
N VAL B 215 20.34 -9.93 31.32
CA VAL B 215 21.64 -10.00 30.67
C VAL B 215 22.31 -11.31 31.05
N ASN B 216 22.92 -11.98 30.08
CA ASN B 216 23.62 -13.23 30.31
C ASN B 216 24.95 -13.19 29.57
N ARG B 217 26.01 -13.66 30.23
CA ARG B 217 27.34 -13.77 29.64
C ARG B 217 27.64 -15.25 29.44
N GLU B 218 27.86 -15.67 28.20
CA GLU B 218 28.06 -17.07 27.87
C GLU B 218 29.21 -17.22 26.90
N GLU B 219 30.04 -18.23 27.13
CA GLU B 219 31.17 -18.56 26.27
C GLU B 219 30.79 -19.70 25.33
N LYS B 220 31.05 -19.51 24.04
CA LYS B 220 30.61 -20.45 23.04
C LYS B 220 31.76 -20.89 22.15
N LYS B 221 31.73 -22.15 21.73
CA LYS B 221 32.66 -22.66 20.73
C LYS B 221 31.99 -22.71 19.36
N TYR B 222 32.79 -22.44 18.33
CA TYR B 222 32.34 -22.48 16.95
C TYR B 222 33.31 -23.34 16.17
N THR B 223 32.77 -24.02 15.14
CA THR B 223 33.60 -24.91 14.34
C THR B 223 34.67 -24.18 13.55
N CYS B 224 34.52 -22.87 13.33
CA CYS B 224 35.49 -22.13 12.54
C CYS B 224 36.75 -21.78 13.32
N CYS B 225 36.68 -21.75 14.65
CA CYS B 225 37.82 -21.35 15.46
C CYS B 225 38.08 -22.34 16.57
N PRO B 226 39.35 -22.60 16.89
CA PRO B 226 39.67 -23.51 18.01
C PRO B 226 39.41 -22.93 19.38
N VAL B 227 39.28 -21.61 19.50
CA VAL B 227 39.09 -20.95 20.79
C VAL B 227 37.64 -20.50 20.91
N ASN B 228 37.22 -20.26 22.15
CA ASN B 228 35.87 -19.83 22.42
C ASN B 228 35.65 -18.37 22.04
N TYR B 229 34.38 -17.98 22.02
CA TYR B 229 33.96 -16.60 21.90
C TYR B 229 33.15 -16.22 23.15
N THR B 230 33.18 -14.96 23.51
CA THR B 230 32.36 -14.46 24.62
C THR B 230 31.21 -13.64 24.05
N LEU B 231 29.99 -14.02 24.41
CA LEU B 231 28.78 -13.37 23.90
C LEU B 231 27.99 -12.78 25.05
N LEU B 232 27.36 -11.63 24.79
CA LEU B 232 26.49 -10.97 25.75
C LEU B 232 25.07 -11.03 25.21
N HIS B 233 24.15 -11.57 26.01
CA HIS B 233 22.75 -11.69 25.64
C HIS B 233 21.92 -10.72 26.46
N TYR B 234 21.22 -9.81 25.78
CA TYR B 234 20.33 -8.85 26.42
C TYR B 234 18.90 -9.20 26.04
N ASP B 235 18.05 -9.39 27.05
CA ASP B 235 16.65 -9.74 26.84
C ASP B 235 15.76 -8.59 27.31
N VAL B 236 14.78 -8.23 26.49
CA VAL B 236 13.78 -7.24 26.84
C VAL B 236 12.42 -7.91 26.76
N VAL B 237 11.65 -7.84 27.83
CA VAL B 237 10.30 -8.40 27.89
C VAL B 237 9.31 -7.25 27.75
N ILE B 238 8.48 -7.32 26.72
CA ILE B 238 7.51 -6.28 26.42
C ILE B 238 6.13 -6.92 26.32
N GLN B 239 5.14 -6.27 26.95
CA GLN B 239 3.77 -6.74 26.94
C GLN B 239 2.90 -5.77 26.17
N ARG B 240 2.04 -6.31 25.30
CA ARG B 240 1.14 -5.48 24.52
C ARG B 240 0.04 -4.88 25.39
N LYS B 241 -0.38 -3.67 25.01
CA LYS B 241 -1.55 -3.05 25.64
C LYS B 241 -2.77 -3.36 24.78
N PRO B 242 -3.74 -4.12 25.28
CA PRO B 242 -4.72 -4.75 24.38
C PRO B 242 -5.89 -3.87 23.98
N LEU B 243 -6.21 -2.81 24.74
CA LEU B 243 -7.47 -2.09 24.53
C LEU B 243 -7.67 -1.69 23.08
N TYR B 244 -6.62 -1.16 22.44
CA TYR B 244 -6.74 -0.70 21.06
C TYR B 244 -7.17 -1.85 20.15
N TYR B 245 -6.47 -2.98 20.23
CA TYR B 245 -6.75 -4.10 19.34
C TYR B 245 -8.11 -4.71 19.64
N VAL B 246 -8.47 -4.82 20.92
CA VAL B 246 -9.80 -5.33 21.26
C VAL B 246 -10.86 -4.46 20.62
N LEU B 247 -10.78 -3.15 20.84
CA LEU B 247 -11.81 -2.25 20.31
C LEU B 247 -11.86 -2.29 18.79
N ASN B 248 -10.71 -2.33 18.13
CA ASN B 248 -10.68 -2.22 16.68
C ASN B 248 -10.87 -3.55 15.96
N LEU B 249 -10.83 -4.69 16.65
CA LEU B 249 -10.89 -5.97 15.98
C LEU B 249 -11.97 -6.92 16.48
N ILE B 250 -12.56 -6.69 17.65
CA ILE B 250 -13.51 -7.63 18.22
C ILE B 250 -14.91 -7.03 18.33
N ALA B 251 -15.00 -5.75 18.72
CA ALA B 251 -16.31 -5.16 18.98
C ALA B 251 -17.21 -5.14 17.75
N PRO B 252 -16.77 -4.62 16.59
CA PRO B 252 -17.68 -4.58 15.44
C PRO B 252 -18.16 -5.96 15.00
N THR B 253 -17.26 -6.94 14.98
CA THR B 253 -17.65 -8.29 14.59
C THR B 253 -18.69 -8.85 15.54
N ALA B 254 -18.49 -8.65 16.85
CA ALA B 254 -19.46 -9.13 17.83
C ALA B 254 -20.81 -8.46 17.64
N VAL B 255 -20.83 -7.14 17.42
CA VAL B 255 -22.10 -6.44 17.25
C VAL B 255 -22.83 -6.95 16.01
N ILE B 256 -22.11 -7.09 14.90
CA ILE B 256 -22.73 -7.56 13.67
C ILE B 256 -23.26 -8.98 13.86
N THR B 257 -22.48 -9.85 14.52
CA THR B 257 -22.92 -11.22 14.73
C THR B 257 -24.16 -11.29 15.59
N PHE B 258 -24.22 -10.46 16.65
CA PHE B 258 -25.40 -10.46 17.51
C PHE B 258 -26.63 -9.99 16.73
N ILE B 259 -26.49 -8.92 15.95
CA ILE B 259 -27.62 -8.42 15.17
C ILE B 259 -28.09 -9.47 14.17
N SER B 260 -27.15 -10.14 13.50
CA SER B 260 -27.54 -11.17 12.54
C SER B 260 -28.20 -12.36 13.21
N ILE B 261 -27.74 -12.74 14.40
CA ILE B 261 -28.39 -13.80 15.14
C ILE B 261 -29.82 -13.43 15.48
N ILE B 262 -30.03 -12.19 15.92
CA ILE B 262 -31.40 -11.75 16.19
C ILE B 262 -32.25 -11.83 14.92
N GLY B 263 -31.68 -11.40 13.79
CA GLY B 263 -32.43 -11.41 12.54
C GLY B 263 -32.77 -12.81 12.05
N PHE B 264 -31.90 -13.78 12.33
CA PHE B 264 -32.12 -15.14 11.82
C PHE B 264 -33.42 -15.73 12.33
N PHE B 265 -33.71 -15.58 13.62
CA PHE B 265 -34.76 -16.33 14.28
C PHE B 265 -35.90 -15.43 14.75
N THR B 266 -36.27 -14.46 13.93
CA THR B 266 -37.40 -13.59 14.22
C THR B 266 -38.34 -13.58 13.02
N SER B 267 -39.64 -13.58 13.29
CA SER B 267 -40.65 -13.52 12.25
C SER B 267 -41.77 -12.59 12.70
N SER B 268 -42.45 -12.00 11.73
CA SER B 268 -43.53 -11.06 12.04
C SER B 268 -44.86 -11.76 12.28
N SER B 269 -44.96 -13.05 11.99
CA SER B 269 -46.20 -13.78 12.19
C SER B 269 -45.90 -15.26 12.37
N VAL B 270 -46.88 -15.99 12.90
CA VAL B 270 -46.74 -17.41 13.15
C VAL B 270 -47.30 -18.28 12.03
N HIS B 271 -48.40 -17.87 11.41
CA HIS B 271 -49.11 -18.68 10.42
C HIS B 271 -48.90 -18.19 8.99
N ASP B 272 -47.71 -17.68 8.67
CA ASP B 272 -47.38 -17.27 7.31
C ASP B 272 -46.03 -17.85 6.92
N LEU B 273 -45.87 -18.09 5.63
CA LEU B 273 -44.62 -18.65 5.12
C LEU B 273 -43.47 -17.70 5.40
N ARG B 274 -42.31 -18.27 5.73
CA ARG B 274 -41.15 -17.47 6.07
C ARG B 274 -40.29 -17.21 4.83
N GLN B 275 -39.54 -16.11 4.88
CA GLN B 275 -38.59 -15.77 3.82
C GLN B 275 -37.25 -16.42 4.14
N GLU B 276 -36.54 -16.84 3.10
CA GLU B 276 -35.24 -17.48 3.29
C GLU B 276 -34.23 -16.47 3.82
N LYS B 277 -33.37 -16.94 4.73
CA LYS B 277 -32.34 -16.11 5.33
C LYS B 277 -30.97 -16.33 4.71
N ILE B 278 -30.90 -16.98 3.54
CA ILE B 278 -29.62 -17.23 2.91
C ILE B 278 -28.95 -15.92 2.52
N THR B 279 -29.73 -14.97 1.97
CA THR B 279 -29.15 -13.69 1.57
C THR B 279 -28.57 -12.95 2.77
N LEU B 280 -29.27 -12.98 3.90
CA LEU B 280 -28.75 -12.35 5.11
C LEU B 280 -27.46 -13.02 5.57
N GLY B 281 -27.41 -14.35 5.53
CA GLY B 281 -26.21 -15.06 5.95
C GLY B 281 -25.03 -14.81 5.03
N ILE B 282 -25.28 -14.78 3.71
CA ILE B 282 -24.19 -14.60 2.76
C ILE B 282 -23.56 -13.22 2.93
N THR B 283 -24.39 -12.18 3.07
CA THR B 283 -23.84 -10.83 3.21
C THR B 283 -23.01 -10.70 4.49
N THR B 284 -23.50 -11.26 5.59
CA THR B 284 -22.72 -11.25 6.83
C THR B 284 -21.44 -12.05 6.69
N LEU B 285 -21.50 -13.20 6.04
CA LEU B 285 -20.31 -14.03 5.88
C LEU B 285 -19.25 -13.33 5.05
N LEU B 286 -19.67 -12.61 4.01
CA LEU B 286 -18.70 -11.98 3.10
C LEU B 286 -18.03 -10.79 3.74
N SER B 287 -18.72 -10.07 4.63
CA SER B 287 -18.10 -8.95 5.32
C SER B 287 -17.02 -9.44 6.29
N MET B 288 -17.29 -10.52 7.01
CA MET B 288 -16.29 -11.06 7.92
C MET B 288 -15.06 -11.56 7.19
N SER B 289 -15.23 -12.03 5.95
CA SER B 289 -14.07 -12.44 5.16
C SER B 289 -13.17 -11.25 4.85
N ILE B 290 -13.76 -10.09 4.57
CA ILE B 290 -12.96 -8.89 4.34
C ILE B 290 -12.22 -8.49 5.60
N MET B 291 -12.90 -8.54 6.75
CA MET B 291 -12.24 -8.20 8.01
C MET B 291 -11.10 -9.17 8.32
N ILE B 292 -11.26 -10.44 7.98
CA ILE B 292 -10.19 -11.41 8.21
C ILE B 292 -8.98 -11.08 7.35
N PHE B 293 -9.21 -10.74 6.08
CA PHE B 293 -8.11 -10.36 5.21
C PHE B 293 -7.42 -9.09 5.69
N MET B 294 -8.20 -8.12 6.13
CA MET B 294 -7.62 -6.87 6.61
C MET B 294 -6.79 -7.10 7.86
N VAL B 295 -7.30 -7.91 8.80
CA VAL B 295 -6.55 -8.22 10.01
C VAL B 295 -5.33 -9.06 9.69
N SER B 296 -5.47 -9.99 8.74
CA SER B 296 -4.37 -10.89 8.42
C SER B 296 -3.14 -10.16 7.91
N ASP B 297 -3.31 -8.96 7.35
CA ASP B 297 -2.18 -8.19 6.87
C ASP B 297 -1.34 -7.61 7.99
N LYS B 298 -1.79 -7.70 9.23
CA LYS B 298 -1.10 -7.15 10.39
C LYS B 298 -0.35 -8.20 11.19
N MET B 299 -0.19 -9.40 10.67
CA MET B 299 0.37 -10.52 11.42
C MET B 299 1.51 -11.18 10.66
N PRO B 300 2.35 -11.95 11.36
CA PRO B 300 3.53 -12.55 10.71
C PRO B 300 3.21 -13.50 9.57
N SER B 301 2.02 -14.10 9.53
CA SER B 301 1.71 -15.12 8.52
C SER B 301 2.43 -16.42 8.82
N THR B 302 2.53 -16.78 10.09
CA THR B 302 3.14 -18.05 10.49
C THR B 302 2.12 -19.18 10.45
N SER B 303 2.62 -20.40 10.47
CA SER B 303 1.79 -21.59 10.60
C SER B 303 2.04 -22.35 11.89
N THR B 304 2.81 -21.78 12.82
CA THR B 304 3.20 -22.51 14.02
C THR B 304 2.04 -22.63 15.01
N CYS B 305 1.28 -21.55 15.18
CA CYS B 305 0.23 -21.50 16.19
C CYS B 305 -1.04 -20.92 15.61
N VAL B 306 -2.13 -21.08 16.36
CA VAL B 306 -3.42 -20.47 16.07
C VAL B 306 -3.69 -19.43 17.17
N PRO B 307 -3.72 -18.14 16.83
CA PRO B 307 -3.85 -17.11 17.87
C PRO B 307 -5.20 -17.18 18.58
N LEU B 308 -5.29 -16.40 19.66
CA LEU B 308 -6.55 -16.29 20.39
C LEU B 308 -7.64 -15.67 19.52
N ILE B 309 -7.28 -14.64 18.74
CA ILE B 309 -8.26 -13.97 17.90
C ILE B 309 -8.74 -14.89 16.79
N ALA B 310 -7.92 -15.83 16.35
CA ALA B 310 -8.34 -16.77 15.31
C ALA B 310 -9.49 -17.63 15.80
N LEU B 311 -9.45 -18.04 17.08
CA LEU B 311 -10.55 -18.83 17.63
C LEU B 311 -11.82 -18.00 17.73
N PHE B 312 -11.69 -16.71 18.05
CA PHE B 312 -12.86 -15.85 18.13
C PHE B 312 -13.54 -15.71 16.78
N TYR B 313 -12.76 -15.53 15.71
CA TYR B 313 -13.34 -15.40 14.38
C TYR B 313 -13.95 -16.71 13.91
N THR B 314 -13.32 -17.83 14.25
CA THR B 314 -13.86 -19.13 13.84
C THR B 314 -15.22 -19.38 14.48
N LEU B 315 -15.40 -18.97 15.73
CA LEU B 315 -16.69 -19.13 16.38
C LEU B 315 -17.74 -18.23 15.75
N MET B 316 -17.39 -16.98 15.45
CA MET B 316 -18.34 -16.09 14.80
C MET B 316 -18.78 -16.62 13.45
N ILE B 317 -17.83 -17.14 12.67
CA ILE B 317 -18.16 -17.72 11.37
C ILE B 317 -19.05 -18.95 11.55
N THR B 318 -18.72 -19.81 12.52
CA THR B 318 -19.50 -21.02 12.73
C THR B 318 -20.94 -20.70 13.14
N ILE B 319 -21.11 -19.72 14.01
CA ILE B 319 -22.46 -19.37 14.47
C ILE B 319 -23.30 -18.85 13.31
N ILE B 320 -22.72 -18.00 12.47
CA ILE B 320 -23.48 -17.45 11.35
C ILE B 320 -23.78 -18.53 10.33
N SER B 321 -22.79 -19.34 9.97
CA SER B 321 -23.00 -20.37 8.96
C SER B 321 -23.95 -21.44 9.46
N VAL B 322 -23.74 -21.92 10.68
CA VAL B 322 -24.64 -22.93 11.24
C VAL B 322 -26.00 -22.34 11.54
N GLY B 323 -26.04 -21.07 11.96
CA GLY B 323 -27.30 -20.41 12.18
C GLY B 323 -28.11 -20.24 10.92
N THR B 324 -27.45 -20.09 9.78
CA THR B 324 -28.16 -20.02 8.50
C THR B 324 -28.82 -21.35 8.18
N LEU B 325 -28.16 -22.47 8.49
CA LEU B 325 -28.74 -23.78 8.24
C LEU B 325 -29.87 -24.09 9.22
N ALA B 326 -29.75 -23.61 10.46
CA ALA B 326 -30.82 -23.81 11.43
C ALA B 326 -32.07 -23.04 11.03
N ALA B 327 -31.91 -21.83 10.52
CA ALA B 327 -33.06 -21.05 10.06
C ALA B 327 -33.73 -21.69 8.86
N SER B 328 -32.95 -22.34 8.00
CA SER B 328 -33.54 -23.03 6.85
C SER B 328 -34.28 -24.29 7.27
N SER B 329 -33.87 -24.92 8.37
CA SER B 329 -34.58 -26.10 8.85
C SER B 329 -35.92 -25.74 9.47
N VAL B 330 -36.08 -24.49 9.91
CA VAL B 330 -37.39 -24.02 10.38
C VAL B 330 -38.37 -23.97 9.22
N ILE B 331 -37.92 -23.49 8.06
CA ILE B 331 -38.76 -23.48 6.87
C ILE B 331 -39.08 -24.90 6.44
N PHE B 332 -38.12 -25.82 6.61
CA PHE B 332 -38.35 -27.22 6.25
C PHE B 332 -39.46 -27.83 7.11
N VAL B 333 -39.46 -27.54 8.41
CA VAL B 333 -40.45 -28.12 9.30
C VAL B 333 -41.84 -27.58 8.99
N GLN B 334 -41.95 -26.27 8.75
CA GLN B 334 -43.24 -25.69 8.43
C GLN B 334 -43.81 -26.24 7.13
N LYS B 335 -42.95 -26.57 6.16
CA LYS B 335 -43.38 -27.09 4.88
C LYS B 335 -43.99 -28.49 4.98
N LEU B 336 -43.83 -29.17 6.12
CA LEU B 336 -44.41 -30.50 6.28
C LEU B 336 -45.93 -30.46 6.38
N GLY B 337 -46.52 -29.30 6.71
CA GLY B 337 -47.97 -29.20 6.75
C GLY B 337 -48.60 -29.34 5.38
N SER B 338 -47.97 -28.77 4.36
CA SER B 338 -48.54 -28.80 3.02
C SER B 338 -48.42 -30.19 2.39
N ILE B 339 -47.27 -30.85 2.54
CA ILE B 339 -47.04 -32.13 1.89
C ILE B 339 -47.75 -33.22 2.70
N GLY B 340 -48.92 -33.63 2.21
CA GLY B 340 -49.75 -34.55 2.94
C GLY B 340 -50.36 -33.87 4.15
N ASN B 341 -51.22 -34.59 4.83
CA ASN B 341 -51.71 -34.08 6.10
C ASN B 341 -51.45 -35.08 7.23
N PRO B 342 -50.27 -35.68 7.32
CA PRO B 342 -49.89 -36.33 8.57
C PRO B 342 -49.54 -35.29 9.62
N PRO B 343 -50.40 -35.11 10.62
CA PRO B 343 -50.08 -34.17 11.70
C PRO B 343 -48.99 -34.70 12.62
N ALA B 344 -48.45 -33.81 13.43
CA ALA B 344 -47.49 -34.21 14.44
C ALA B 344 -48.13 -35.20 15.41
N SER B 345 -47.41 -36.26 15.75
CA SER B 345 -47.97 -37.36 16.54
C SER B 345 -47.59 -37.24 18.01
N LYS B 346 -46.30 -37.25 18.32
CA LYS B 346 -45.81 -37.08 19.69
C LYS B 346 -45.14 -35.74 19.92
N THR B 347 -44.82 -35.00 18.85
CA THR B 347 -44.23 -33.68 18.98
C THR B 347 -45.19 -32.68 19.61
N MET B 348 -46.51 -32.94 19.55
CA MET B 348 -47.47 -31.94 19.98
C MET B 348 -47.49 -31.78 21.50
N LYS B 349 -47.28 -32.88 22.24
CA LYS B 349 -47.20 -32.77 23.69
C LYS B 349 -45.90 -32.12 24.14
N TRP B 350 -44.79 -32.51 23.52
CA TRP B 350 -43.50 -31.87 23.83
C TRP B 350 -43.51 -30.40 23.45
N THR B 351 -44.11 -30.07 22.29
CA THR B 351 -44.14 -28.68 21.86
C THR B 351 -44.96 -27.82 22.82
N HIS B 352 -45.99 -28.39 23.43
CA HIS B 352 -46.84 -27.62 24.32
C HIS B 352 -46.17 -27.37 25.66
N ARG B 353 -45.39 -28.33 26.15
CA ARG B 353 -44.72 -28.15 27.43
C ARG B 353 -43.57 -27.15 27.32
N ILE B 354 -42.78 -27.24 26.26
CA ILE B 354 -41.71 -26.27 26.05
C ILE B 354 -42.25 -24.88 25.74
N ALA B 355 -43.46 -24.79 25.19
CA ALA B 355 -43.99 -23.50 24.77
C ALA B 355 -44.01 -22.46 25.87
N PRO B 356 -44.40 -22.77 27.11
CA PRO B 356 -44.39 -21.71 28.15
C PRO B 356 -43.00 -21.31 28.59
N PHE B 357 -42.04 -22.24 28.66
CA PHE B 357 -40.71 -21.90 29.13
C PHE B 357 -40.04 -20.88 28.22
N VAL B 358 -40.09 -21.10 26.91
CA VAL B 358 -39.70 -20.09 25.94
C VAL B 358 -40.94 -19.24 25.68
N LEU B 359 -40.87 -17.96 26.01
CA LEU B 359 -42.08 -17.16 26.21
C LEU B 359 -42.77 -16.94 24.87
N ILE B 360 -43.55 -17.95 24.47
CA ILE B 360 -44.35 -17.90 23.25
C ILE B 360 -45.71 -18.52 23.56
N GLN B 361 -46.77 -17.92 23.03
CA GLN B 361 -48.13 -18.37 23.30
C GLN B 361 -48.86 -18.66 22.00
N MET B 362 -49.88 -19.50 22.10
CA MET B 362 -50.61 -19.95 20.92
C MET B 362 -51.44 -18.80 20.34
N PRO B 363 -51.49 -18.66 19.02
CA PRO B 363 -52.37 -17.67 18.41
C PRO B 363 -53.83 -18.03 18.58
N LEU B 364 -54.68 -17.01 18.40
CA LEU B 364 -56.12 -17.22 18.59
C LEU B 364 -56.69 -18.19 17.57
N VAL B 365 -56.26 -18.09 16.31
CA VAL B 365 -56.82 -18.94 15.27
C VAL B 365 -56.59 -20.41 15.58
N MET B 366 -55.37 -20.74 16.05
CA MET B 366 -55.08 -22.13 16.40
C MET B 366 -55.95 -22.60 17.56
N LYS B 367 -56.20 -21.72 18.53
CA LYS B 367 -57.07 -22.08 19.65
C LYS B 367 -58.50 -22.28 19.17
N GLN B 368 -58.96 -21.47 18.22
CA GLN B 368 -60.28 -21.66 17.65
C GLN B 368 -60.39 -22.97 16.89
N ALA B 369 -59.34 -23.33 16.13
CA ALA B 369 -59.35 -24.59 15.41
C ALA B 369 -59.44 -25.78 16.35
N TYR B 370 -58.70 -25.72 17.46
CA TYR B 370 -58.73 -26.82 18.43
C TYR B 370 -60.14 -27.00 19.00
N ALA B 371 -60.80 -25.91 19.35
CA ALA B 371 -62.16 -26.00 19.86
C ALA B 371 -63.12 -26.52 18.80
N LYS B 372 -62.96 -26.07 17.56
CA LYS B 372 -63.82 -26.55 16.49
C LYS B 372 -63.67 -28.06 16.30
N ARG B 373 -62.43 -28.56 16.31
CA ARG B 373 -62.21 -29.99 16.24
C ARG B 373 -62.77 -30.71 17.46
N ALA B 374 -62.89 -30.03 18.59
CA ALA B 374 -63.50 -30.63 19.77
C ALA B 374 -65.02 -30.69 19.68
N LYS B 375 -65.65 -29.88 18.83
CA LYS B 375 -67.08 -29.99 18.60
C LYS B 375 -67.45 -31.21 17.78
N GLU B 376 -66.70 -31.50 16.72
CA GLU B 376 -66.84 -32.78 16.04
C GLU B 376 -66.38 -33.94 16.92
N GLU B 377 -65.53 -33.67 17.92
CA GLU B 377 -65.11 -34.71 18.84
C GLU B 377 -66.30 -35.25 19.63
N LYS B 378 -67.20 -34.37 20.06
CA LYS B 378 -68.38 -34.76 20.83
C LYS B 378 -69.65 -34.79 20.01
N HIS B 379 -69.94 -33.70 19.29
CA HIS B 379 -71.20 -33.62 18.54
C HIS B 379 -71.26 -34.71 17.47
N ARG B 380 -70.16 -34.92 16.75
CA ARG B 380 -70.14 -35.92 15.69
C ARG B 380 -69.76 -37.31 16.20
N LYS B 381 -69.29 -37.41 17.44
CA LYS B 381 -68.96 -38.72 18.01
C LYS B 381 -70.22 -39.50 18.35
N ARG B 382 -71.19 -38.84 18.99
CA ARG B 382 -72.38 -39.52 19.46
C ARG B 382 -73.42 -39.73 18.36
N MET B 383 -73.29 -39.05 17.22
CA MET B 383 -74.18 -39.33 16.10
C MET B 383 -73.98 -40.74 15.57
N SER B 384 -72.78 -41.32 15.78
CA SER B 384 -72.53 -42.70 15.42
C SER B 384 -73.31 -43.68 16.28
N ARG B 385 -73.83 -43.25 17.43
CA ARG B 385 -74.60 -44.11 18.31
C ARG B 385 -75.86 -44.61 17.61
N ASN B 550 -56.52 -27.72 7.11
CA ASN B 550 -55.85 -26.49 7.49
C ASN B 550 -55.41 -26.55 8.94
N ILE B 551 -56.01 -27.46 9.72
CA ILE B 551 -55.56 -27.68 11.08
C ILE B 551 -54.20 -28.36 11.09
N VAL B 552 -53.95 -29.22 10.11
CA VAL B 552 -52.64 -29.85 9.98
C VAL B 552 -51.58 -28.80 9.70
N GLU B 553 -51.89 -27.82 8.87
CA GLU B 553 -50.95 -26.74 8.60
C GLU B 553 -50.72 -25.88 9.84
N LEU B 554 -51.77 -25.65 10.63
CA LEU B 554 -51.61 -24.88 11.85
C LEU B 554 -50.69 -25.59 12.85
N GLU B 555 -50.85 -26.91 12.99
CA GLU B 555 -50.04 -27.64 13.96
C GLU B 555 -48.56 -27.62 13.59
N TRP B 556 -48.25 -27.75 12.30
CA TRP B 556 -46.85 -27.69 11.89
C TRP B 556 -46.31 -26.27 11.95
N ASP B 557 -47.18 -25.26 11.80
CA ASP B 557 -46.75 -23.89 12.03
C ASP B 557 -46.38 -23.68 13.49
N TRP B 558 -47.14 -24.28 14.41
CA TRP B 558 -46.84 -24.14 15.83
C TRP B 558 -45.50 -24.78 16.18
N VAL B 559 -45.22 -25.97 15.61
CA VAL B 559 -43.97 -26.64 15.89
C VAL B 559 -42.79 -25.82 15.40
N ALA B 560 -42.91 -25.24 14.20
CA ALA B 560 -41.84 -24.41 13.66
C ALA B 560 -41.65 -23.14 14.48
N ALA B 561 -42.75 -22.56 14.97
CA ALA B 561 -42.65 -21.35 15.78
C ALA B 561 -41.94 -21.62 17.10
N VAL B 562 -42.24 -22.75 17.74
CA VAL B 562 -41.57 -23.10 18.99
C VAL B 562 -40.11 -23.45 18.74
N LEU B 563 -39.83 -24.17 17.65
CA LEU B 563 -38.47 -24.59 17.38
C LEU B 563 -37.55 -23.40 17.14
N GLU B 564 -38.02 -22.40 16.40
CA GLU B 564 -37.17 -21.25 16.12
C GLU B 564 -37.00 -20.36 17.35
N ARG B 565 -37.95 -20.41 18.28
CA ARG B 565 -37.76 -19.72 19.55
C ARG B 565 -36.69 -20.41 20.37
N VAL B 566 -36.58 -21.74 20.25
CA VAL B 566 -35.49 -22.46 20.92
C VAL B 566 -34.15 -22.12 20.28
N PHE B 567 -34.12 -21.97 18.96
CA PHE B 567 -32.89 -21.61 18.29
C PHE B 567 -32.41 -20.23 18.72
N LEU B 568 -33.33 -19.28 18.88
CA LEU B 568 -32.94 -17.93 19.29
C LEU B 568 -32.25 -17.95 20.65
N ILE B 569 -32.80 -18.71 21.60
CA ILE B 569 -32.20 -18.77 22.93
C ILE B 569 -30.87 -19.52 22.89
N PHE B 570 -30.81 -20.63 22.15
CA PHE B 570 -29.59 -21.42 22.12
C PHE B 570 -28.42 -20.65 21.51
N PHE B 571 -28.66 -19.97 20.39
CA PHE B 571 -27.58 -19.27 19.71
C PHE B 571 -27.21 -17.97 20.42
N THR B 572 -28.08 -17.44 21.28
CA THR B 572 -27.73 -16.24 22.04
C THR B 572 -26.74 -16.57 23.15
N ILE B 573 -26.94 -17.70 23.84
CA ILE B 573 -26.01 -18.09 24.90
C ILE B 573 -24.68 -18.51 24.30
N CYS B 574 -24.70 -19.22 23.18
CA CYS B 574 -23.46 -19.63 22.53
C CYS B 574 -22.62 -18.43 22.13
N PHE B 575 -23.27 -17.39 21.62
CA PHE B 575 -22.54 -16.17 21.27
C PHE B 575 -21.94 -15.51 22.51
N LEU B 576 -22.72 -15.45 23.61
CA LEU B 576 -22.23 -14.79 24.81
C LEU B 576 -21.03 -15.52 25.39
N PHE B 577 -21.09 -16.85 25.46
CA PHE B 577 -19.97 -17.63 26.00
C PHE B 577 -18.75 -17.59 25.08
N SER B 578 -18.96 -17.41 23.78
CA SER B 578 -17.83 -17.35 22.85
C SER B 578 -17.14 -15.99 22.91
N ALA B 579 -17.91 -14.91 22.77
CA ALA B 579 -17.32 -13.58 22.78
C ALA B 579 -16.73 -13.25 24.16
N ILE B 580 -17.52 -13.43 25.21
CA ILE B 580 -17.05 -13.10 26.56
C ILE B 580 -16.01 -14.11 27.03
N GLY B 581 -16.23 -15.40 26.75
CA GLY B 581 -15.33 -16.42 27.27
C GLY B 581 -13.91 -16.29 26.73
N ILE B 582 -13.78 -16.04 25.43
CA ILE B 582 -12.45 -15.91 24.83
C ILE B 582 -11.73 -14.69 25.39
N ASN B 583 -12.44 -13.56 25.48
CA ASN B 583 -11.79 -12.33 25.93
C ASN B 583 -11.47 -12.37 27.42
N LEU B 584 -12.36 -12.92 28.23
CA LEU B 584 -12.09 -13.03 29.66
C LEU B 584 -10.91 -13.95 29.92
N TYR B 585 -10.82 -15.06 29.18
CA TYR B 585 -9.66 -15.94 29.30
C TYR B 585 -8.39 -15.22 28.89
N GLY B 586 -8.44 -14.48 27.79
CA GLY B 586 -7.27 -13.73 27.35
C GLY B 586 -6.82 -12.70 28.37
N TRP B 587 -7.78 -11.97 28.95
CA TRP B 587 -7.46 -10.98 29.96
C TRP B 587 -6.86 -11.63 31.19
N TYR B 588 -7.35 -12.83 31.55
CA TYR B 588 -6.78 -13.54 32.69
C TYR B 588 -5.31 -13.89 32.45
N ILE B 589 -4.99 -14.38 31.25
CA ILE B 589 -3.60 -14.68 30.93
C ILE B 589 -2.76 -13.40 30.94
N TRP B 590 -3.30 -12.32 30.36
CA TRP B 590 -2.59 -11.05 30.34
C TRP B 590 -2.40 -10.49 31.74
N TYR B 591 -3.38 -10.70 32.63
CA TYR B 591 -3.30 -10.12 33.96
C TYR B 591 -2.27 -10.85 34.82
N THR B 592 -2.16 -12.17 34.68
CA THR B 592 -1.22 -12.92 35.49
C THR B 592 0.22 -12.68 35.05
N GLU B 593 0.44 -12.34 33.78
CA GLU B 593 1.81 -12.08 33.31
C GLU B 593 2.40 -10.87 34.02
N ASN B 594 1.79 -9.70 33.83
CA ASN B 594 2.37 -8.47 34.37
C ASN B 594 2.33 -8.46 35.90
N HIS B 595 1.21 -8.89 36.48
CA HIS B 595 1.02 -8.73 37.92
C HIS B 595 1.84 -9.73 38.73
N PHE B 596 2.11 -10.91 38.16
CA PHE B 596 2.76 -11.97 38.92
C PHE B 596 4.01 -12.56 38.28
N LEU B 597 4.14 -12.47 36.96
CA LEU B 597 5.30 -13.08 36.29
C LEU B 597 5.89 -12.15 35.23
N PRO C 22 53.44 37.93 -4.97
CA PRO C 22 53.39 37.93 -6.44
C PRO C 22 52.00 37.59 -6.97
N ASP C 23 51.95 36.69 -7.95
CA ASP C 23 50.67 36.24 -8.50
C ASP C 23 49.90 35.37 -7.53
N ILE C 24 50.54 34.87 -6.48
CA ILE C 24 49.84 34.07 -5.47
C ILE C 24 48.87 34.98 -4.71
N PRO C 25 47.60 34.60 -4.58
CA PRO C 25 46.67 35.45 -3.84
C PRO C 25 47.10 35.60 -2.39
N ILE C 26 46.73 36.73 -1.79
CA ILE C 26 47.09 36.99 -0.40
C ILE C 26 46.48 35.93 0.51
N GLN C 27 45.27 35.48 0.19
CA GLN C 27 44.63 34.47 1.02
C GLN C 27 45.38 33.14 0.99
N TYR C 28 46.26 32.93 0.02
CA TYR C 28 47.04 31.71 -0.03
C TYR C 28 48.07 31.66 1.09
N GLU C 29 48.81 32.74 1.29
CA GLU C 29 49.79 32.77 2.37
C GLU C 29 49.14 32.95 3.73
N LEU C 30 47.97 33.58 3.77
CA LEU C 30 47.23 33.67 5.03
C LEU C 30 46.83 32.28 5.52
N ALA C 31 46.30 31.44 4.62
CA ALA C 31 45.93 30.08 5.01
C ALA C 31 47.15 29.28 5.43
N ASN C 32 48.26 29.42 4.70
CA ASN C 32 49.48 28.72 5.07
C ASN C 32 49.98 29.16 6.43
N ASN C 33 49.75 30.43 6.79
CA ASN C 33 50.24 30.95 8.07
C ASN C 33 49.48 30.36 9.24
N ILE C 34 48.14 30.34 9.16
CA ILE C 34 47.34 29.89 10.30
C ILE C 34 47.12 28.38 10.33
N MET C 35 47.31 27.70 9.21
CA MET C 35 47.18 26.24 9.14
C MET C 35 48.51 25.54 9.43
N GLU C 36 49.56 26.29 9.74
CA GLU C 36 50.89 25.70 9.87
C GLU C 36 50.91 24.63 10.96
N ASN C 37 50.67 25.03 12.22
CA ASN C 37 50.75 24.13 13.35
C ASN C 37 49.38 23.66 13.81
N TYR C 38 48.32 23.97 13.08
CA TYR C 38 46.98 23.58 13.48
C TYR C 38 46.81 22.07 13.39
N GLN C 39 46.05 21.52 14.35
CA GLN C 39 45.72 20.11 14.40
C GLN C 39 44.21 20.01 14.59
N LYS C 40 43.49 19.68 13.52
CA LYS C 40 42.03 19.70 13.56
C LYS C 40 41.44 18.57 14.39
N GLY C 41 42.24 17.58 14.80
CA GLY C 41 41.73 16.49 15.60
C GLY C 41 41.62 16.78 17.09
N LEU C 42 42.12 17.92 17.54
CA LEU C 42 42.13 18.28 18.95
C LEU C 42 41.31 19.54 19.17
N ILE C 43 40.73 19.64 20.37
CA ILE C 43 39.89 20.81 20.67
C ILE C 43 40.75 22.05 20.67
N PRO C 44 40.36 23.11 19.97
CA PRO C 44 41.22 24.31 19.82
C PRO C 44 40.99 25.36 20.91
N LYS C 45 41.37 25.03 22.15
CA LYS C 45 41.27 25.98 23.24
C LYS C 45 42.57 26.01 24.01
N VAL C 46 43.04 27.22 24.31
CA VAL C 46 44.31 27.43 24.99
C VAL C 46 44.15 28.05 26.37
N ARG C 47 42.97 28.60 26.69
CA ARG C 47 42.79 29.34 27.93
C ARG C 47 42.70 28.38 29.11
N LYS C 48 42.59 28.94 30.31
CA LYS C 48 42.83 28.20 31.54
C LYS C 48 41.88 27.03 31.74
N GLY C 49 40.60 27.32 31.96
CA GLY C 49 39.66 26.25 32.23
C GLY C 49 38.27 26.49 31.71
N SER C 50 38.08 27.56 30.96
CA SER C 50 36.76 27.85 30.43
C SER C 50 36.48 27.00 29.20
N PRO C 51 35.21 26.68 28.94
CA PRO C 51 34.87 25.87 27.76
C PRO C 51 34.83 26.71 26.50
N ILE C 52 34.50 26.05 25.40
CA ILE C 52 34.26 26.73 24.13
C ILE C 52 32.76 26.98 24.00
N ASN C 53 32.37 28.24 23.92
CA ASN C 53 30.96 28.61 23.81
C ASN C 53 30.51 28.52 22.37
N VAL C 54 29.52 27.68 22.11
CA VAL C 54 28.94 27.51 20.77
C VAL C 54 27.53 28.08 20.79
N THR C 55 27.23 28.96 19.86
CA THR C 55 25.92 29.56 19.72
C THR C 55 25.21 28.93 18.53
N LEU C 56 24.00 28.44 18.75
CA LEU C 56 23.21 27.80 17.72
C LEU C 56 21.98 28.64 17.42
N SER C 57 21.67 28.80 16.13
CA SER C 57 20.52 29.54 15.67
C SER C 57 19.77 28.69 14.65
N LEU C 58 18.45 28.62 14.78
CA LEU C 58 17.61 27.78 13.94
C LEU C 58 16.55 28.62 13.24
N GLN C 59 16.38 28.38 11.94
CA GLN C 59 15.31 28.97 11.15
C GLN C 59 14.48 27.86 10.54
N LEU C 60 13.17 27.92 10.74
CA LEU C 60 12.27 26.94 10.15
C LEU C 60 11.84 27.44 8.77
N TYR C 61 12.11 26.63 7.75
CA TYR C 61 11.74 26.96 6.38
C TYR C 61 10.52 26.22 5.89
N GLN C 62 10.30 24.98 6.33
CA GLN C 62 9.21 24.18 5.82
C GLN C 62 8.97 23.00 6.75
N ILE C 63 7.70 22.68 6.96
CA ILE C 63 7.30 21.43 7.62
C ILE C 63 6.95 20.48 6.48
N ILE C 64 7.88 19.57 6.18
CA ILE C 64 7.69 18.68 5.05
C ILE C 64 6.57 17.70 5.32
N GLN C 65 6.54 17.10 6.51
CA GLN C 65 5.59 16.03 6.78
C GLN C 65 5.34 15.92 8.26
N VAL C 66 4.14 15.44 8.60
CA VAL C 66 3.78 15.06 9.97
C VAL C 66 3.19 13.66 9.88
N ASN C 67 4.02 12.65 10.13
CA ASN C 67 3.59 11.26 10.00
C ASN C 67 2.93 10.82 11.30
N GLU C 68 1.60 10.80 11.29
CA GLU C 68 0.86 10.45 12.50
C GLU C 68 0.96 8.97 12.84
N PRO C 69 0.68 8.04 11.92
CA PRO C 69 0.82 6.62 12.27
C PRO C 69 2.22 6.24 12.74
N GLN C 70 3.25 6.83 12.16
CA GLN C 70 4.62 6.54 12.58
C GLN C 70 5.15 7.54 13.61
N GLN C 71 4.48 8.67 13.79
CA GLN C 71 4.75 9.59 14.89
C GLN C 71 6.16 10.19 14.80
N TYR C 72 6.46 10.79 13.65
CA TYR C 72 7.69 11.56 13.51
C TYR C 72 7.40 12.82 12.72
N LEU C 73 8.25 13.83 12.92
CA LEU C 73 8.13 15.11 12.24
C LEU C 73 9.33 15.31 11.32
N LEU C 74 9.06 15.74 10.09
CA LEU C 74 10.09 16.00 9.09
C LEU C 74 10.16 17.51 8.87
N LEU C 75 11.31 18.10 9.18
CA LEU C 75 11.47 19.55 9.15
C LEU C 75 12.63 19.94 8.24
N ASN C 76 12.47 21.08 7.55
CA ASN C 76 13.51 21.70 6.75
C ASN C 76 13.92 22.99 7.46
N ALA C 77 15.15 23.04 7.95
CA ALA C 77 15.61 24.17 8.74
C ALA C 77 16.96 24.67 8.22
N TRP C 78 17.26 25.92 8.57
CA TRP C 78 18.55 26.53 8.29
C TRP C 78 19.28 26.72 9.61
N ALA C 79 20.48 26.16 9.73
CA ALA C 79 21.23 26.16 10.97
C ALA C 79 22.46 27.05 10.84
N VAL C 80 22.77 27.76 11.92
CA VAL C 80 23.97 28.58 12.02
C VAL C 80 24.64 28.28 13.35
N GLU C 81 25.94 27.98 13.31
CA GLU C 81 26.75 27.76 14.51
C GLU C 81 27.92 28.72 14.51
N ARG C 82 28.20 29.30 15.68
CA ARG C 82 29.26 30.29 15.83
C ARG C 82 30.07 29.98 17.08
N TRP C 83 31.40 29.97 16.94
CA TRP C 83 32.28 29.79 18.07
C TRP C 83 33.63 30.42 17.72
N VAL C 84 34.45 30.62 18.75
CA VAL C 84 35.77 31.22 18.59
C VAL C 84 36.82 30.11 18.63
N ASP C 85 37.64 30.04 17.59
CA ASP C 85 38.77 29.12 17.54
C ASP C 85 40.01 29.86 18.01
N GLN C 86 40.52 29.48 19.18
CA GLN C 86 41.62 30.21 19.80
C GLN C 86 42.97 29.96 19.13
N MET C 87 43.01 29.17 18.07
CA MET C 87 44.26 28.80 17.41
C MET C 87 44.40 29.37 16.01
N LEU C 88 43.40 30.11 15.52
CA LEU C 88 43.36 30.53 14.11
C LEU C 88 43.35 32.05 13.97
N GLY C 89 43.91 32.78 14.94
CA GLY C 89 43.95 34.22 14.85
C GLY C 89 45.14 34.72 14.05
N TRP C 90 44.98 35.88 13.42
CA TRP C 90 46.04 36.48 12.65
C TRP C 90 45.91 38.00 12.72
N ASP C 91 46.99 38.68 12.36
CA ASP C 91 47.02 40.14 12.34
C ASP C 91 46.73 40.64 10.94
N PRO C 92 45.66 41.41 10.73
CA PRO C 92 45.33 41.85 9.36
C PRO C 92 46.42 42.67 8.70
N SER C 93 47.19 43.44 9.47
CA SER C 93 48.18 44.33 8.87
C SER C 93 49.22 43.57 8.07
N GLU C 94 49.45 42.29 8.40
CA GLU C 94 50.44 41.49 7.70
C GLU C 94 49.91 40.88 6.40
N PHE C 95 48.61 40.93 6.16
CA PHE C 95 47.99 40.22 5.04
C PHE C 95 47.05 41.14 4.28
N ASP C 96 47.52 42.33 3.94
CA ASP C 96 46.78 43.25 3.08
C ASP C 96 45.43 43.64 3.68
N ASN C 97 45.39 43.79 5.00
CA ASN C 97 44.16 44.16 5.72
C ASN C 97 43.06 43.13 5.51
N GLU C 98 43.45 41.86 5.40
CA GLU C 98 42.47 40.80 5.25
C GLU C 98 41.87 40.43 6.61
N THR C 99 40.55 40.40 6.66
CA THR C 99 39.82 40.12 7.89
C THR C 99 39.03 38.82 7.86
N GLU C 100 38.54 38.39 6.71
CA GLU C 100 37.80 37.15 6.57
C GLU C 100 38.53 36.20 5.62
N ILE C 101 38.22 34.92 5.76
CA ILE C 101 38.72 33.89 4.84
C ILE C 101 37.73 32.73 4.87
N MET C 102 37.49 32.14 3.71
CA MET C 102 36.55 31.03 3.57
C MET C 102 37.35 29.74 3.37
N ALA C 103 37.04 28.74 4.18
CA ALA C 103 37.77 27.47 4.16
C ALA C 103 36.80 26.32 4.17
N ARG C 104 37.29 25.14 3.79
CA ARG C 104 36.48 23.93 3.84
C ARG C 104 36.24 23.51 5.29
N HIS C 105 35.05 22.95 5.53
CA HIS C 105 34.69 22.56 6.89
C HIS C 105 35.52 21.38 7.39
N ASP C 106 36.12 20.60 6.49
CA ASP C 106 36.89 19.43 6.87
C ASP C 106 38.34 19.77 7.22
N ASP C 107 38.73 21.03 7.11
CA ASP C 107 40.10 21.43 7.40
C ASP C 107 40.29 21.90 8.83
N ILE C 108 39.20 22.16 9.55
CA ILE C 108 39.27 22.70 10.91
C ILE C 108 38.47 21.80 11.85
N TRP C 109 38.54 22.13 13.14
CA TRP C 109 37.81 21.39 14.16
C TRP C 109 36.38 21.88 14.25
N LEU C 110 35.44 20.94 14.31
CA LEU C 110 34.03 21.27 14.39
C LEU C 110 33.40 20.60 15.60
N PRO C 111 32.55 21.29 16.33
CA PRO C 111 31.83 20.66 17.44
C PRO C 111 30.85 19.62 16.95
N ASP C 112 30.61 18.61 17.78
CA ASP C 112 29.73 17.50 17.41
C ASP C 112 28.32 17.78 17.92
N THR C 113 27.69 18.79 17.33
CA THR C 113 26.31 19.11 17.66
C THR C 113 25.40 17.98 17.19
N THR C 114 24.58 17.46 18.10
CA THR C 114 23.76 16.30 17.83
C THR C 114 22.30 16.59 18.17
N LEU C 115 21.40 15.95 17.42
CA LEU C 115 19.99 15.96 17.74
C LEU C 115 19.67 14.69 18.52
N TYR C 116 19.39 14.83 19.80
CA TYR C 116 19.28 13.67 20.68
C TYR C 116 18.15 12.74 20.26
N ASN C 117 17.02 13.30 19.83
CA ASN C 117 15.86 12.51 19.44
C ASN C 117 15.74 12.32 17.94
N SER C 118 16.88 12.19 17.24
CA SER C 118 16.85 11.98 15.80
C SER C 118 16.57 10.53 15.46
N LEU C 119 15.81 10.32 14.38
CA LEU C 119 15.51 9.00 13.86
C LEU C 119 16.41 8.62 12.68
N GLU C 120 17.44 9.43 12.41
CA GLU C 120 18.34 9.20 11.29
C GLU C 120 19.76 9.31 11.82
N MET C 121 20.53 8.22 11.71
CA MET C 121 21.89 8.20 12.22
C MET C 121 22.90 8.73 11.20
N ASP C 122 22.59 8.64 9.91
CA ASP C 122 23.51 9.06 8.86
C ASP C 122 23.40 10.56 8.66
N ASP C 123 24.48 11.29 8.96
CA ASP C 123 24.46 12.74 8.80
C ASP C 123 24.56 13.17 7.35
N SER C 124 24.92 12.26 6.44
CA SER C 124 24.98 12.61 5.03
C SER C 124 23.59 12.84 4.45
N ALA C 125 22.57 12.20 5.03
CA ALA C 125 21.20 12.32 4.55
C ALA C 125 20.42 13.42 5.26
N SER C 126 21.04 14.12 6.21
CA SER C 126 20.34 15.16 6.96
C SER C 126 21.05 16.51 6.96
N LYS C 127 22.29 16.59 6.50
CA LYS C 127 23.05 17.83 6.57
C LYS C 127 23.86 18.01 5.29
N LYS C 128 24.27 19.26 5.05
CA LYS C 128 25.09 19.61 3.89
C LYS C 128 26.11 20.65 4.35
N LEU C 129 27.28 20.18 4.77
CA LEU C 129 28.35 21.05 5.24
C LEU C 129 29.41 21.18 4.14
N THR C 130 29.70 22.41 3.74
CA THR C 130 30.70 22.65 2.71
C THR C 130 31.87 23.51 3.18
N HIS C 131 31.60 24.68 3.75
CA HIS C 131 32.65 25.65 4.03
C HIS C 131 32.39 26.32 5.37
N VAL C 132 33.43 26.99 5.87
CA VAL C 132 33.34 27.80 7.07
C VAL C 132 33.91 29.18 6.79
N LYS C 133 33.48 30.15 7.57
CA LYS C 133 33.97 31.52 7.48
C LYS C 133 34.80 31.85 8.72
N LEU C 134 35.99 32.39 8.50
CA LEU C 134 36.91 32.72 9.57
C LEU C 134 37.09 34.24 9.62
N THR C 135 36.82 34.83 10.78
CA THR C 135 37.00 36.26 11.00
C THR C 135 37.99 36.44 12.16
N THR C 136 39.11 37.08 11.89
CA THR C 136 40.16 37.21 12.90
C THR C 136 39.72 38.12 14.04
N LEU C 137 40.14 37.76 15.25
CA LEU C 137 39.93 38.58 16.44
C LEU C 137 41.21 39.22 16.93
N GLY C 138 42.31 38.99 16.24
CA GLY C 138 43.63 39.39 16.68
C GLY C 138 44.60 38.23 16.53
N LYS C 139 45.89 38.54 16.56
CA LYS C 139 46.89 37.52 16.30
C LYS C 139 46.84 36.40 17.33
N ASN C 140 46.67 36.74 18.61
CA ASN C 140 46.59 35.73 19.67
C ASN C 140 45.21 35.63 20.29
N GLN C 141 44.19 36.26 19.71
CA GLN C 141 42.83 36.20 20.23
C GLN C 141 41.99 35.11 19.58
N GLY C 142 42.47 34.52 18.48
CA GLY C 142 41.69 33.53 17.77
C GLY C 142 40.82 34.15 16.70
N ALA C 143 39.99 33.31 16.10
CA ALA C 143 39.07 33.73 15.05
C ALA C 143 37.68 33.21 15.33
N MET C 144 36.67 33.99 14.96
CA MET C 144 35.28 33.57 15.07
C MET C 144 34.92 32.75 13.84
N VAL C 145 34.34 31.57 14.07
CA VAL C 145 33.99 30.64 13.00
C VAL C 145 32.48 30.64 12.82
N GLU C 146 32.03 30.79 11.57
CA GLU C 146 30.62 30.76 11.22
C GLU C 146 30.37 29.53 10.36
N LEU C 147 29.42 28.70 10.77
CA LEU C 147 29.04 27.49 10.05
C LEU C 147 27.58 27.58 9.66
N LEU C 148 27.31 27.51 8.35
CA LEU C 148 25.96 27.58 7.81
C LEU C 148 25.69 26.31 7.01
N TYR C 149 24.49 25.76 7.18
CA TYR C 149 24.13 24.58 6.39
C TYR C 149 22.64 24.31 6.44
N PRO C 150 22.07 23.75 5.37
CA PRO C 150 20.68 23.30 5.42
C PRO C 150 20.56 21.91 6.05
N THR C 151 19.41 21.67 6.68
CA THR C 151 19.17 20.42 7.37
C THR C 151 17.76 19.93 7.08
N ILE C 152 17.57 18.62 7.18
CA ILE C 152 16.26 17.98 7.17
C ILE C 152 16.21 17.09 8.40
N TYR C 153 15.50 17.52 9.43
CA TYR C 153 15.45 16.79 10.69
C TYR C 153 14.25 15.87 10.73
N LYS C 154 14.50 14.61 11.11
CA LYS C 154 13.45 13.61 11.31
C LYS C 154 13.45 13.29 12.80
N ILE C 155 12.51 13.87 13.53
CA ILE C 155 12.46 13.78 14.99
C ILE C 155 11.24 13.00 15.41
N SER C 156 11.40 12.14 16.41
CA SER C 156 10.29 11.40 16.98
C SER C 156 9.40 12.35 17.79
N CYS C 157 8.10 12.30 17.54
CA CYS C 157 7.14 13.15 18.23
C CYS C 157 6.03 12.29 18.82
N LEU C 158 5.73 12.49 20.10
CA LEU C 158 4.64 11.80 20.77
C LEU C 158 3.36 12.60 20.56
N LEU C 159 2.47 12.10 19.71
CA LEU C 159 1.26 12.82 19.34
C LEU C 159 0.12 12.43 20.29
N ASN C 160 -0.59 13.43 20.79
CA ASN C 160 -1.75 13.23 21.64
C ASN C 160 -3.00 13.55 20.81
N LEU C 161 -3.67 12.50 20.34
CA LEU C 161 -4.83 12.64 19.47
C LEU C 161 -6.14 12.57 20.23
N LYS C 162 -6.16 13.06 21.47
CA LYS C 162 -7.39 13.04 22.27
C LYS C 162 -8.47 13.91 21.64
N TYR C 163 -8.09 15.05 21.07
CA TYR C 163 -9.04 15.99 20.48
C TYR C 163 -9.06 15.92 18.96
N PHE C 164 -8.52 14.85 18.37
CA PHE C 164 -8.49 14.73 16.93
C PHE C 164 -9.91 14.81 16.38
N PRO C 165 -10.13 15.56 15.28
CA PRO C 165 -9.16 16.34 14.50
C PRO C 165 -9.03 17.81 14.89
N PHE C 166 -9.21 18.16 16.16
CA PHE C 166 -9.04 19.52 16.64
C PHE C 166 -7.84 19.63 17.57
N ASP C 167 -6.83 18.80 17.34
CA ASP C 167 -5.73 18.64 18.28
C ASP C 167 -4.62 19.65 18.01
N THR C 168 -3.86 19.96 19.07
CA THR C 168 -2.67 20.77 18.99
C THR C 168 -1.49 19.94 19.45
N GLN C 169 -0.41 19.94 18.68
CA GLN C 169 0.76 19.12 18.96
C GLN C 169 1.96 20.00 19.28
N THR C 170 2.80 19.54 20.18
CA THR C 170 4.04 20.21 20.55
C THR C 170 5.21 19.29 20.23
N CYS C 171 6.17 19.78 19.46
CA CYS C 171 7.34 19.01 19.04
C CYS C 171 8.58 19.62 19.66
N ARG C 172 9.37 18.78 20.33
CA ARG C 172 10.59 19.22 21.01
C ARG C 172 11.80 18.64 20.32
N MET C 173 12.79 19.49 20.02
CA MET C 173 14.08 19.07 19.50
C MET C 173 15.14 19.40 20.54
N THR C 174 15.93 18.40 20.91
CA THR C 174 17.00 18.57 21.87
C THR C 174 18.35 18.56 21.16
N PHE C 175 19.17 19.56 21.45
CA PHE C 175 20.48 19.70 20.82
C PHE C 175 21.56 19.71 21.89
N GLY C 176 22.72 19.18 21.55
CA GLY C 176 23.84 19.16 22.47
C GLY C 176 24.99 18.37 21.88
N SER C 177 26.02 18.22 22.70
CA SER C 177 27.20 17.45 22.33
C SER C 177 27.09 16.06 22.94
N TRP C 178 27.46 15.05 22.15
CA TRP C 178 27.37 13.67 22.65
C TRP C 178 28.57 13.27 23.49
N SER C 179 29.76 13.78 23.16
CA SER C 179 30.98 13.33 23.82
C SER C 179 31.66 14.37 24.69
N PHE C 180 31.26 15.64 24.60
CA PHE C 180 31.89 16.71 25.35
C PHE C 180 30.91 17.24 26.40
N ASP C 181 31.40 17.45 27.62
CA ASP C 181 30.59 17.94 28.72
C ASP C 181 30.79 19.45 28.88
N ASN C 182 30.18 20.01 29.92
CA ASN C 182 30.19 21.46 30.09
C ASN C 182 31.59 22.04 30.14
N SER C 183 32.54 21.33 30.75
CA SER C 183 33.88 21.86 30.91
C SER C 183 34.60 22.01 29.57
N LEU C 184 34.08 21.41 28.51
CA LEU C 184 34.68 21.49 27.18
C LEU C 184 33.85 22.32 26.21
N ILE C 185 32.57 21.99 26.03
CA ILE C 185 31.70 22.69 25.09
C ILE C 185 30.45 23.15 25.82
N ASP C 186 30.11 24.42 25.69
CA ASP C 186 28.90 24.99 26.26
C ASP C 186 28.04 25.57 25.14
N TYR C 187 26.74 25.36 25.22
CA TYR C 187 25.81 25.73 24.17
C TYR C 187 24.88 26.85 24.62
N PHE C 188 24.69 27.84 23.76
CA PHE C 188 23.79 28.96 23.99
C PHE C 188 22.92 29.18 22.76
N PRO C 189 21.67 29.58 22.95
CA PRO C 189 20.79 29.86 21.82
C PRO C 189 20.88 31.30 21.33
N ARG C 190 20.57 31.46 20.04
CA ARG C 190 20.51 32.77 19.39
C ARG C 190 19.10 32.91 18.81
N THR C 191 18.35 33.89 19.31
CA THR C 191 16.96 34.03 18.93
C THR C 191 16.78 35.14 17.89
N PHE C 192 15.62 35.13 17.24
CA PHE C 192 15.28 36.06 16.19
C PHE C 192 14.29 37.11 16.70
N THR C 193 13.87 37.99 15.80
CA THR C 193 12.94 39.04 16.19
C THR C 193 11.59 38.48 16.61
N ASN C 194 11.08 37.48 15.90
CA ASN C 194 9.76 36.93 16.18
C ASN C 194 9.76 35.89 17.29
N GLY C 195 10.93 35.37 17.67
CA GLY C 195 11.01 34.37 18.70
C GLY C 195 12.24 33.50 18.60
N PRO C 196 12.29 32.44 19.40
CA PRO C 196 13.48 31.58 19.41
C PRO C 196 13.80 30.97 18.05
N ILE C 197 12.79 30.59 17.27
CA ILE C 197 12.97 29.99 15.96
C ILE C 197 12.48 30.97 14.92
N GLY C 198 13.34 31.29 13.96
CA GLY C 198 12.98 32.25 12.93
C GLY C 198 11.90 31.71 12.02
N LEU C 199 11.01 32.60 11.59
CA LEU C 199 9.93 32.26 10.66
C LEU C 199 9.78 33.29 9.56
N ALA C 200 10.84 34.04 9.27
CA ALA C 200 10.76 35.07 8.23
C ALA C 200 10.70 34.45 6.83
N ASN C 201 11.29 33.27 6.67
CA ASN C 201 11.33 32.58 5.39
C ASN C 201 10.44 31.35 5.36
N PHE C 202 9.58 31.19 6.35
CA PHE C 202 8.78 29.97 6.49
C PHE C 202 7.66 29.93 5.47
N LEU C 203 7.45 28.75 4.88
CA LEU C 203 6.36 28.51 3.95
C LEU C 203 5.21 27.84 4.70
N GLU C 204 4.03 28.45 4.63
CA GLU C 204 2.89 27.96 5.39
C GLU C 204 2.51 26.55 4.96
N ASN C 205 2.12 25.74 5.94
CA ASN C 205 1.66 24.38 5.69
C ASN C 205 0.16 24.39 5.41
N ASP C 206 -0.29 23.47 4.55
CA ASP C 206 -1.70 23.41 4.21
C ASP C 206 -2.54 22.68 5.24
N ALA C 207 -1.91 21.96 6.17
CA ALA C 207 -2.64 21.18 7.16
C ALA C 207 -2.37 21.61 8.60
N TRP C 208 -1.33 22.40 8.86
CA TRP C 208 -0.93 22.75 10.21
C TRP C 208 -0.63 24.24 10.31
N SER C 209 -0.79 24.78 11.51
CA SER C 209 -0.45 26.17 11.81
C SER C 209 0.58 26.20 12.92
N VAL C 210 1.55 27.08 12.80
CA VAL C 210 2.58 27.24 13.83
C VAL C 210 2.10 28.29 14.82
N LEU C 211 1.68 27.86 16.01
CA LEU C 211 1.19 28.79 17.01
C LEU C 211 2.32 29.59 17.65
N GLY C 212 3.45 28.96 17.90
CA GLY C 212 4.58 29.65 18.51
C GLY C 212 5.74 28.70 18.69
N THR C 213 6.83 29.25 19.21
CA THR C 213 8.06 28.51 19.44
C THR C 213 8.64 28.87 20.80
N LYS C 214 9.40 27.93 21.36
CA LYS C 214 10.06 28.12 22.64
C LYS C 214 11.47 27.56 22.59
N VAL C 215 12.34 28.08 23.45
CA VAL C 215 13.70 27.57 23.60
C VAL C 215 14.06 27.58 25.08
N ASN C 216 14.67 26.49 25.54
CA ASN C 216 15.09 26.36 26.93
C ASN C 216 16.51 25.81 26.97
N ARG C 217 17.33 26.38 27.84
CA ARG C 217 18.71 25.92 28.06
C ARG C 217 18.77 25.29 29.45
N GLU C 218 19.15 24.02 29.51
CA GLU C 218 19.15 23.28 30.77
C GLU C 218 20.41 22.43 30.88
N GLU C 219 20.97 22.40 32.09
CA GLU C 219 22.16 21.60 32.39
C GLU C 219 21.74 20.30 33.05
N LYS C 220 22.26 19.18 32.54
CA LYS C 220 21.85 17.87 33.00
C LYS C 220 23.05 17.01 33.37
N LYS C 221 22.88 16.24 34.44
CA LYS C 221 23.86 15.24 34.83
C LYS C 221 23.44 13.86 34.32
N TYR C 222 24.42 13.11 33.83
CA TYR C 222 24.21 11.75 33.36
C TYR C 222 25.13 10.82 34.14
N THR C 223 24.69 9.58 34.30
CA THR C 223 25.45 8.60 35.09
C THR C 223 26.74 8.18 34.42
N CYS C 224 26.94 8.51 33.14
CA CYS C 224 28.15 8.11 32.44
C CYS C 224 29.29 9.11 32.58
N CYS C 225 29.02 10.33 33.00
CA CYS C 225 30.05 11.34 33.13
C CYS C 225 29.90 12.09 34.45
N PRO C 226 31.02 12.42 35.09
CA PRO C 226 30.94 13.18 36.36
C PRO C 226 30.58 14.64 36.18
N VAL C 227 30.67 15.18 34.96
CA VAL C 227 30.37 16.58 34.70
C VAL C 227 29.04 16.68 33.98
N ASN C 228 28.44 17.86 34.05
CA ASN C 228 27.15 18.11 33.42
C ASN C 228 27.27 18.23 31.91
N TYR C 229 26.12 18.18 31.25
CA TYR C 229 25.98 18.49 29.84
C TYR C 229 25.04 19.68 29.71
N THR C 230 25.23 20.46 28.64
CA THR C 230 24.33 21.57 28.34
C THR C 230 23.46 21.19 27.15
N LEU C 231 22.15 21.31 27.30
CA LEU C 231 21.19 20.94 26.27
C LEU C 231 20.34 22.15 25.91
N LEU C 232 19.97 22.23 24.63
CA LEU C 232 19.07 23.26 24.13
C LEU C 232 17.78 22.58 23.68
N HIS C 233 16.65 23.04 24.23
CA HIS C 233 15.35 22.48 23.91
C HIS C 233 14.57 23.48 23.06
N TYR C 234 14.18 23.07 21.87
CA TYR C 234 13.38 23.87 20.96
C TYR C 234 12.00 23.23 20.85
N ASP C 235 10.97 24.01 21.14
CA ASP C 235 9.59 23.54 21.09
C ASP C 235 8.84 24.27 19.99
N VAL C 236 8.13 23.52 19.16
CA VAL C 236 7.27 24.08 18.12
C VAL C 236 5.85 23.62 18.40
N VAL C 237 4.92 24.57 18.50
CA VAL C 237 3.52 24.29 18.74
C VAL C 237 2.78 24.44 17.41
N ILE C 238 2.16 23.35 16.96
CA ILE C 238 1.46 23.31 15.68
C ILE C 238 0.03 22.85 15.93
N GLN C 239 -0.93 23.56 15.34
CA GLN C 239 -2.35 23.24 15.46
C GLN C 239 -2.88 22.76 14.12
N ARG C 240 -3.69 21.72 14.15
CA ARG C 240 -4.27 21.17 12.93
C ARG C 240 -5.37 22.06 12.39
N LYS C 241 -5.49 22.10 11.06
CA LYS C 241 -6.61 22.76 10.41
C LYS C 241 -7.69 21.72 10.16
N PRO C 242 -8.85 21.82 10.80
CA PRO C 242 -9.76 20.66 10.88
C PRO C 242 -10.68 20.47 9.68
N LEU C 243 -10.87 21.49 8.83
CA LEU C 243 -11.92 21.41 7.82
C LEU C 243 -11.77 20.19 6.94
N TYR C 244 -10.53 19.83 6.59
CA TYR C 244 -10.32 18.69 5.70
C TYR C 244 -10.82 17.39 6.34
N TYR C 245 -10.52 17.20 7.62
CA TYR C 245 -10.85 15.94 8.27
C TYR C 245 -12.34 15.88 8.64
N VAL C 246 -12.93 17.02 8.97
CA VAL C 246 -14.36 17.05 9.26
C VAL C 246 -15.16 16.67 8.02
N LEU C 247 -14.78 17.20 6.87
CA LEU C 247 -15.50 16.90 5.64
C LEU C 247 -15.32 15.45 5.21
N ASN C 248 -14.10 14.92 5.36
CA ASN C 248 -13.78 13.62 4.79
C ASN C 248 -14.05 12.45 5.73
N LEU C 249 -14.13 12.69 7.03
CA LEU C 249 -14.28 11.61 8.00
C LEU C 249 -15.58 11.64 8.79
N ILE C 250 -16.28 12.77 8.84
CA ILE C 250 -17.47 12.91 9.64
C ILE C 250 -18.71 13.14 8.77
N ALA C 251 -18.61 13.99 7.76
CA ALA C 251 -19.78 14.30 6.94
C ALA C 251 -20.36 13.07 6.26
N PRO C 252 -19.58 12.22 5.58
CA PRO C 252 -20.18 11.05 4.93
C PRO C 252 -20.88 10.12 5.90
N THR C 253 -20.34 9.94 7.11
CA THR C 253 -20.95 9.02 8.06
C THR C 253 -22.26 9.57 8.61
N ALA C 254 -22.32 10.88 8.85
CA ALA C 254 -23.54 11.47 9.39
C ALA C 254 -24.70 11.34 8.42
N VAL C 255 -24.46 11.57 7.14
CA VAL C 255 -25.54 11.52 6.15
C VAL C 255 -26.12 10.11 6.07
N ILE C 256 -25.25 9.10 6.03
CA ILE C 256 -25.73 7.73 5.95
C ILE C 256 -26.51 7.35 7.20
N THR C 257 -26.01 7.75 8.37
CA THR C 257 -26.68 7.41 9.62
C THR C 257 -28.05 8.06 9.70
N PHE C 258 -28.16 9.32 9.30
CA PHE C 258 -29.45 10.01 9.35
C PHE C 258 -30.47 9.36 8.43
N ILE C 259 -30.05 9.00 7.21
CA ILE C 259 -30.97 8.39 6.26
C ILE C 259 -31.48 7.05 6.77
N SER C 260 -30.58 6.23 7.33
CA SER C 260 -30.98 4.92 7.82
C SER C 260 -31.99 5.01 8.96
N ILE C 261 -31.90 6.06 9.77
CA ILE C 261 -32.86 6.24 10.85
C ILE C 261 -34.27 6.40 10.29
N ILE C 262 -34.40 7.14 9.19
CA ILE C 262 -35.70 7.33 8.57
C ILE C 262 -36.28 5.99 8.10
N GLY C 263 -35.43 5.15 7.50
CA GLY C 263 -35.91 3.85 7.03
C GLY C 263 -36.33 2.93 8.15
N PHE C 264 -35.71 3.06 9.33
CA PHE C 264 -36.05 2.19 10.44
C PHE C 264 -37.50 2.38 10.88
N PHE C 265 -37.95 3.62 10.98
CA PHE C 265 -39.21 3.95 11.63
C PHE C 265 -40.19 4.59 10.66
N THR C 266 -40.23 4.09 9.43
CA THR C 266 -41.20 4.56 8.44
C THR C 266 -41.88 3.35 7.82
N SER C 267 -43.19 3.46 7.59
CA SER C 267 -43.97 2.40 6.99
C SER C 267 -44.97 3.00 6.01
N SER C 268 -45.35 2.21 5.02
CA SER C 268 -46.28 2.68 4.00
C SER C 268 -47.74 2.50 4.41
N SER C 269 -48.01 1.78 5.50
CA SER C 269 -49.37 1.56 5.95
C SER C 269 -49.38 1.28 7.44
N VAL C 270 -50.54 1.45 8.06
CA VAL C 270 -50.71 1.24 9.48
C VAL C 270 -51.21 -0.16 9.82
N HIS C 271 -52.06 -0.73 8.96
CA HIS C 271 -52.70 -2.01 9.24
C HIS C 271 -52.14 -3.15 8.39
N ASP C 272 -50.84 -3.12 8.12
CA ASP C 272 -50.18 -4.17 7.36
C ASP C 272 -48.95 -4.65 8.12
N LEU C 273 -48.62 -5.92 7.96
CA LEU C 273 -47.44 -6.47 8.61
C LEU C 273 -46.19 -5.79 8.08
N ARG C 274 -45.24 -5.52 8.98
CA ARG C 274 -44.03 -4.81 8.61
C ARG C 274 -42.94 -5.80 8.18
N GLN C 275 -42.02 -5.31 7.37
CA GLN C 275 -40.86 -6.07 6.96
C GLN C 275 -39.73 -5.83 7.95
N GLU C 276 -38.91 -6.86 8.17
CA GLU C 276 -37.80 -6.74 9.11
C GLU C 276 -36.74 -5.79 8.56
N LYS C 277 -36.17 -4.98 9.45
CA LYS C 277 -35.14 -4.03 9.08
C LYS C 277 -33.74 -4.53 9.41
N ILE C 278 -33.59 -5.83 9.70
CA ILE C 278 -32.27 -6.36 10.06
C ILE C 278 -31.29 -6.20 8.91
N THR C 279 -31.74 -6.50 7.68
CA THR C 279 -30.87 -6.38 6.52
C THR C 279 -30.41 -4.94 6.33
N LEU C 280 -31.30 -3.98 6.54
CA LEU C 280 -30.92 -2.57 6.45
C LEU C 280 -29.87 -2.22 7.49
N GLY C 281 -30.04 -2.70 8.73
CA GLY C 281 -29.07 -2.42 9.76
C GLY C 281 -27.72 -3.08 9.49
N ILE C 282 -27.73 -4.33 9.02
CA ILE C 282 -26.47 -5.03 8.78
C ILE C 282 -25.67 -4.32 7.70
N THR C 283 -26.31 -3.91 6.62
CA THR C 283 -25.59 -3.24 5.54
C THR C 283 -24.98 -1.93 6.01
N THR C 284 -25.72 -1.15 6.79
CA THR C 284 -25.17 0.09 7.34
C THR C 284 -24.04 -0.20 8.31
N LEU C 285 -24.20 -1.22 9.16
CA LEU C 285 -23.16 -1.55 10.14
C LEU C 285 -21.88 -1.99 9.45
N LEU C 286 -22.00 -2.79 8.38
CA LEU C 286 -20.82 -3.31 7.72
C LEU C 286 -20.05 -2.21 7.00
N SER C 287 -20.74 -1.24 6.43
CA SER C 287 -20.06 -0.13 5.78
C SER C 287 -19.30 0.72 6.79
N MET C 288 -19.90 0.99 7.95
CA MET C 288 -19.22 1.78 8.97
C MET C 288 -17.97 1.09 9.48
N SER C 289 -17.97 -0.24 9.49
CA SER C 289 -16.77 -0.97 9.90
C SER C 289 -15.63 -0.73 8.91
N ILE C 290 -15.93 -0.71 7.62
CA ILE C 290 -14.90 -0.44 6.61
C ILE C 290 -14.35 0.97 6.79
N MET C 291 -15.23 1.95 7.03
CA MET C 291 -14.78 3.32 7.26
C MET C 291 -13.89 3.40 8.49
N ILE C 292 -14.21 2.66 9.54
CA ILE C 292 -13.39 2.68 10.75
C ILE C 292 -12.01 2.13 10.45
N PHE C 293 -11.94 1.02 9.71
CA PHE C 293 -10.65 0.46 9.34
C PHE C 293 -9.85 1.42 8.48
N MET C 294 -10.51 2.08 7.53
CA MET C 294 -9.81 3.01 6.66
C MET C 294 -9.26 4.19 7.45
N VAL C 295 -10.05 4.74 8.37
CA VAL C 295 -9.58 5.84 9.20
C VAL C 295 -8.50 5.39 10.16
N SER C 296 -8.64 4.17 10.69
CA SER C 296 -7.67 3.67 11.66
C SER C 296 -6.26 3.58 11.10
N ASP C 297 -6.12 3.46 9.77
CA ASP C 297 -4.80 3.40 9.16
C ASP C 297 -4.08 4.74 9.17
N LYS C 298 -4.76 5.82 9.55
CA LYS C 298 -4.20 7.15 9.56
C LYS C 298 -3.80 7.63 10.95
N MET C 299 -3.78 6.75 11.94
CA MET C 299 -3.56 7.13 13.32
C MET C 299 -2.45 6.32 13.97
N PRO C 300 -1.90 6.79 15.08
CA PRO C 300 -0.75 6.12 15.71
C PRO C 300 -1.02 4.69 16.16
N SER C 301 -2.28 4.31 16.42
CA SER C 301 -2.57 3.00 16.98
C SER C 301 -2.18 2.90 18.44
N THR C 302 -2.38 3.97 19.20
CA THR C 302 -2.08 3.97 20.62
C THR C 302 -3.27 3.46 21.44
N SER C 303 -3.00 3.09 22.68
CA SER C 303 -4.02 2.71 23.64
C SER C 303 -4.16 3.69 24.79
N THR C 304 -3.46 4.83 24.75
CA THR C 304 -3.44 5.73 25.89
C THR C 304 -4.73 6.52 26.01
N CYS C 305 -5.30 6.96 24.89
CA CYS C 305 -6.47 7.83 24.89
C CYS C 305 -7.51 7.32 23.91
N VAL C 306 -8.72 7.85 24.05
CA VAL C 306 -9.81 7.64 23.11
C VAL C 306 -10.09 8.98 22.42
N PRO C 307 -9.85 9.09 21.12
CA PRO C 307 -9.98 10.40 20.46
C PRO C 307 -11.42 10.90 20.44
N LEU C 308 -11.56 12.17 20.05
CA LEU C 308 -12.88 12.76 19.91
C LEU C 308 -13.67 12.07 18.80
N ILE C 309 -13.01 11.73 17.69
CA ILE C 309 -13.69 11.08 16.58
C ILE C 309 -14.12 9.67 16.95
N ALA C 310 -13.40 9.02 17.87
CA ALA C 310 -13.80 7.69 18.30
C ALA C 310 -15.16 7.72 19.00
N LEU C 311 -15.41 8.75 19.79
CA LEU C 311 -16.71 8.88 20.44
C LEU C 311 -17.82 9.14 19.43
N PHE C 312 -17.51 9.90 18.38
CA PHE C 312 -18.51 10.15 17.33
C PHE C 312 -18.91 8.86 16.63
N TYR C 313 -17.92 8.01 16.29
CA TYR C 313 -18.24 6.75 15.64
C TYR C 313 -18.98 5.80 16.57
N THR C 314 -18.63 5.81 17.85
CA THR C 314 -19.31 4.93 18.80
C THR C 314 -20.79 5.30 18.92
N LEU C 315 -21.11 6.59 18.88
CA LEU C 315 -22.50 7.00 18.93
C LEU C 315 -23.25 6.60 17.67
N MET C 316 -22.61 6.74 16.51
CA MET C 316 -23.25 6.34 15.26
C MET C 316 -23.53 4.85 15.24
N ILE C 317 -22.57 4.03 15.70
CA ILE C 317 -22.77 2.60 15.74
C ILE C 317 -23.89 2.23 16.72
N THR C 318 -23.91 2.87 17.89
CA THR C 318 -24.93 2.55 18.88
C THR C 318 -26.32 2.89 18.39
N ILE C 319 -26.47 4.04 17.72
CA ILE C 319 -27.78 4.45 17.24
C ILE C 319 -28.30 3.45 16.20
N ILE C 320 -27.44 3.03 15.28
CA ILE C 320 -27.85 2.08 14.25
C ILE C 320 -28.16 0.73 14.87
N SER C 321 -27.30 0.25 15.76
CA SER C 321 -27.50 -1.07 16.36
C SER C 321 -28.71 -1.07 17.29
N VAL C 322 -28.81 -0.06 18.17
CA VAL C 322 -29.94 0.01 19.07
C VAL C 322 -31.22 0.35 18.30
N GLY C 323 -31.10 1.16 17.24
CA GLY C 323 -32.26 1.45 16.41
C GLY C 323 -32.79 0.24 15.68
N THR C 324 -31.90 -0.70 15.33
CA THR C 324 -32.34 -1.94 14.70
C THR C 324 -33.15 -2.78 15.67
N LEU C 325 -32.78 -2.78 16.95
CA LEU C 325 -33.52 -3.54 17.94
C LEU C 325 -34.84 -2.87 18.27
N ALA C 326 -34.89 -1.54 18.22
CA ALA C 326 -36.13 -0.83 18.49
C ALA C 326 -37.13 -1.03 17.35
N ALA C 327 -36.64 -1.12 16.12
CA ALA C 327 -37.52 -1.38 14.99
C ALA C 327 -38.08 -2.80 15.03
N SER C 328 -37.31 -3.74 15.57
CA SER C 328 -37.80 -5.11 15.71
C SER C 328 -38.82 -5.23 16.83
N SER C 329 -38.72 -4.37 17.85
CA SER C 329 -39.71 -4.39 18.94
C SER C 329 -41.05 -3.83 18.48
N VAL C 330 -41.06 -3.02 17.43
CA VAL C 330 -42.33 -2.56 16.86
C VAL C 330 -43.06 -3.73 16.21
N ILE C 331 -42.32 -4.61 15.52
CA ILE C 331 -42.92 -5.81 14.95
C ILE C 331 -43.40 -6.74 16.05
N PHE C 332 -42.67 -6.79 17.17
CA PHE C 332 -43.08 -7.62 18.29
C PHE C 332 -44.41 -7.16 18.87
N VAL C 333 -44.60 -5.84 19.01
CA VAL C 333 -45.83 -5.34 19.59
C VAL C 333 -47.02 -5.59 18.68
N GLN C 334 -46.84 -5.38 17.37
CA GLN C 334 -47.92 -5.62 16.43
C GLN C 334 -48.33 -7.09 16.39
N LYS C 335 -47.40 -8.00 16.64
CA LYS C 335 -47.68 -9.43 16.64
C LYS C 335 -48.54 -9.86 17.82
N LEU C 336 -48.75 -9.00 18.81
CA LEU C 336 -49.59 -9.33 19.94
C LEU C 336 -51.07 -9.37 19.58
N GLY C 337 -51.45 -8.75 18.46
CA GLY C 337 -52.84 -8.80 18.04
C GLY C 337 -53.28 -10.19 17.61
N SER C 338 -52.40 -10.90 16.90
CA SER C 338 -52.74 -12.24 16.43
C SER C 338 -52.72 -13.25 17.57
N ILE C 339 -51.74 -13.14 18.47
CA ILE C 339 -51.56 -14.14 19.51
C ILE C 339 -52.62 -13.90 20.58
N GLY C 340 -53.72 -14.64 20.50
CA GLY C 340 -54.84 -14.41 21.38
C GLY C 340 -55.53 -13.10 21.04
N ASN C 341 -56.60 -12.84 21.76
CA ASN C 341 -57.24 -11.54 21.61
C ASN C 341 -57.37 -10.81 22.94
N PRO C 342 -56.34 -10.78 23.78
CA PRO C 342 -56.29 -9.78 24.84
C PRO C 342 -55.95 -8.42 24.27
N PRO C 343 -56.93 -7.52 24.21
CA PRO C 343 -56.64 -6.16 23.73
C PRO C 343 -55.85 -5.36 24.74
N ALA C 344 -55.32 -4.24 24.27
CA ALA C 344 -54.64 -3.33 25.17
C ALA C 344 -55.61 -2.82 26.24
N SER C 345 -55.16 -2.81 27.49
CA SER C 345 -56.04 -2.49 28.62
C SER C 345 -55.93 -1.04 29.07
N LYS C 346 -54.72 -0.61 29.46
CA LYS C 346 -54.48 0.77 29.84
C LYS C 346 -53.62 1.52 28.83
N THR C 347 -52.98 0.81 27.90
CA THR C 347 -52.19 1.46 26.87
C THR C 347 -53.05 2.30 25.93
N MET C 348 -54.34 2.02 25.84
CA MET C 348 -55.16 2.64 24.80
C MET C 348 -55.46 4.10 25.14
N LYS C 349 -55.62 4.42 26.43
CA LYS C 349 -55.76 5.82 26.82
C LYS C 349 -54.45 6.58 26.70
N TRP C 350 -53.35 5.99 27.17
CA TRP C 350 -52.04 6.60 26.94
C TRP C 350 -51.75 6.77 25.45
N THR C 351 -52.10 5.76 24.65
CA THR C 351 -51.77 5.83 23.23
C THR C 351 -52.54 6.95 22.54
N HIS C 352 -53.78 7.21 22.97
CA HIS C 352 -54.60 8.22 22.32
C HIS C 352 -54.13 9.62 22.64
N ARG C 353 -53.66 9.85 23.88
CA ARG C 353 -53.18 11.18 24.26
C ARG C 353 -51.88 11.54 23.55
N ILE C 354 -50.93 10.62 23.48
CA ILE C 354 -49.70 10.86 22.75
C ILE C 354 -49.93 10.98 21.25
N ALA C 355 -51.00 10.36 20.75
CA ALA C 355 -51.21 10.32 19.31
C ALA C 355 -51.23 11.71 18.67
N PRO C 356 -51.86 12.73 19.26
CA PRO C 356 -51.85 14.05 18.62
C PRO C 356 -50.50 14.76 18.71
N PHE C 357 -49.77 14.62 19.82
CA PHE C 357 -48.51 15.33 19.96
C PHE C 357 -47.50 14.89 18.90
N VAL C 358 -47.36 13.60 18.69
CA VAL C 358 -46.62 13.07 17.55
C VAL C 358 -47.63 12.98 16.40
N LEU C 359 -47.39 13.74 15.33
CA LEU C 359 -48.46 14.07 14.38
C LEU C 359 -48.85 12.81 13.62
N ILE C 360 -49.71 12.00 14.24
CA ILE C 360 -50.26 10.79 13.64
C ILE C 360 -51.73 10.72 14.02
N GLN C 361 -52.56 10.33 13.06
CA GLN C 361 -54.01 10.30 13.25
C GLN C 361 -54.55 8.92 12.91
N MET C 362 -55.71 8.61 13.48
CA MET C 362 -56.28 7.27 13.35
C MET C 362 -56.78 7.03 11.93
N PRO C 363 -56.58 5.83 11.39
CA PRO C 363 -57.13 5.52 10.07
C PRO C 363 -58.65 5.42 10.11
N LEU C 364 -59.25 5.54 8.93
CA LEU C 364 -60.70 5.48 8.83
C LEU C 364 -61.24 4.12 9.26
N VAL C 365 -60.56 3.04 8.86
CA VAL C 365 -61.06 1.70 9.17
C VAL C 365 -61.13 1.50 10.68
N MET C 366 -60.16 2.03 11.41
CA MET C 366 -60.17 1.90 12.86
C MET C 366 -61.32 2.69 13.48
N LYS C 367 -61.61 3.87 12.93
CA LYS C 367 -62.74 4.66 13.42
C LYS C 367 -64.06 3.96 13.15
N GLN C 368 -64.18 3.29 12.00
CA GLN C 368 -65.38 2.53 11.70
C GLN C 368 -65.56 1.37 12.66
N ALA C 369 -64.48 0.68 13.00
CA ALA C 369 -64.57 -0.43 13.94
C ALA C 369 -65.04 0.05 15.32
N TYR C 370 -64.54 1.20 15.76
CA TYR C 370 -64.95 1.72 17.06
C TYR C 370 -66.44 2.03 17.08
N ALA C 371 -66.95 2.64 16.02
CA ALA C 371 -68.38 2.92 15.94
C ALA C 371 -69.20 1.64 15.89
N LYS C 372 -68.73 0.65 15.12
CA LYS C 372 -69.44 -0.62 15.05
C LYS C 372 -69.53 -1.28 16.43
N ARG C 373 -68.43 -1.29 17.18
CA ARG C 373 -68.46 -1.81 18.53
C ARG C 373 -69.36 -0.99 19.44
N ALA C 374 -69.53 0.30 19.16
CA ALA C 374 -70.43 1.13 19.93
C ALA C 374 -71.89 0.87 19.62
N LYS C 375 -72.19 0.29 18.46
CA LYS C 375 -73.56 -0.10 18.14
C LYS C 375 -74.00 -1.32 18.95
N GLU C 376 -73.16 -2.35 19.04
CA GLU C 376 -73.41 -3.43 19.98
C GLU C 376 -73.32 -2.97 21.43
N GLU C 377 -72.63 -1.85 21.68
CA GLU C 377 -72.57 -1.30 23.03
C GLU C 377 -73.96 -0.87 23.52
N LYS C 378 -74.76 -0.29 22.63
CA LYS C 378 -76.10 0.18 22.97
C LYS C 378 -77.19 -0.75 22.45
N HIS C 379 -77.16 -1.08 21.15
CA HIS C 379 -78.22 -1.88 20.56
C HIS C 379 -78.29 -3.26 21.21
N ARG C 380 -77.13 -3.89 21.44
CA ARG C 380 -77.11 -5.21 22.05
C ARG C 380 -77.08 -5.16 23.57
N LYS C 381 -76.86 -3.98 24.15
CA LYS C 381 -76.88 -3.86 25.61
C LYS C 381 -78.30 -3.93 26.15
N ARG C 382 -79.22 -3.21 25.52
CA ARG C 382 -80.59 -3.13 26.02
C ARG C 382 -81.43 -4.33 25.62
N MET C 383 -80.93 -5.19 24.73
CA MET C 383 -81.65 -6.44 24.45
C MET C 383 -81.63 -7.36 25.64
N SER C 384 -80.65 -7.22 26.53
CA SER C 384 -80.61 -8.00 27.77
C SER C 384 -81.69 -7.61 28.74
N ARG C 385 -82.33 -6.46 28.56
CA ARG C 385 -83.40 -6.01 29.44
C ARG C 385 -84.59 -6.96 29.40
N ASN C 550 -60.92 -8.98 14.90
CA ASN C 550 -60.12 -8.15 14.01
C ASN C 550 -59.96 -6.75 14.60
N ILE C 551 -60.84 -6.39 15.53
CA ILE C 551 -60.68 -5.13 16.25
C ILE C 551 -59.47 -5.20 17.17
N VAL C 552 -59.23 -6.36 17.78
CA VAL C 552 -58.06 -6.52 18.64
C VAL C 552 -56.79 -6.34 17.83
N GLU C 553 -56.78 -6.82 16.58
CA GLU C 553 -55.61 -6.62 15.72
C GLU C 553 -55.45 -5.15 15.35
N LEU C 554 -56.56 -4.45 15.16
CA LEU C 554 -56.48 -3.02 14.85
C LEU C 554 -55.92 -2.24 16.03
N GLU C 555 -56.32 -2.58 17.25
CA GLU C 555 -55.85 -1.85 18.42
C GLU C 555 -54.35 -2.03 18.63
N TRP C 556 -53.84 -3.25 18.40
CA TRP C 556 -52.40 -3.45 18.53
C TRP C 556 -51.64 -2.84 17.36
N ASP C 557 -52.28 -2.75 16.19
CA ASP C 557 -51.68 -2.01 15.09
C ASP C 557 -51.54 -0.53 15.44
N TRP C 558 -52.54 0.04 16.11
CA TRP C 558 -52.48 1.44 16.51
C TRP C 558 -51.35 1.69 17.50
N VAL C 559 -51.20 0.81 18.49
CA VAL C 559 -50.15 0.99 19.49
C VAL C 559 -48.77 0.96 18.84
N ALA C 560 -48.55 0.01 17.93
CA ALA C 560 -47.27 -0.07 17.25
C ALA C 560 -47.02 1.16 16.39
N ALA C 561 -48.06 1.67 15.72
CA ALA C 561 -47.90 2.83 14.86
C ALA C 561 -47.50 4.07 15.67
N VAL C 562 -48.12 4.25 16.84
CA VAL C 562 -47.75 5.38 17.70
C VAL C 562 -46.36 5.19 18.28
N LEU C 563 -46.03 3.95 18.67
CA LEU C 563 -44.74 3.69 19.29
C LEU C 563 -43.58 3.96 18.33
N GLU C 564 -43.73 3.54 17.07
CA GLU C 564 -42.65 3.77 16.12
C GLU C 564 -42.55 5.24 15.72
N ARG C 565 -43.63 5.98 15.83
CA ARG C 565 -43.55 7.43 15.64
C ARG C 565 -42.78 8.09 16.78
N VAL C 566 -42.89 7.53 17.98
CA VAL C 566 -42.10 8.02 19.11
C VAL C 566 -40.62 7.69 18.90
N PHE C 567 -40.33 6.49 18.38
CA PHE C 567 -38.95 6.12 18.12
C PHE C 567 -38.31 7.05 17.10
N LEU C 568 -39.06 7.43 16.06
CA LEU C 568 -38.52 8.31 15.03
C LEU C 568 -38.10 9.65 15.61
N ILE C 569 -38.92 10.21 16.50
CA ILE C 569 -38.60 11.51 17.10
C ILE C 569 -37.44 11.37 18.08
N PHE C 570 -37.44 10.30 18.89
CA PHE C 570 -36.40 10.14 19.89
C PHE C 570 -35.04 9.96 19.26
N PHE C 571 -34.95 9.13 18.21
CA PHE C 571 -33.65 8.85 17.59
C PHE C 571 -33.18 9.99 16.70
N THR C 572 -34.08 10.89 16.30
CA THR C 572 -33.66 12.05 15.52
C THR C 572 -32.95 13.08 16.38
N ILE C 573 -33.45 13.31 17.59
CA ILE C 573 -32.81 14.27 18.48
C ILE C 573 -31.49 13.69 19.01
N CYS C 574 -31.46 12.39 19.30
CA CYS C 574 -30.23 11.77 19.77
C CYS C 574 -29.13 11.89 18.72
N PHE C 575 -29.48 11.72 17.44
CA PHE C 575 -28.51 11.90 16.38
C PHE C 575 -28.03 13.34 16.29
N LEU C 576 -28.95 14.30 16.37
CA LEU C 576 -28.58 15.71 16.23
C LEU C 576 -27.65 16.14 17.36
N PHE C 577 -27.97 15.75 18.60
CA PHE C 577 -27.12 16.13 19.72
C PHE C 577 -25.77 15.44 19.68
N SER C 578 -25.68 14.24 19.10
CA SER C 578 -24.41 13.54 19.01
C SER C 578 -23.52 14.14 17.93
N ALA C 579 -24.02 14.22 16.69
CA ALA C 579 -23.22 14.75 15.60
C ALA C 579 -22.88 16.22 15.84
N ILE C 580 -23.88 17.02 16.22
CA ILE C 580 -23.64 18.44 16.43
C ILE C 580 -22.87 18.69 17.73
N GLY C 581 -23.24 17.98 18.80
CA GLY C 581 -22.63 18.24 20.09
C GLY C 581 -21.14 17.94 20.12
N ILE C 582 -20.74 16.81 19.53
CA ILE C 582 -19.33 16.44 19.55
C ILE C 582 -18.50 17.43 18.75
N ASN C 583 -18.98 17.81 17.56
CA ASN C 583 -18.21 18.71 16.71
C ASN C 583 -18.20 20.13 17.30
N LEU C 584 -19.30 20.58 17.87
CA LEU C 584 -19.32 21.91 18.49
C LEU C 584 -18.40 21.96 19.70
N TYR C 585 -18.37 20.90 20.50
CA TYR C 585 -17.43 20.84 21.61
C TYR C 585 -15.99 20.86 21.11
N GLY C 586 -15.70 20.09 20.06
CA GLY C 586 -14.35 20.07 19.52
C GLY C 586 -13.93 21.42 18.97
N TRP C 587 -14.83 22.09 18.25
CA TRP C 587 -14.52 23.41 17.72
C TRP C 587 -14.29 24.41 18.84
N TYR C 588 -15.04 24.30 19.93
CA TYR C 588 -14.85 25.20 21.07
C TYR C 588 -13.46 25.04 21.67
N ILE C 589 -13.01 23.80 21.85
CA ILE C 589 -11.67 23.56 22.36
C ILE C 589 -10.63 24.07 21.38
N TRP C 590 -10.83 23.80 20.09
CA TRP C 590 -9.91 24.28 19.07
C TRP C 590 -9.87 25.79 19.01
N TYR C 591 -11.02 26.44 19.15
CA TYR C 591 -11.07 27.90 19.06
C TYR C 591 -10.36 28.56 20.22
N THR C 592 -10.49 28.00 21.43
CA THR C 592 -9.87 28.62 22.59
C THR C 592 -8.35 28.45 22.59
N GLU C 593 -7.84 27.40 21.94
CA GLU C 593 -6.40 27.21 21.88
C GLU C 593 -5.72 28.34 21.13
N ASN C 594 -6.06 28.52 19.86
CA ASN C 594 -5.37 29.52 19.04
C ASN C 594 -5.68 30.93 19.51
N HIS C 595 -6.93 31.21 19.85
CA HIS C 595 -7.34 32.58 20.11
C HIS C 595 -6.85 33.10 21.46
N PHE C 596 -6.78 32.24 22.47
CA PHE C 596 -6.41 32.67 23.81
C PHE C 596 -5.17 32.00 24.38
N LEU C 597 -4.87 30.76 23.98
CA LEU C 597 -3.72 30.06 24.56
C LEU C 597 -2.81 29.48 23.49
N PRO D 22 59.37 14.08 -24.39
CA PRO D 22 59.60 12.71 -24.85
C PRO D 22 58.29 11.94 -25.01
N ASP D 23 58.25 10.73 -24.47
CA ASP D 23 57.03 9.92 -24.51
C ASP D 23 55.95 10.43 -23.58
N ILE D 24 56.29 11.34 -22.66
CA ILE D 24 55.29 11.93 -21.78
C ILE D 24 54.38 12.84 -22.60
N PRO D 25 53.07 12.69 -22.53
CA PRO D 25 52.19 13.57 -23.30
C PRO D 25 52.36 15.03 -22.88
N ILE D 26 52.10 15.94 -23.82
CA ILE D 26 52.25 17.36 -23.55
C ILE D 26 51.31 17.78 -22.42
N GLN D 27 50.11 17.20 -22.38
CA GLN D 27 49.17 17.54 -21.33
C GLN D 27 49.66 17.15 -19.94
N TYR D 28 50.65 16.26 -19.86
CA TYR D 28 51.19 15.86 -18.57
C TYR D 28 51.97 17.02 -17.93
N GLU D 29 52.84 17.66 -18.70
CA GLU D 29 53.61 18.77 -18.17
C GLU D 29 52.79 20.05 -18.06
N LEU D 30 51.74 20.16 -18.89
CA LEU D 30 50.81 21.29 -18.74
C LEU D 30 50.10 21.23 -17.40
N ALA D 31 49.63 20.04 -17.01
CA ALA D 31 48.96 19.89 -15.73
C ALA D 31 49.92 20.16 -14.57
N ASN D 32 51.16 19.67 -14.68
CA ASN D 32 52.13 19.93 -13.63
C ASN D 32 52.44 21.41 -13.52
N ASN D 33 52.40 22.14 -14.63
CA ASN D 33 52.72 23.56 -14.60
C ASN D 33 51.65 24.36 -13.86
N ILE D 34 50.38 24.11 -14.16
CA ILE D 34 49.31 24.92 -13.58
C ILE D 34 48.85 24.41 -12.23
N MET D 35 49.12 23.16 -11.89
CA MET D 35 48.76 22.60 -10.59
C MET D 35 49.86 22.78 -9.56
N GLU D 36 50.95 23.46 -9.92
CA GLU D 36 52.11 23.56 -9.03
C GLU D 36 51.74 24.21 -7.72
N ASN D 37 51.34 25.49 -7.76
CA ASN D 37 51.03 26.25 -6.56
C ASN D 37 49.53 26.37 -6.30
N TYR D 38 48.71 25.64 -7.04
CA TYR D 38 47.27 25.72 -6.86
C TYR D 38 46.85 25.12 -5.53
N GLN D 39 45.86 25.74 -4.91
CA GLN D 39 45.29 25.28 -3.65
C GLN D 39 43.77 25.27 -3.82
N LYS D 40 43.20 24.08 -4.01
CA LYS D 40 41.78 23.97 -4.33
C LYS D 40 40.86 24.30 -3.17
N GLY D 41 41.39 24.43 -1.95
CA GLY D 41 40.56 24.76 -0.82
C GLY D 41 40.24 26.23 -0.65
N LEU D 42 40.84 27.09 -1.46
CA LEU D 42 40.67 28.53 -1.35
C LEU D 42 40.05 29.07 -2.63
N ILE D 43 39.27 30.15 -2.49
CA ILE D 43 38.62 30.74 -3.66
C ILE D 43 39.70 31.25 -4.62
N PRO D 44 39.64 30.90 -5.91
CA PRO D 44 40.71 31.26 -6.86
C PRO D 44 40.50 32.60 -7.55
N LYS D 45 40.57 33.68 -6.77
CA LYS D 45 40.45 35.02 -7.34
C LYS D 45 41.59 35.88 -6.84
N VAL D 46 42.18 36.66 -7.76
CA VAL D 46 43.32 37.50 -7.45
C VAL D 46 43.04 38.98 -7.65
N ARG D 47 41.96 39.35 -8.34
CA ARG D 47 41.69 40.73 -8.67
C ARG D 47 41.23 41.50 -7.43
N LYS D 48 41.01 42.80 -7.61
CA LYS D 48 40.90 43.72 -6.48
C LYS D 48 39.73 43.40 -5.55
N GLY D 49 38.50 43.55 -6.05
CA GLY D 49 37.35 43.35 -5.21
C GLY D 49 36.15 42.78 -5.93
N SER D 50 36.32 42.40 -7.18
CA SER D 50 35.22 41.84 -7.94
C SER D 50 34.96 40.40 -7.52
N PRO D 51 33.70 39.96 -7.59
CA PRO D 51 33.40 38.55 -7.31
C PRO D 51 33.72 37.66 -8.49
N ILE D 52 33.51 36.36 -8.29
CA ILE D 52 33.62 35.40 -9.37
C ILE D 52 32.23 35.21 -9.98
N ASN D 53 32.12 35.44 -11.28
CA ASN D 53 30.84 35.33 -11.97
C ASN D 53 30.64 33.90 -12.44
N VAL D 54 29.58 33.26 -11.96
CA VAL D 54 29.22 31.90 -12.34
C VAL D 54 27.96 31.97 -13.18
N THR D 55 28.00 31.37 -14.37
CA THR D 55 26.85 31.31 -15.26
C THR D 55 26.27 29.91 -15.22
N LEU D 56 24.97 29.81 -14.98
CA LEU D 56 24.28 28.54 -14.89
C LEU D 56 23.30 28.41 -16.04
N SER D 57 23.26 27.23 -16.66
CA SER D 57 22.35 26.93 -17.76
C SER D 57 21.64 25.62 -17.46
N LEU D 58 20.34 25.60 -17.67
CA LEU D 58 19.51 24.44 -17.34
C LEU D 58 18.76 23.95 -18.57
N GLN D 59 18.78 22.63 -18.78
CA GLN D 59 18.00 21.96 -19.81
C GLN D 59 17.11 20.92 -19.13
N LEU D 60 15.83 20.95 -19.46
CA LEU D 60 14.89 19.95 -18.96
C LEU D 60 14.84 18.78 -19.93
N TYR D 61 15.07 17.58 -19.42
CA TYR D 61 15.02 16.37 -20.23
C TYR D 61 13.80 15.51 -19.95
N GLN D 62 13.31 15.48 -18.72
CA GLN D 62 12.21 14.61 -18.37
C GLN D 62 11.59 15.06 -17.05
N ILE D 63 10.27 15.04 -16.99
CA ILE D 63 9.54 15.20 -15.73
C ILE D 63 9.24 13.77 -15.26
N ILE D 64 10.05 13.29 -14.33
CA ILE D 64 9.92 11.90 -13.89
C ILE D 64 8.59 11.69 -13.16
N GLN D 65 8.23 12.60 -12.26
CA GLN D 65 7.08 12.39 -11.42
C GLN D 65 6.54 13.72 -10.92
N VAL D 66 5.23 13.74 -10.65
CA VAL D 66 4.58 14.86 -9.96
C VAL D 66 3.78 14.22 -8.83
N ASN D 67 4.34 14.20 -7.62
CA ASN D 67 3.71 13.55 -6.47
C ASN D 67 2.75 14.53 -5.81
N GLU D 68 1.48 14.44 -6.17
CA GLU D 68 0.49 15.36 -5.63
C GLU D 68 0.26 15.17 -4.13
N PRO D 69 0.02 13.96 -3.62
CA PRO D 69 -0.16 13.81 -2.17
C PRO D 69 1.06 14.26 -1.36
N GLN D 70 2.27 14.05 -1.87
CA GLN D 70 3.48 14.49 -1.20
C GLN D 70 3.89 15.89 -1.60
N GLN D 71 3.43 16.38 -2.75
CA GLN D 71 3.67 17.75 -3.18
C GLN D 71 5.16 18.02 -3.44
N TYR D 72 5.76 17.17 -4.27
CA TYR D 72 7.11 17.41 -4.74
C TYR D 72 7.20 17.04 -6.21
N LEU D 73 8.16 17.66 -6.89
CA LEU D 73 8.40 17.44 -8.32
C LEU D 73 9.75 16.76 -8.50
N LEU D 74 9.80 15.75 -9.36
CA LEU D 74 11.02 15.02 -9.67
C LEU D 74 11.40 15.34 -11.12
N LEU D 75 12.55 15.99 -11.30
CA LEU D 75 12.98 16.48 -12.61
C LEU D 75 14.33 15.88 -12.98
N ASN D 76 14.49 15.62 -14.28
CA ASN D 76 15.77 15.19 -14.86
C ASN D 76 16.27 16.32 -15.74
N ALA D 77 17.36 16.96 -15.33
CA ALA D 77 17.88 18.13 -16.02
C ALA D 77 19.36 17.95 -16.34
N TRP D 78 19.82 18.72 -17.32
CA TRP D 78 21.23 18.80 -17.70
C TRP D 78 21.75 20.17 -17.29
N ALA D 79 22.76 20.20 -16.44
CA ALA D 79 23.29 21.43 -15.88
C ALA D 79 24.65 21.76 -16.49
N VAL D 80 24.89 23.05 -16.71
CA VAL D 80 26.18 23.55 -17.18
C VAL D 80 26.55 24.77 -16.35
N GLU D 81 27.78 24.79 -15.84
CA GLU D 81 28.29 25.91 -15.07
C GLU D 81 29.60 26.39 -15.68
N ARG D 82 29.76 27.71 -15.77
CA ARG D 82 30.95 28.31 -16.35
C ARG D 82 31.44 29.45 -15.46
N TRP D 83 32.74 29.47 -15.19
CA TRP D 83 33.38 30.57 -14.47
C TRP D 83 34.85 30.61 -14.85
N VAL D 84 35.49 31.73 -14.54
CA VAL D 84 36.91 31.92 -14.86
C VAL D 84 37.73 31.69 -13.60
N ASP D 85 38.67 30.76 -13.68
CA ASP D 85 39.62 30.51 -12.60
C ASP D 85 40.86 31.33 -12.86
N GLN D 86 41.10 32.34 -12.01
CA GLN D 86 42.17 33.30 -12.25
C GLN D 86 43.55 32.75 -11.95
N MET D 87 43.65 31.50 -11.49
CA MET D 87 44.92 30.91 -11.10
C MET D 87 45.40 29.80 -12.03
N LEU D 88 44.64 29.49 -13.08
CA LEU D 88 44.92 28.33 -13.92
C LEU D 88 45.20 28.71 -15.37
N GLY D 89 45.74 29.90 -15.61
CA GLY D 89 46.06 30.31 -16.96
C GLY D 89 47.43 29.84 -17.40
N TRP D 90 47.59 29.66 -18.71
CA TRP D 90 48.86 29.24 -19.27
C TRP D 90 49.00 29.81 -20.68
N ASP D 91 50.23 29.83 -21.18
CA ASP D 91 50.52 30.31 -22.52
C ASP D 91 50.55 29.13 -23.49
N PRO D 92 49.66 29.10 -24.49
CA PRO D 92 49.65 27.94 -25.41
C PRO D 92 50.96 27.74 -26.16
N SER D 93 51.69 28.81 -26.45
CA SER D 93 52.92 28.67 -27.23
C SER D 93 53.94 27.79 -26.53
N GLU D 94 53.86 27.67 -25.21
CA GLU D 94 54.81 26.88 -24.45
C GLU D 94 54.45 25.40 -24.39
N PHE D 95 53.25 25.01 -24.82
CA PHE D 95 52.76 23.65 -24.66
C PHE D 95 52.13 23.14 -25.95
N ASP D 96 52.86 23.31 -27.06
CA ASP D 96 52.45 22.72 -28.34
C ASP D 96 51.10 23.26 -28.81
N ASN D 97 50.84 24.54 -28.54
CA ASN D 97 49.60 25.20 -28.94
C ASN D 97 48.38 24.58 -28.26
N GLU D 98 48.59 23.99 -27.10
CA GLU D 98 47.47 23.42 -26.35
C GLU D 98 46.61 24.52 -25.74
N THR D 99 45.30 24.41 -25.96
CA THR D 99 44.35 25.39 -25.49
C THR D 99 43.32 24.84 -24.51
N GLU D 100 43.03 23.55 -24.55
CA GLU D 100 42.09 22.91 -23.64
C GLU D 100 42.78 21.77 -22.91
N ILE D 101 42.22 21.42 -21.76
CA ILE D 101 42.66 20.26 -20.99
C ILE D 101 41.50 19.80 -20.12
N MET D 102 41.39 18.49 -19.94
CA MET D 102 40.32 17.89 -19.15
C MET D 102 40.91 17.38 -17.83
N ALA D 103 40.26 17.75 -16.73
CA ALA D 103 40.72 17.37 -15.40
C ALA D 103 39.53 16.91 -14.56
N ARG D 104 39.84 16.17 -13.50
CA ARG D 104 38.79 15.74 -12.58
C ARG D 104 38.26 16.92 -11.78
N HIS D 105 36.97 16.83 -11.43
CA HIS D 105 36.33 17.93 -10.72
C HIS D 105 36.85 18.08 -9.29
N ASP D 106 37.47 17.05 -8.74
CA ASP D 106 37.96 17.09 -7.36
C ASP D 106 39.36 17.69 -7.26
N ASP D 107 39.96 18.08 -8.37
CA ASP D 107 41.32 18.64 -8.35
C ASP D 107 41.33 20.15 -8.33
N ILE D 108 40.19 20.80 -8.58
CA ILE D 108 40.11 22.24 -8.64
C ILE D 108 39.01 22.74 -7.71
N TRP D 109 38.91 24.06 -7.58
CA TRP D 109 37.89 24.68 -6.75
C TRP D 109 36.58 24.76 -7.51
N LEU D 110 35.49 24.37 -6.83
CA LEU D 110 34.16 24.39 -7.43
C LEU D 110 33.23 25.24 -6.57
N PRO D 111 32.39 26.06 -7.20
CA PRO D 111 31.39 26.81 -6.43
C PRO D 111 30.34 25.89 -5.84
N ASP D 112 29.79 26.30 -4.70
CA ASP D 112 28.82 25.48 -3.98
C ASP D 112 27.40 25.89 -4.39
N THR D 113 27.07 25.61 -5.64
CA THR D 113 25.73 25.87 -6.15
C THR D 113 24.75 24.96 -5.45
N THR D 114 23.68 25.54 -4.91
CA THR D 114 22.71 24.80 -4.10
C THR D 114 21.30 25.06 -4.60
N LEU D 115 20.46 24.04 -4.49
CA LEU D 115 19.02 24.18 -4.71
C LEU D 115 18.38 24.43 -3.35
N TYR D 116 17.89 25.66 -3.16
CA TYR D 116 17.43 26.07 -1.84
C TYR D 116 16.25 25.23 -1.36
N ASN D 117 15.31 24.92 -2.25
CA ASN D 117 14.12 24.17 -1.90
C ASN D 117 14.24 22.67 -2.20
N SER D 118 15.45 22.11 -2.09
CA SER D 118 15.65 20.69 -2.34
C SER D 118 15.15 19.86 -1.17
N LEU D 119 14.56 18.70 -1.48
CA LEU D 119 14.13 17.73 -0.48
C LEU D 119 15.15 16.62 -0.28
N GLU D 120 16.32 16.72 -0.90
CA GLU D 120 17.36 15.71 -0.82
C GLU D 120 18.65 16.40 -0.41
N MET D 121 19.26 15.94 0.68
CA MET D 121 20.50 16.55 1.17
C MET D 121 21.75 15.87 0.61
N ASP D 122 21.65 14.60 0.26
CA ASP D 122 22.81 13.85 -0.24
C ASP D 122 23.01 14.17 -1.72
N ASP D 123 24.10 14.88 -2.03
CA ASP D 123 24.38 15.22 -3.42
C ASP D 123 24.80 14.02 -4.24
N SER D 124 25.15 12.91 -3.60
CA SER D 124 25.50 11.70 -4.34
C SER D 124 24.30 11.14 -5.08
N ALA D 125 23.11 11.31 -4.55
CA ALA D 125 21.90 10.77 -5.13
C ALA D 125 21.23 11.71 -6.13
N SER D 126 21.77 12.91 -6.34
CA SER D 126 21.16 13.87 -7.25
C SER D 126 22.11 14.41 -8.31
N LYS D 127 23.42 14.17 -8.19
CA LYS D 127 24.39 14.75 -9.11
C LYS D 127 25.38 13.68 -9.54
N LYS D 128 26.05 13.93 -10.66
CA LYS D 128 27.10 13.06 -11.17
C LYS D 128 28.18 13.96 -11.76
N LEU D 129 29.17 14.31 -10.93
CA LEU D 129 30.26 15.17 -11.34
C LEU D 129 31.51 14.32 -11.54
N THR D 130 32.09 14.38 -12.74
CA THR D 130 33.28 13.62 -13.05
C THR D 130 34.47 14.49 -13.44
N HIS D 131 34.31 15.38 -14.41
CA HIS D 131 35.45 16.10 -14.98
C HIS D 131 35.07 17.55 -15.26
N VAL D 132 36.10 18.37 -15.45
CA VAL D 132 35.94 19.76 -15.85
C VAL D 132 36.81 20.01 -17.07
N LYS D 133 36.42 21.01 -17.86
CA LYS D 133 37.16 21.42 -19.03
C LYS D 133 37.79 22.78 -18.77
N LEU D 134 39.09 22.87 -19.03
CA LEU D 134 39.86 24.09 -18.78
C LEU D 134 40.31 24.66 -20.12
N THR D 135 39.95 25.93 -20.38
CA THR D 135 40.36 26.63 -21.58
C THR D 135 41.13 27.87 -21.17
N THR D 136 42.39 27.95 -21.60
CA THR D 136 43.25 29.06 -21.19
C THR D 136 42.78 30.37 -21.81
N LEU D 137 42.95 31.44 -21.04
CA LEU D 137 42.69 32.80 -21.51
C LEU D 137 43.97 33.62 -21.63
N GLY D 138 45.11 33.03 -21.31
CA GLY D 138 46.37 33.73 -21.23
C GLY D 138 47.10 33.31 -19.97
N LYS D 139 48.41 33.59 -19.94
CA LYS D 139 49.22 33.11 -18.83
C LYS D 139 48.77 33.68 -17.49
N ASN D 140 48.44 34.97 -17.46
CA ASN D 140 47.98 35.61 -16.24
C ASN D 140 46.52 36.03 -16.30
N GLN D 141 45.77 35.60 -17.32
CA GLN D 141 44.36 35.94 -17.44
C GLN D 141 43.44 34.89 -16.84
N GLY D 142 43.96 33.74 -16.44
CA GLY D 142 43.13 32.67 -15.93
C GLY D 142 42.64 31.75 -17.01
N ALA D 143 41.80 30.80 -16.60
CA ALA D 143 41.21 29.83 -17.52
C ALA D 143 39.71 29.74 -17.29
N MET D 144 38.97 29.53 -18.37
CA MET D 144 37.53 29.35 -18.29
C MET D 144 37.21 27.90 -17.99
N VAL D 145 36.40 27.66 -16.97
CA VAL D 145 36.07 26.32 -16.51
C VAL D 145 34.65 25.98 -16.94
N GLU D 146 34.48 24.79 -17.53
CA GLU D 146 33.17 24.29 -17.93
C GLU D 146 32.86 23.05 -17.09
N LEU D 147 31.69 23.05 -16.45
CA LEU D 147 31.24 21.92 -15.63
C LEU D 147 29.91 21.44 -16.17
N LEU D 148 29.87 20.17 -16.58
CA LEU D 148 28.67 19.54 -17.11
C LEU D 148 28.31 18.35 -16.23
N TYR D 149 27.03 18.21 -15.90
CA TYR D 149 26.62 17.06 -15.12
C TYR D 149 25.11 16.84 -15.22
N PRO D 150 24.65 15.59 -15.19
CA PRO D 150 23.21 15.33 -15.11
C PRO D 150 22.73 15.38 -13.67
N THR D 151 21.46 15.74 -13.51
CA THR D 151 20.88 15.92 -12.18
C THR D 151 19.49 15.32 -12.15
N ILE D 152 19.05 14.96 -10.95
CA ILE D 152 17.67 14.58 -10.67
C ILE D 152 17.25 15.41 -9.47
N TYR D 153 16.43 16.43 -9.70
CA TYR D 153 16.04 17.35 -8.66
C TYR D 153 14.70 16.95 -8.05
N LYS D 154 14.65 16.90 -6.72
CA LYS D 154 13.43 16.65 -5.96
C LYS D 154 13.11 17.93 -5.20
N ILE D 155 12.21 18.73 -5.76
CA ILE D 155 11.89 20.05 -5.21
C ILE D 155 10.49 20.02 -4.63
N SER D 156 10.30 20.77 -3.54
CA SER D 156 8.99 20.89 -2.92
C SER D 156 8.14 21.89 -3.70
N CYS D 157 6.92 21.48 -4.06
CA CYS D 157 6.01 22.33 -4.83
C CYS D 157 4.67 22.40 -4.12
N LEU D 158 4.18 23.63 -3.92
CA LEU D 158 2.87 23.86 -3.33
C LEU D 158 1.84 23.85 -4.45
N LEU D 159 1.02 22.79 -4.48
CA LEU D 159 0.05 22.61 -5.55
C LEU D 159 -1.28 23.22 -5.17
N ASN D 160 -1.88 23.95 -6.11
CA ASN D 160 -3.20 24.55 -5.93
C ASN D 160 -4.19 23.74 -6.76
N LEU D 161 -4.95 22.87 -6.09
CA LEU D 161 -5.89 21.97 -6.75
C LEU D 161 -7.31 22.52 -6.76
N LYS D 162 -7.46 23.83 -6.86
CA LYS D 162 -8.79 24.44 -6.87
C LYS D 162 -9.56 24.03 -8.12
N TYR D 163 -8.88 23.89 -9.25
CA TYR D 163 -9.53 23.55 -10.51
C TYR D 163 -9.28 22.11 -10.93
N PHE D 164 -8.87 21.26 -10.00
CA PHE D 164 -8.61 19.86 -10.32
C PHE D 164 -9.86 19.22 -10.91
N PRO D 165 -9.74 18.44 -11.98
CA PRO D 165 -8.52 18.07 -12.70
C PRO D 165 -8.19 18.95 -13.91
N PHE D 166 -8.55 20.23 -13.90
CA PHE D 166 -8.22 21.16 -14.97
C PHE D 166 -7.20 22.19 -14.49
N ASP D 167 -6.34 21.81 -13.55
CA ASP D 167 -5.47 22.75 -12.87
C ASP D 167 -4.16 22.96 -13.62
N THR D 168 -3.58 24.14 -13.42
CA THR D 168 -2.25 24.48 -13.92
C THR D 168 -1.36 24.77 -12.73
N GLN D 169 -0.15 24.19 -12.73
CA GLN D 169 0.77 24.31 -11.61
C GLN D 169 2.03 25.05 -12.04
N THR D 170 2.62 25.80 -11.11
CA THR D 170 3.88 26.50 -11.32
C THR D 170 4.89 26.00 -10.30
N CYS D 171 6.06 25.58 -10.79
CA CYS D 171 7.11 25.05 -9.94
C CYS D 171 8.33 25.97 -10.04
N ARG D 172 8.83 26.39 -8.88
CA ARG D 172 9.97 27.31 -8.80
C ARG D 172 11.16 26.59 -8.20
N MET D 173 12.31 26.71 -8.85
CA MET D 173 13.58 26.22 -8.32
C MET D 173 14.48 27.42 -8.06
N THR D 174 15.00 27.51 -6.84
CA THR D 174 15.90 28.59 -6.45
C THR D 174 17.32 28.07 -6.37
N PHE D 175 18.24 28.78 -7.00
CA PHE D 175 19.65 28.40 -7.04
C PHE D 175 20.51 29.53 -6.47
N GLY D 176 21.59 29.15 -5.82
CA GLY D 176 22.51 30.12 -5.27
C GLY D 176 23.57 29.44 -4.46
N SER D 177 24.42 30.25 -3.84
CA SER D 177 25.47 29.78 -2.95
C SER D 177 24.97 29.84 -1.52
N TRP D 178 25.34 28.83 -0.73
CA TRP D 178 24.90 28.80 0.66
C TRP D 178 25.85 29.56 1.58
N SER D 179 27.14 29.60 1.26
CA SER D 179 28.14 30.17 2.15
C SER D 179 28.81 31.43 1.59
N PHE D 180 28.68 31.71 0.30
CA PHE D 180 29.34 32.84 -0.32
C PHE D 180 28.31 33.89 -0.69
N ASP D 181 28.61 35.15 -0.40
CA ASP D 181 27.71 36.25 -0.70
C ASP D 181 28.14 36.95 -2.00
N ASN D 182 27.45 38.04 -2.34
CA ASN D 182 27.68 38.70 -3.63
C ASN D 182 29.14 39.12 -3.82
N SER D 183 29.80 39.56 -2.74
CA SER D 183 31.16 40.04 -2.87
C SER D 183 32.14 38.93 -3.26
N LEU D 184 31.72 37.67 -3.18
CA LEU D 184 32.55 36.53 -3.53
C LEU D 184 32.07 35.83 -4.79
N ILE D 185 30.82 35.40 -4.83
CA ILE D 185 30.27 34.66 -5.96
C ILE D 185 29.00 35.36 -6.44
N ASP D 186 28.93 35.64 -7.73
CA ASP D 186 27.76 36.22 -8.36
C ASP D 186 27.23 35.26 -9.43
N TYR D 187 25.91 35.13 -9.49
CA TYR D 187 25.27 34.15 -10.37
C TYR D 187 24.49 34.87 -11.47
N PHE D 188 24.64 34.37 -12.71
CA PHE D 188 23.93 34.87 -13.86
C PHE D 188 23.34 33.71 -14.65
N PRO D 189 22.18 33.90 -15.27
CA PRO D 189 21.58 32.84 -16.07
C PRO D 189 22.03 32.85 -17.52
N ARG D 190 21.94 31.69 -18.14
CA ARG D 190 22.25 31.50 -19.57
C ARG D 190 21.03 30.86 -20.21
N THR D 191 20.37 31.59 -21.10
CA THR D 191 19.12 31.14 -21.68
C THR D 191 19.33 30.54 -23.07
N PHE D 192 18.35 29.74 -23.49
CA PHE D 192 18.38 29.04 -24.76
C PHE D 192 17.52 29.78 -25.78
N THR D 193 17.41 29.20 -26.98
CA THR D 193 16.64 29.83 -28.04
C THR D 193 15.16 29.89 -27.70
N ASN D 194 14.61 28.83 -27.12
CA ASN D 194 13.18 28.77 -26.81
C ASN D 194 12.81 29.44 -25.50
N GLY D 195 13.78 29.73 -24.63
CA GLY D 195 13.49 30.36 -23.37
C GLY D 195 14.55 30.10 -22.32
N PRO D 196 14.25 30.50 -21.08
CA PRO D 196 15.25 30.34 -20.01
C PRO D 196 15.69 28.90 -19.80
N ILE D 197 14.78 27.94 -19.92
CA ILE D 197 15.07 26.52 -19.74
C ILE D 197 14.95 25.84 -21.09
N GLY D 198 16.00 25.12 -21.48
CA GLY D 198 16.00 24.47 -22.78
C GLY D 198 15.05 23.29 -22.82
N LEU D 199 14.41 23.10 -23.98
CA LEU D 199 13.48 22.00 -24.19
C LEU D 199 13.74 21.30 -25.52
N ALA D 200 14.95 21.41 -26.07
CA ALA D 200 15.24 20.79 -27.35
C ALA D 200 15.30 19.27 -27.22
N ASN D 201 15.74 18.77 -26.06
CA ASN D 201 15.86 17.33 -25.83
C ASN D 201 14.77 16.80 -24.91
N PHE D 202 13.74 17.60 -24.65
CA PHE D 202 12.72 17.22 -23.68
C PHE D 202 11.82 16.12 -24.22
N LEU D 203 11.54 15.14 -23.37
CA LEU D 203 10.61 14.06 -23.70
C LEU D 203 9.24 14.41 -23.12
N GLU D 204 8.23 14.46 -23.99
CA GLU D 204 6.91 14.90 -23.57
C GLU D 204 6.34 13.96 -22.51
N ASN D 205 5.59 14.55 -21.57
CA ASN D 205 4.98 13.80 -20.49
C ASN D 205 3.55 13.41 -20.86
N ASP D 206 3.12 12.24 -20.40
CA ASP D 206 1.80 11.72 -20.74
C ASP D 206 0.68 12.35 -19.92
N ALA D 207 1.00 13.02 -18.82
CA ALA D 207 -0.01 13.59 -17.95
C ALA D 207 0.06 15.11 -17.83
N TRP D 208 1.17 15.74 -18.23
CA TRP D 208 1.36 17.17 -18.04
C TRP D 208 1.92 17.78 -19.32
N SER D 209 1.62 19.06 -19.52
CA SER D 209 2.15 19.85 -20.62
C SER D 209 2.95 21.01 -20.04
N VAL D 210 4.06 21.34 -20.71
CA VAL D 210 4.91 22.45 -20.28
C VAL D 210 4.46 23.69 -21.05
N LEU D 211 3.76 24.61 -20.36
CA LEU D 211 3.27 25.81 -21.01
C LEU D 211 4.38 26.81 -21.29
N GLY D 212 5.33 26.94 -20.37
CA GLY D 212 6.44 27.87 -20.56
C GLY D 212 7.36 27.84 -19.37
N THR D 213 8.44 28.61 -19.49
CA THR D 213 9.46 28.70 -18.45
C THR D 213 9.86 30.15 -18.24
N LYS D 214 10.36 30.45 -17.05
CA LYS D 214 10.80 31.79 -16.69
C LYS D 214 12.03 31.72 -15.81
N VAL D 215 12.83 32.78 -15.83
CA VAL D 215 14.01 32.91 -14.98
C VAL D 215 14.08 34.34 -14.47
N ASN D 216 14.38 34.49 -13.18
CA ASN D 216 14.51 35.80 -12.55
C ASN D 216 15.78 35.81 -11.71
N ARG D 217 16.54 36.90 -11.80
CA ARG D 217 17.74 37.09 -11.01
C ARG D 217 17.45 38.14 -9.94
N GLU D 218 17.58 37.75 -8.67
CA GLU D 218 17.21 38.59 -7.56
C GLU D 218 18.32 38.62 -6.52
N GLU D 219 18.57 39.79 -5.95
CA GLU D 219 19.53 39.98 -4.88
C GLU D 219 18.80 40.14 -3.55
N LYS D 220 19.19 39.35 -2.56
CA LYS D 220 18.46 39.29 -1.30
C LYS D 220 19.41 39.49 -0.13
N LYS D 221 18.89 40.12 0.92
CA LYS D 221 19.60 40.23 2.19
C LYS D 221 19.04 39.23 3.20
N TYR D 222 19.94 38.68 4.00
CA TYR D 222 19.58 37.76 5.06
C TYR D 222 20.18 38.28 6.36
N THR D 223 19.50 37.97 7.47
CA THR D 223 19.93 38.47 8.77
C THR D 223 21.26 37.88 9.23
N CYS D 224 21.69 36.76 8.64
CA CYS D 224 22.93 36.13 9.07
C CYS D 224 24.17 36.71 8.42
N CYS D 225 24.02 37.49 7.35
CA CYS D 225 25.15 38.05 6.65
C CYS D 225 24.93 39.52 6.34
N PRO D 226 25.98 40.35 6.48
CA PRO D 226 25.83 41.77 6.14
C PRO D 226 25.74 42.05 4.65
N VAL D 227 26.17 41.14 3.80
CA VAL D 227 26.17 41.35 2.36
C VAL D 227 25.01 40.57 1.74
N ASN D 228 24.64 40.97 0.53
CA ASN D 228 23.55 40.33 -0.18
C ASN D 228 23.96 38.97 -0.75
N TYR D 229 22.95 38.22 -1.17
CA TYR D 229 23.13 36.99 -1.93
C TYR D 229 22.46 37.17 -3.29
N THR D 230 22.98 36.48 -4.30
CA THR D 230 22.38 36.47 -5.62
C THR D 230 21.69 35.13 -5.85
N LEU D 231 20.40 35.18 -6.16
CA LEU D 231 19.59 33.98 -6.35
C LEU D 231 19.03 33.96 -7.77
N LEU D 232 18.93 32.77 -8.33
CA LEU D 232 18.33 32.55 -9.64
C LEU D 232 17.03 31.76 -9.44
N HIS D 233 15.92 32.30 -9.95
CA HIS D 233 14.62 31.67 -9.83
C HIS D 233 14.19 31.14 -11.18
N TYR D 234 13.97 29.83 -11.26
CA TYR D 234 13.49 29.18 -12.46
C TYR D 234 12.05 28.72 -12.22
N ASP D 235 11.15 29.11 -13.10
CA ASP D 235 9.74 28.75 -13.01
C ASP D 235 9.36 27.88 -14.19
N VAL D 236 8.66 26.78 -13.92
CA VAL D 236 8.11 25.92 -14.95
C VAL D 236 6.60 25.88 -14.77
N VAL D 237 5.87 26.18 -15.84
CA VAL D 237 4.41 26.16 -15.82
C VAL D 237 3.96 24.89 -16.54
N ILE D 238 3.24 24.03 -15.84
CA ILE D 238 2.77 22.76 -16.36
C ILE D 238 1.26 22.68 -16.20
N GLN D 239 0.58 22.24 -17.24
CA GLN D 239 -0.88 22.10 -17.23
C GLN D 239 -1.24 20.62 -17.32
N ARG D 240 -2.18 20.20 -16.50
CA ARG D 240 -2.61 18.81 -16.49
C ARG D 240 -3.44 18.50 -17.74
N LYS D 241 -3.35 17.24 -18.19
CA LYS D 241 -4.21 16.75 -19.25
C LYS D 241 -5.40 16.04 -18.60
N PRO D 242 -6.62 16.55 -18.76
CA PRO D 242 -7.72 16.12 -17.89
C PRO D 242 -8.41 14.83 -18.31
N LEU D 243 -8.25 14.37 -19.55
CA LEU D 243 -9.07 13.28 -20.06
C LEU D 243 -8.99 12.05 -19.17
N TYR D 244 -7.81 11.74 -18.67
CA TYR D 244 -7.65 10.55 -17.84
C TYR D 244 -8.48 10.64 -16.56
N TYR D 245 -8.45 11.81 -15.92
CA TYR D 245 -9.12 11.96 -14.63
C TYR D 245 -10.63 12.11 -14.80
N VAL D 246 -11.07 12.73 -15.89
CA VAL D 246 -12.50 12.85 -16.15
C VAL D 246 -13.11 11.47 -16.36
N LEU D 247 -12.44 10.61 -17.14
CA LEU D 247 -12.97 9.29 -17.42
C LEU D 247 -12.97 8.41 -16.17
N ASN D 248 -11.91 8.50 -15.36
CA ASN D 248 -11.73 7.57 -14.26
C ASN D 248 -12.36 8.02 -12.95
N LEU D 249 -12.64 9.31 -12.78
CA LEU D 249 -13.15 9.83 -11.53
C LEU D 249 -14.56 10.42 -11.60
N ILE D 250 -15.00 10.86 -12.78
CA ILE D 250 -16.28 11.53 -12.93
C ILE D 250 -17.28 10.65 -13.66
N ALA D 251 -16.87 10.02 -14.76
CA ALA D 251 -17.81 9.24 -15.56
C ALA D 251 -18.47 8.12 -14.76
N PRO D 252 -17.75 7.28 -14.03
CA PRO D 252 -18.43 6.20 -13.29
C PRO D 252 -19.44 6.70 -12.28
N THR D 253 -19.17 7.84 -11.63
CA THR D 253 -20.09 8.34 -10.61
C THR D 253 -21.36 8.90 -11.23
N ALA D 254 -21.23 9.57 -12.39
CA ALA D 254 -22.40 10.15 -13.03
C ALA D 254 -23.38 9.07 -13.48
N VAL D 255 -22.88 7.97 -14.03
CA VAL D 255 -23.76 6.92 -14.55
C VAL D 255 -24.57 6.30 -13.41
N ILE D 256 -23.90 6.01 -12.29
CA ILE D 256 -24.61 5.43 -11.15
C ILE D 256 -25.65 6.39 -10.60
N THR D 257 -25.29 7.68 -10.49
CA THR D 257 -26.23 8.65 -9.96
C THR D 257 -27.45 8.81 -10.86
N PHE D 258 -27.23 8.84 -12.18
CA PHE D 258 -28.35 8.97 -13.10
C PHE D 258 -29.29 7.77 -13.01
N ILE D 259 -28.72 6.56 -12.96
CA ILE D 259 -29.55 5.35 -12.95
C ILE D 259 -30.36 5.29 -11.66
N SER D 260 -29.76 5.66 -10.53
CA SER D 260 -30.47 5.59 -9.25
C SER D 260 -31.61 6.59 -9.18
N ILE D 261 -31.50 7.72 -9.90
CA ILE D 261 -32.57 8.70 -9.90
C ILE D 261 -33.83 8.11 -10.51
N ILE D 262 -33.68 7.37 -11.60
CA ILE D 262 -34.84 6.74 -12.24
C ILE D 262 -35.48 5.74 -11.30
N GLY D 263 -34.68 4.98 -10.56
CA GLY D 263 -35.24 4.03 -9.61
C GLY D 263 -36.03 4.68 -8.49
N PHE D 264 -35.63 5.88 -8.08
CA PHE D 264 -36.33 6.56 -7.00
C PHE D 264 -37.77 6.86 -7.38
N PHE D 265 -38.01 7.35 -8.59
CA PHE D 265 -39.29 7.92 -8.98
C PHE D 265 -39.94 7.12 -10.11
N THR D 266 -39.87 5.80 -10.03
CA THR D 266 -40.54 4.93 -10.99
C THR D 266 -41.32 3.87 -10.22
N SER D 267 -42.52 3.56 -10.70
CA SER D 267 -43.37 2.55 -10.08
C SER D 267 -44.05 1.74 -11.17
N SER D 268 -44.36 0.49 -10.85
CA SER D 268 -45.00 -0.39 -11.82
C SER D 268 -46.52 -0.25 -11.82
N SER D 269 -47.09 0.50 -10.88
CA SER D 269 -48.53 0.67 -10.80
C SER D 269 -48.84 1.99 -10.13
N VAL D 270 -50.07 2.47 -10.37
CA VAL D 270 -50.51 3.73 -9.78
C VAL D 270 -51.32 3.52 -8.51
N HIS D 271 -52.10 2.45 -8.43
CA HIS D 271 -53.00 2.20 -7.31
C HIS D 271 -52.51 1.09 -6.39
N ASP D 272 -51.20 0.98 -6.21
CA ASP D 272 -50.61 -0.01 -5.32
C ASP D 272 -49.63 0.67 -4.37
N LEU D 273 -49.51 0.11 -3.18
CA LEU D 273 -48.58 0.67 -2.20
C LEU D 273 -47.15 0.53 -2.70
N ARG D 274 -46.35 1.57 -2.46
CA ARG D 274 -44.99 1.59 -2.94
C ARG D 274 -44.03 0.96 -1.93
N GLN D 275 -42.90 0.49 -2.43
CA GLN D 275 -41.82 -0.03 -1.60
C GLN D 275 -40.89 1.11 -1.23
N GLU D 276 -40.35 1.05 0.00
CA GLU D 276 -39.42 2.07 0.45
C GLU D 276 -38.12 2.02 -0.35
N LYS D 277 -37.59 3.19 -0.69
CA LYS D 277 -36.35 3.30 -1.44
C LYS D 277 -35.14 3.57 -0.56
N ILE D 278 -35.27 3.41 0.76
CA ILE D 278 -34.15 3.71 1.65
C ILE D 278 -32.97 2.78 1.35
N THR D 279 -33.25 1.49 1.15
CA THR D 279 -32.17 0.55 0.88
C THR D 279 -31.44 0.90 -0.41
N LEU D 280 -32.18 1.33 -1.43
CA LEU D 280 -31.54 1.76 -2.67
C LEU D 280 -30.65 2.97 -2.43
N GLY D 281 -31.13 3.95 -1.66
CA GLY D 281 -30.32 5.13 -1.38
C GLY D 281 -29.08 4.81 -0.56
N ILE D 282 -29.23 3.94 0.45
CA ILE D 282 -28.10 3.63 1.32
C ILE D 282 -26.99 2.95 0.53
N THR D 283 -27.34 1.98 -0.32
CA THR D 283 -26.31 1.28 -1.09
C THR D 283 -25.59 2.23 -2.03
N THR D 284 -26.33 3.12 -2.70
CA THR D 284 -25.69 4.11 -3.56
C THR D 284 -24.80 5.05 -2.75
N LEU D 285 -25.28 5.50 -1.58
CA LEU D 285 -24.51 6.42 -0.77
C LEU D 285 -23.21 5.79 -0.29
N LEU D 286 -23.26 4.52 0.12
CA LEU D 286 -22.07 3.89 0.68
C LEU D 286 -21.00 3.65 -0.37
N SER D 287 -21.40 3.38 -1.62
CA SER D 287 -20.44 3.21 -2.68
C SER D 287 -19.70 4.51 -2.98
N MET D 288 -20.44 5.63 -3.03
CA MET D 288 -19.81 6.92 -3.26
C MET D 288 -18.84 7.27 -2.16
N SER D 289 -19.10 6.82 -0.92
CA SER D 289 -18.15 7.06 0.17
C SER D 289 -16.84 6.35 -0.09
N ILE D 290 -16.90 5.12 -0.60
CA ILE D 290 -15.67 4.40 -0.95
C ILE D 290 -14.94 5.12 -2.07
N MET D 291 -15.66 5.60 -3.07
CA MET D 291 -15.03 6.34 -4.15
C MET D 291 -14.34 7.61 -3.64
N ILE D 292 -14.97 8.30 -2.69
CA ILE D 292 -14.37 9.52 -2.15
C ILE D 292 -13.07 9.20 -1.43
N PHE D 293 -13.06 8.11 -0.64
CA PHE D 293 -11.84 7.72 0.04
C PHE D 293 -10.74 7.34 -0.94
N MET D 294 -11.11 6.61 -2.00
CA MET D 294 -10.11 6.23 -3.01
C MET D 294 -9.52 7.45 -3.69
N VAL D 295 -10.36 8.40 -4.08
CA VAL D 295 -9.87 9.61 -4.74
C VAL D 295 -9.08 10.46 -3.75
N SER D 296 -9.51 10.50 -2.49
CA SER D 296 -8.84 11.34 -1.50
C SER D 296 -7.40 10.93 -1.26
N ASP D 297 -7.05 9.67 -1.53
CA ASP D 297 -5.68 9.21 -1.36
C ASP D 297 -4.74 9.75 -2.43
N LYS D 298 -5.27 10.38 -3.47
CA LYS D 298 -4.48 10.91 -4.58
C LYS D 298 -4.26 12.40 -4.50
N MET D 299 -4.56 13.04 -3.37
CA MET D 299 -4.55 14.48 -3.24
C MET D 299 -3.73 14.93 -2.05
N PRO D 300 -3.31 16.21 -2.02
CA PRO D 300 -2.44 16.69 -0.94
C PRO D 300 -3.06 16.61 0.45
N SER D 301 -4.39 16.60 0.58
CA SER D 301 -5.02 16.63 1.90
C SER D 301 -4.89 18.00 2.55
N THR D 302 -5.02 19.06 1.76
CA THR D 302 -4.98 20.41 2.29
C THR D 302 -6.37 20.89 2.69
N SER D 303 -6.40 21.94 3.52
CA SER D 303 -7.64 22.59 3.92
C SER D 303 -7.78 23.99 3.32
N THR D 304 -6.91 24.38 2.41
CA THR D 304 -6.91 25.76 1.92
C THR D 304 -8.05 26.00 0.93
N CYS D 305 -8.33 25.03 0.06
CA CYS D 305 -9.31 25.21 -1.00
C CYS D 305 -10.22 24.00 -1.09
N VAL D 306 -11.33 24.16 -1.80
CA VAL D 306 -12.25 23.10 -2.15
C VAL D 306 -12.14 22.88 -3.66
N PRO D 307 -11.65 21.74 -4.13
CA PRO D 307 -11.42 21.56 -5.57
C PRO D 307 -12.72 21.55 -6.36
N LEU D 308 -12.57 21.61 -7.68
CA LEU D 308 -13.72 21.52 -8.57
C LEU D 308 -14.41 20.18 -8.45
N ILE D 309 -13.64 19.10 -8.33
CA ILE D 309 -14.21 17.76 -8.24
C ILE D 309 -14.96 17.58 -6.91
N ALA D 310 -14.54 18.29 -5.86
CA ALA D 310 -15.23 18.18 -4.58
C ALA D 310 -16.66 18.70 -4.70
N LEU D 311 -16.87 19.77 -5.45
CA LEU D 311 -18.22 20.29 -5.65
C LEU D 311 -19.06 19.31 -6.45
N PHE D 312 -18.45 18.62 -7.42
CA PHE D 312 -19.18 17.62 -8.19
C PHE D 312 -19.67 16.47 -7.32
N TYR D 313 -18.82 15.99 -6.41
CA TYR D 313 -19.22 14.92 -5.50
C TYR D 313 -20.28 15.40 -4.52
N THR D 314 -20.17 16.65 -4.05
CA THR D 314 -21.16 17.17 -3.12
C THR D 314 -22.54 17.23 -3.76
N LEU D 315 -22.61 17.62 -5.03
CA LEU D 315 -23.89 17.66 -5.73
C LEU D 315 -24.46 16.25 -5.94
N MET D 316 -23.60 15.29 -6.28
CA MET D 316 -24.06 13.92 -6.44
C MET D 316 -24.60 13.37 -5.13
N ILE D 317 -23.91 13.62 -4.02
CA ILE D 317 -24.37 13.15 -2.72
C ILE D 317 -25.70 13.81 -2.35
N THR D 318 -25.81 15.12 -2.58
CA THR D 318 -27.03 15.83 -2.20
C THR D 318 -28.23 15.32 -2.99
N ILE D 319 -28.05 15.05 -4.28
CA ILE D 319 -29.16 14.59 -5.11
C ILE D 319 -29.65 13.23 -4.63
N ILE D 320 -28.73 12.32 -4.32
CA ILE D 320 -29.12 11.00 -3.85
C ILE D 320 -29.77 11.08 -2.48
N SER D 321 -29.17 11.84 -1.56
CA SER D 321 -29.70 11.94 -0.21
C SER D 321 -31.03 12.67 -0.19
N VAL D 322 -31.12 13.80 -0.89
CA VAL D 322 -32.37 14.54 -0.96
C VAL D 322 -33.40 13.78 -1.78
N GLY D 323 -32.96 13.10 -2.84
CA GLY D 323 -33.87 12.29 -3.63
C GLY D 323 -34.47 11.14 -2.84
N THR D 324 -33.70 10.58 -1.90
CA THR D 324 -34.24 9.53 -1.04
C THR D 324 -35.37 10.06 -0.16
N LEU D 325 -35.21 11.28 0.36
CA LEU D 325 -36.26 11.86 1.19
C LEU D 325 -37.47 12.26 0.35
N ALA D 326 -37.24 12.72 -0.88
CA ALA D 326 -38.35 13.07 -1.75
C ALA D 326 -39.19 11.85 -2.10
N ALA D 327 -38.54 10.71 -2.33
CA ALA D 327 -39.27 9.49 -2.64
C ALA D 327 -40.06 8.99 -1.43
N SER D 328 -39.54 9.20 -0.23
CA SER D 328 -40.28 8.81 0.97
C SER D 328 -41.49 9.70 1.20
N SER D 329 -41.42 10.97 0.75
CA SER D 329 -42.56 11.86 0.90
C SER D 329 -43.68 11.50 -0.07
N VAL D 330 -43.35 10.83 -1.18
CA VAL D 330 -44.38 10.31 -2.07
C VAL D 330 -45.20 9.23 -1.37
N ILE D 331 -44.52 8.36 -0.63
CA ILE D 331 -45.22 7.34 0.14
C ILE D 331 -46.05 7.99 1.24
N PHE D 332 -45.55 9.08 1.81
CA PHE D 332 -46.30 9.79 2.84
C PHE D 332 -47.62 10.34 2.29
N VAL D 333 -47.59 10.90 1.08
CA VAL D 333 -48.80 11.49 0.50
C VAL D 333 -49.83 10.41 0.19
N GLN D 334 -49.39 9.29 -0.37
CA GLN D 334 -50.31 8.21 -0.68
C GLN D 334 -50.97 7.64 0.57
N LYS D 335 -50.25 7.64 1.69
CA LYS D 335 -50.78 7.13 2.95
C LYS D 335 -51.91 7.99 3.51
N LEU D 336 -52.11 9.20 3.00
CA LEU D 336 -53.18 10.06 3.49
C LEU D 336 -54.56 9.56 3.10
N GLY D 337 -54.65 8.69 2.09
CA GLY D 337 -55.93 8.14 1.71
C GLY D 337 -56.50 7.20 2.76
N SER D 338 -55.64 6.38 3.37
CA SER D 338 -56.10 5.41 4.35
C SER D 338 -56.55 6.08 5.64
N ILE D 339 -55.74 6.99 6.18
CA ILE D 339 -56.05 7.61 7.46
C ILE D 339 -57.15 8.63 7.23
N GLY D 340 -58.34 8.33 7.75
CA GLY D 340 -59.49 9.17 7.49
C GLY D 340 -59.84 9.16 6.01
N ASN D 341 -60.97 9.79 5.71
CA ASN D 341 -61.29 9.99 4.30
C ASN D 341 -61.51 11.47 3.98
N PRO D 342 -60.68 12.38 4.47
CA PRO D 342 -60.65 13.72 3.89
C PRO D 342 -59.99 13.70 2.52
N PRO D 343 -60.76 13.87 1.46
CA PRO D 343 -60.16 13.92 0.13
C PRO D 343 -59.41 15.23 -0.11
N ALA D 344 -58.63 15.24 -1.18
CA ALA D 344 -57.97 16.47 -1.59
C ALA D 344 -59.02 17.52 -1.94
N SER D 345 -58.79 18.75 -1.47
CA SER D 345 -59.78 19.82 -1.61
C SER D 345 -59.48 20.73 -2.79
N LYS D 346 -58.31 21.37 -2.80
CA LYS D 346 -57.89 22.23 -3.90
C LYS D 346 -56.76 21.63 -4.71
N THR D 347 -56.11 20.59 -4.20
CA THR D 347 -55.05 19.92 -4.95
C THR D 347 -55.57 19.23 -6.20
N MET D 348 -56.86 18.88 -6.24
CA MET D 348 -57.38 18.07 -7.33
C MET D 348 -57.43 18.86 -8.63
N LYS D 349 -57.74 20.16 -8.56
CA LYS D 349 -57.71 20.97 -9.77
C LYS D 349 -56.29 21.24 -10.23
N TRP D 350 -55.38 21.55 -9.30
CA TRP D 350 -53.98 21.74 -9.66
C TRP D 350 -53.38 20.46 -10.22
N THR D 351 -53.69 19.32 -9.60
CA THR D 351 -53.13 18.05 -10.05
C THR D 351 -53.60 17.70 -11.46
N HIS D 352 -54.83 18.09 -11.80
CA HIS D 352 -55.37 17.74 -13.11
C HIS D 352 -54.75 18.60 -14.21
N ARG D 353 -54.42 19.85 -13.90
CA ARG D 353 -53.80 20.71 -14.89
C ARG D 353 -52.35 20.30 -15.16
N ILE D 354 -51.59 20.01 -14.09
CA ILE D 354 -50.22 19.56 -14.26
C ILE D 354 -50.14 18.19 -14.89
N ALA D 355 -51.17 17.36 -14.73
CA ALA D 355 -51.11 15.99 -15.20
C ALA D 355 -50.77 15.87 -16.69
N PRO D 356 -51.33 16.69 -17.59
CA PRO D 356 -50.97 16.53 -19.01
C PRO D 356 -49.56 16.99 -19.33
N PHE D 357 -49.06 18.05 -18.68
CA PHE D 357 -47.74 18.56 -19.00
C PHE D 357 -46.65 17.53 -18.71
N VAL D 358 -46.71 16.91 -17.54
CA VAL D 358 -45.88 15.75 -17.24
C VAL D 358 -46.66 14.53 -17.73
N LEU D 359 -46.10 13.82 -18.71
CA LEU D 359 -46.90 12.94 -19.55
C LEU D 359 -47.38 11.74 -18.73
N ILE D 360 -48.47 11.97 -17.99
CA ILE D 360 -49.11 10.94 -17.18
C ILE D 360 -50.62 11.10 -17.35
N GLN D 361 -51.32 9.99 -17.50
CA GLN D 361 -52.76 10.00 -17.73
C GLN D 361 -53.48 9.18 -16.67
N MET D 362 -54.74 9.51 -16.44
CA MET D 362 -55.51 8.89 -15.37
C MET D 362 -55.81 7.43 -15.72
N PRO D 363 -55.73 6.52 -14.75
CA PRO D 363 -56.09 5.13 -15.01
C PRO D 363 -57.58 4.98 -15.25
N LEU D 364 -57.94 3.84 -15.86
CA LEU D 364 -59.34 3.57 -16.16
C LEU D 364 -60.17 3.45 -14.89
N VAL D 365 -59.62 2.77 -13.86
CA VAL D 365 -60.37 2.54 -12.64
C VAL D 365 -60.76 3.87 -11.99
N MET D 366 -59.86 4.85 -12.02
CA MET D 366 -60.16 6.15 -11.45
C MET D 366 -61.25 6.86 -12.25
N LYS D 367 -61.21 6.74 -13.58
CA LYS D 367 -62.25 7.34 -14.40
C LYS D 367 -63.61 6.71 -14.13
N GLN D 368 -63.63 5.39 -13.94
CA GLN D 368 -64.89 4.72 -13.60
C GLN D 368 -65.45 5.20 -12.26
N ALA D 369 -64.58 5.39 -11.26
CA ALA D 369 -65.04 5.88 -9.98
C ALA D 369 -65.64 7.27 -10.10
N TYR D 370 -65.03 8.15 -10.89
CA TYR D 370 -65.58 9.48 -11.08
C TYR D 370 -66.97 9.43 -11.71
N ALA D 371 -67.14 8.57 -12.72
CA ALA D 371 -68.45 8.43 -13.35
C ALA D 371 -69.47 7.86 -12.37
N LYS D 372 -69.07 6.87 -11.57
CA LYS D 372 -69.98 6.31 -10.59
C LYS D 372 -70.44 7.36 -9.59
N ARG D 373 -69.50 8.17 -9.08
CA ARG D 373 -69.88 9.25 -8.18
C ARG D 373 -70.76 10.29 -8.86
N ALA D 374 -70.63 10.45 -10.18
CA ALA D 374 -71.50 11.36 -10.91
C ALA D 374 -72.91 10.82 -11.09
N LYS D 375 -73.09 9.50 -11.00
CA LYS D 375 -74.43 8.92 -11.04
C LYS D 375 -75.22 9.20 -9.78
N GLU D 376 -74.59 9.04 -8.61
CA GLU D 376 -75.20 9.51 -7.37
C GLU D 376 -75.29 11.03 -7.33
N GLU D 377 -74.47 11.73 -8.12
CA GLU D 377 -74.56 13.18 -8.19
C GLU D 377 -75.91 13.62 -8.75
N LYS D 378 -76.42 12.90 -9.75
CA LYS D 378 -77.69 13.23 -10.38
C LYS D 378 -78.82 12.31 -9.94
N HIS D 379 -78.62 11.00 -10.03
CA HIS D 379 -79.69 10.06 -9.71
C HIS D 379 -80.12 10.19 -8.25
N ARG D 380 -79.15 10.32 -7.34
CA ARG D 380 -79.47 10.44 -5.93
C ARG D 380 -79.70 11.88 -5.49
N LYS D 381 -79.37 12.86 -6.34
CA LYS D 381 -79.63 14.25 -6.00
C LYS D 381 -81.12 14.57 -6.08
N ARG D 382 -81.77 14.14 -7.16
CA ARG D 382 -83.17 14.48 -7.39
C ARG D 382 -84.14 13.61 -6.59
N MET D 383 -83.68 12.49 -6.05
CA MET D 383 -84.53 11.71 -5.16
C MET D 383 -84.88 12.49 -3.90
N SER D 384 -84.03 13.44 -3.51
CA SER D 384 -84.34 14.31 -2.38
C SER D 384 -85.49 15.26 -2.67
N ARG D 385 -85.87 15.44 -3.93
CA ARG D 385 -86.97 16.32 -4.30
C ARG D 385 -88.28 15.84 -3.68
N ASN D 550 -63.21 4.22 -0.97
CA ASN D 550 -62.14 3.77 -1.85
C ASN D 550 -61.84 4.82 -2.91
N ILE D 551 -62.79 5.73 -3.12
CA ILE D 551 -62.54 6.85 -4.01
C ILE D 551 -61.54 7.82 -3.38
N VAL D 552 -61.60 7.98 -2.06
CA VAL D 552 -60.64 8.83 -1.37
C VAL D 552 -59.23 8.29 -1.54
N GLU D 553 -59.07 6.96 -1.50
CA GLU D 553 -57.75 6.37 -1.71
C GLU D 553 -57.29 6.57 -3.15
N LEU D 554 -58.21 6.49 -4.11
CA LEU D 554 -57.84 6.71 -5.50
C LEU D 554 -57.35 8.12 -5.74
N GLU D 555 -58.02 9.11 -5.14
CA GLU D 555 -57.63 10.50 -5.35
C GLU D 555 -56.25 10.80 -4.78
N TRP D 556 -55.94 10.24 -3.61
CA TRP D 556 -54.61 10.45 -3.04
C TRP D 556 -53.55 9.64 -3.78
N ASP D 557 -53.94 8.53 -4.41
CA ASP D 557 -53.01 7.83 -5.29
C ASP D 557 -52.68 8.67 -6.51
N TRP D 558 -53.68 9.36 -7.06
CA TRP D 558 -53.44 10.22 -8.22
C TRP D 558 -52.50 11.36 -7.89
N VAL D 559 -52.68 11.99 -6.73
CA VAL D 559 -51.82 13.09 -6.33
C VAL D 559 -50.38 12.61 -6.18
N ALA D 560 -50.19 11.45 -5.54
CA ALA D 560 -48.85 10.91 -5.36
C ALA D 560 -48.22 10.53 -6.70
N ALA D 561 -49.02 9.99 -7.62
CA ALA D 561 -48.49 9.61 -8.92
C ALA D 561 -48.02 10.83 -9.71
N VAL D 562 -48.79 11.92 -9.66
CA VAL D 562 -48.39 13.14 -10.35
C VAL D 562 -47.17 13.76 -9.67
N LEU D 563 -47.13 13.76 -8.34
CA LEU D 563 -46.04 14.39 -7.61
C LEU D 563 -44.71 13.70 -7.91
N GLU D 564 -44.70 12.37 -7.95
CA GLU D 564 -43.45 11.66 -8.23
C GLU D 564 -43.02 11.82 -9.67
N ARG D 565 -43.97 12.08 -10.58
CA ARG D 565 -43.60 12.41 -11.96
C ARG D 565 -42.93 13.77 -12.03
N VAL D 566 -43.34 14.70 -11.16
CA VAL D 566 -42.68 15.99 -11.09
C VAL D 566 -41.28 15.85 -10.51
N PHE D 567 -41.12 14.97 -9.51
CA PHE D 567 -39.80 14.75 -8.93
C PHE D 567 -38.83 14.18 -9.95
N LEU D 568 -39.30 13.27 -10.80
CA LEU D 568 -38.44 12.67 -11.80
C LEU D 568 -37.90 13.72 -12.76
N ILE D 569 -38.75 14.64 -13.20
CA ILE D 569 -38.31 15.69 -14.12
C ILE D 569 -37.39 16.67 -13.43
N PHE D 570 -37.74 17.08 -12.21
CA PHE D 570 -36.93 18.09 -11.51
C PHE D 570 -35.54 17.57 -11.20
N PHE D 571 -35.43 16.32 -10.72
CA PHE D 571 -34.12 15.78 -10.37
C PHE D 571 -33.30 15.40 -11.60
N THR D 572 -33.94 15.22 -12.75
CA THR D 572 -33.18 14.92 -13.97
C THR D 572 -32.47 16.16 -14.49
N ILE D 573 -33.14 17.32 -14.45
CA ILE D 573 -32.50 18.55 -14.91
C ILE D 573 -31.40 18.97 -13.94
N CYS D 574 -31.62 18.81 -12.64
CA CYS D 574 -30.60 19.16 -11.67
C CYS D 574 -29.34 18.33 -11.86
N PHE D 575 -29.49 17.04 -12.17
CA PHE D 575 -28.33 16.20 -12.45
C PHE D 575 -27.60 16.67 -13.71
N LEU D 576 -28.35 16.99 -14.77
CA LEU D 576 -27.71 17.39 -16.02
C LEU D 576 -26.94 18.68 -15.85
N PHE D 577 -27.53 19.67 -15.17
CA PHE D 577 -26.84 20.93 -14.94
C PHE D 577 -25.66 20.78 -13.99
N SER D 578 -25.73 19.86 -13.05
CA SER D 578 -24.62 19.68 -12.11
C SER D 578 -23.44 18.97 -12.79
N ALA D 579 -23.70 17.83 -13.42
CA ALA D 579 -22.62 17.10 -14.08
C ALA D 579 -22.06 17.88 -15.27
N ILE D 580 -22.94 18.36 -16.14
CA ILE D 580 -22.50 19.08 -17.33
C ILE D 580 -21.93 20.44 -16.95
N GLY D 581 -22.60 21.15 -16.03
CA GLY D 581 -22.19 22.50 -15.70
C GLY D 581 -20.80 22.57 -15.10
N ILE D 582 -20.51 21.69 -14.14
CA ILE D 582 -19.21 21.73 -13.47
C ILE D 582 -18.10 21.40 -14.46
N ASN D 583 -18.29 20.35 -15.27
CA ASN D 583 -17.26 19.95 -16.22
C ASN D 583 -17.11 20.97 -17.34
N LEU D 584 -18.23 21.54 -17.82
CA LEU D 584 -18.16 22.56 -18.85
C LEU D 584 -17.43 23.80 -18.35
N TYR D 585 -17.71 24.21 -17.11
CA TYR D 585 -17.00 25.34 -16.54
C TYR D 585 -15.51 25.03 -16.39
N GLY D 586 -15.18 23.82 -15.93
CA GLY D 586 -13.79 23.46 -15.78
C GLY D 586 -13.03 23.46 -17.09
N TRP D 587 -13.66 22.94 -18.14
CA TRP D 587 -13.00 22.93 -19.45
C TRP D 587 -12.80 24.35 -19.97
N TYR D 588 -13.73 25.25 -19.70
CA TYR D 588 -13.59 26.63 -20.13
C TYR D 588 -12.38 27.28 -19.47
N ILE D 589 -12.19 27.06 -18.17
CA ILE D 589 -11.02 27.59 -17.48
C ILE D 589 -9.76 26.96 -18.02
N TRP D 590 -9.78 25.65 -18.23
CA TRP D 590 -8.62 24.95 -18.78
C TRP D 590 -8.30 25.44 -20.19
N TYR D 591 -9.33 25.70 -21.00
CA TYR D 591 -9.11 26.10 -22.38
C TYR D 591 -8.50 27.50 -22.46
N THR D 592 -8.93 28.40 -21.59
CA THR D 592 -8.43 29.78 -21.65
C THR D 592 -6.99 29.87 -21.16
N GLU D 593 -6.57 28.98 -20.27
CA GLU D 593 -5.19 29.01 -19.78
C GLU D 593 -4.20 28.76 -20.91
N ASN D 594 -4.27 27.58 -21.53
CA ASN D 594 -3.29 27.23 -22.54
C ASN D 594 -3.41 28.11 -23.78
N HIS D 595 -4.64 28.40 -24.21
CA HIS D 595 -4.83 29.06 -25.49
C HIS D 595 -4.50 30.55 -25.44
N PHE D 596 -4.78 31.21 -24.32
CA PHE D 596 -4.60 32.66 -24.22
C PHE D 596 -3.63 33.10 -23.14
N LEU D 597 -3.44 32.32 -22.08
CA LEU D 597 -2.57 32.74 -20.98
C LEU D 597 -1.60 31.65 -20.57
N PRO E 22 64.35 -11.52 -7.01
CA PRO E 22 64.38 -12.40 -5.84
C PRO E 22 63.00 -12.96 -5.48
N ASP E 23 62.65 -12.92 -4.20
CA ASP E 23 61.34 -13.37 -3.76
C ASP E 23 60.22 -12.44 -4.20
N ILE E 24 60.55 -11.24 -4.67
CA ILE E 24 59.53 -10.32 -5.16
C ILE E 24 58.96 -10.86 -6.47
N PRO E 25 57.63 -10.97 -6.61
CA PRO E 25 57.07 -11.46 -7.87
C PRO E 25 57.44 -10.54 -9.03
N ILE E 26 57.53 -11.14 -10.23
CA ILE E 26 57.88 -10.36 -11.41
C ILE E 26 56.83 -9.28 -11.66
N GLN E 27 55.55 -9.58 -11.39
CA GLN E 27 54.51 -8.59 -11.60
C GLN E 27 54.68 -7.38 -10.69
N TYR E 28 55.45 -7.50 -9.62
CA TYR E 28 55.67 -6.36 -8.74
C TYR E 28 56.52 -5.28 -9.41
N GLU E 29 57.61 -5.69 -10.05
CA GLU E 29 58.46 -4.71 -10.73
C GLU E 29 57.89 -4.30 -12.07
N LEU E 30 57.04 -5.13 -12.67
CA LEU E 30 56.32 -4.72 -13.87
C LEU E 30 55.38 -3.56 -13.58
N ALA E 31 54.62 -3.66 -12.50
CA ALA E 31 53.72 -2.56 -12.12
C ALA E 31 54.51 -1.30 -11.78
N ASN E 32 55.61 -1.45 -11.05
CA ASN E 32 56.42 -0.28 -10.72
C ASN E 32 57.00 0.37 -11.97
N ASN E 33 57.24 -0.42 -13.02
CA ASN E 33 57.83 0.13 -14.24
C ASN E 33 56.82 0.98 -15.01
N ILE E 34 55.59 0.49 -15.17
CA ILE E 34 54.61 1.18 -16.00
C ILE E 34 53.83 2.25 -15.25
N MET E 35 53.80 2.19 -13.91
CA MET E 35 53.12 3.18 -13.10
C MET E 35 54.03 4.30 -12.64
N GLU E 36 55.29 4.30 -13.10
CA GLU E 36 56.25 5.29 -12.63
C GLU E 36 55.78 6.71 -12.92
N ASN E 37 55.64 7.05 -14.20
CA ASN E 37 55.27 8.39 -14.61
C ASN E 37 53.80 8.52 -14.97
N TYR E 38 53.00 7.48 -14.73
CA TYR E 38 51.60 7.51 -15.08
C TYR E 38 50.83 8.51 -14.23
N GLN E 39 49.84 9.16 -14.84
CA GLN E 39 48.97 10.11 -14.15
C GLN E 39 47.54 9.77 -14.55
N LYS E 40 46.80 9.13 -13.65
CA LYS E 40 45.48 8.63 -13.97
C LYS E 40 44.45 9.74 -14.12
N GLY E 41 44.77 10.97 -13.74
CA GLY E 41 43.82 12.06 -13.88
C GLY E 41 43.74 12.69 -15.25
N LEU E 42 44.63 12.30 -16.16
CA LEU E 42 44.70 12.88 -17.50
C LEU E 42 44.43 11.80 -18.54
N ILE E 43 43.85 12.22 -19.67
CA ILE E 43 43.53 11.26 -20.72
C ILE E 43 44.83 10.67 -21.25
N PRO E 44 44.96 9.34 -21.35
CA PRO E 44 46.23 8.70 -21.73
C PRO E 44 46.39 8.49 -23.23
N LYS E 45 46.51 9.58 -23.98
CA LYS E 45 46.74 9.49 -25.42
C LYS E 45 47.90 10.39 -25.81
N VAL E 46 48.79 9.85 -26.65
CA VAL E 46 49.98 10.55 -27.09
C VAL E 46 49.99 10.85 -28.57
N ARG E 47 49.12 10.20 -29.36
CA ARG E 47 49.15 10.33 -30.80
C ARG E 47 48.65 11.71 -31.21
N LYS E 48 48.69 11.98 -32.52
CA LYS E 48 48.56 13.34 -33.03
C LYS E 48 47.22 13.98 -32.69
N GLY E 49 46.14 13.46 -33.24
CA GLY E 49 44.83 14.05 -33.00
C GLY E 49 43.68 13.08 -33.00
N SER E 50 43.98 11.78 -33.10
CA SER E 50 42.93 10.80 -33.12
C SER E 50 42.40 10.54 -31.71
N PRO E 51 41.14 10.14 -31.58
CA PRO E 51 40.57 9.90 -30.25
C PRO E 51 40.95 8.53 -29.71
N ILE E 52 40.45 8.25 -28.51
CA ILE E 52 40.56 6.92 -27.92
C ILE E 52 39.29 6.15 -28.24
N ASN E 53 39.46 4.99 -28.90
CA ASN E 53 38.31 4.18 -29.29
C ASN E 53 37.94 3.23 -28.16
N VAL E 54 36.71 3.36 -27.66
CA VAL E 54 36.20 2.50 -26.61
C VAL E 54 35.11 1.62 -27.21
N THR E 55 35.27 0.31 -27.05
CA THR E 55 34.30 -0.67 -27.55
C THR E 55 33.49 -1.18 -26.36
N LEU E 56 32.17 -1.10 -26.47
CA LEU E 56 31.26 -1.54 -25.42
C LEU E 56 30.49 -2.76 -25.88
N SER E 57 30.35 -3.74 -24.99
CA SER E 57 29.61 -4.97 -25.26
C SER E 57 28.64 -5.21 -24.11
N LEU E 58 27.40 -5.57 -24.45
CA LEU E 58 26.35 -5.74 -23.46
C LEU E 58 25.75 -7.14 -23.56
N GLN E 59 25.60 -7.80 -22.41
CA GLN E 59 24.90 -9.07 -22.30
C GLN E 59 23.73 -8.90 -21.35
N LEU E 60 22.55 -9.33 -21.77
CA LEU E 60 21.37 -9.28 -20.92
C LEU E 60 21.28 -10.59 -20.14
N TYR E 61 21.22 -10.50 -18.83
CA TYR E 61 21.09 -11.66 -17.97
C TYR E 61 19.71 -11.84 -17.38
N GLN E 62 19.00 -10.75 -17.09
CA GLN E 62 17.70 -10.85 -16.44
C GLN E 62 16.97 -9.54 -16.58
N ILE E 63 15.67 -9.62 -16.88
CA ILE E 63 14.77 -8.49 -16.79
C ILE E 63 14.14 -8.59 -15.40
N ILE E 64 14.63 -7.76 -14.47
CA ILE E 64 14.18 -7.86 -13.09
C ILE E 64 12.74 -7.38 -12.96
N GLN E 65 12.41 -6.25 -13.58
CA GLN E 65 11.10 -5.65 -13.38
C GLN E 65 10.72 -4.79 -14.58
N VAL E 66 9.42 -4.68 -14.82
CA VAL E 66 8.86 -3.73 -15.78
C VAL E 66 7.76 -2.98 -15.03
N ASN E 67 8.10 -1.81 -14.49
CA ASN E 67 7.17 -1.03 -13.68
C ASN E 67 6.31 -0.19 -14.60
N GLU E 68 5.10 -0.67 -14.87
CA GLU E 68 4.20 0.04 -15.78
C GLU E 68 3.71 1.36 -15.21
N PRO E 69 3.16 1.42 -13.99
CA PRO E 69 2.71 2.71 -13.46
C PRO E 69 3.82 3.74 -13.36
N GLN E 70 5.04 3.33 -13.04
CA GLN E 70 6.17 4.25 -12.97
C GLN E 70 6.92 4.35 -14.28
N GLN E 71 6.73 3.40 -15.20
CA GLN E 71 7.30 3.48 -16.54
C GLN E 71 8.82 3.49 -16.53
N TYR E 72 9.40 2.46 -15.90
CA TYR E 72 10.84 2.26 -15.97
C TYR E 72 11.13 0.76 -16.06
N LEU E 73 12.30 0.44 -16.60
CA LEU E 73 12.74 -0.93 -16.78
C LEU E 73 13.97 -1.19 -15.92
N LEU E 74 13.95 -2.31 -15.20
CA LEU E 74 15.07 -2.72 -14.34
C LEU E 74 15.75 -3.91 -15.00
N LEU E 75 17.02 -3.73 -15.38
CA LEU E 75 17.76 -4.72 -16.15
C LEU E 75 19.02 -5.13 -15.41
N ASN E 76 19.36 -6.42 -15.52
CA ASN E 76 20.62 -6.97 -15.01
C ASN E 76 21.46 -7.35 -16.22
N ALA E 77 22.57 -6.65 -16.42
CA ALA E 77 23.40 -6.83 -17.60
C ALA E 77 24.85 -7.05 -17.20
N TRP E 78 25.61 -7.62 -18.13
CA TRP E 78 27.06 -7.80 -18.00
C TRP E 78 27.72 -6.90 -19.04
N ALA E 79 28.59 -6.00 -18.58
CA ALA E 79 29.20 -5.01 -19.44
C ALA E 79 30.70 -5.28 -19.60
N VAL E 80 31.20 -5.04 -20.81
CA VAL E 80 32.62 -5.16 -21.12
C VAL E 80 33.04 -3.91 -21.88
N GLU E 81 34.11 -3.27 -21.42
CA GLU E 81 34.69 -2.11 -22.08
C GLU E 81 36.14 -2.39 -22.43
N ARG E 82 36.55 -2.01 -23.63
CA ARG E 82 37.90 -2.28 -24.12
C ARG E 82 38.44 -1.04 -24.82
N TRP E 83 39.66 -0.65 -24.48
CA TRP E 83 40.34 0.47 -25.12
C TRP E 83 41.84 0.31 -24.91
N VAL E 84 42.61 1.08 -25.66
CA VAL E 84 44.07 1.04 -25.63
C VAL E 84 44.57 2.22 -24.80
N ASP E 85 45.36 1.94 -23.77
CA ASP E 85 46.03 2.97 -22.99
C ASP E 85 47.45 3.14 -23.54
N GLN E 86 47.72 4.30 -24.14
CA GLN E 86 48.97 4.51 -24.84
C GLN E 86 50.15 4.76 -23.91
N MET E 87 49.92 4.81 -22.60
CA MET E 87 50.98 5.08 -21.64
C MET E 87 51.42 3.86 -20.84
N LEU E 88 50.80 2.70 -21.07
CA LEU E 88 51.00 1.54 -20.20
C LEU E 88 51.58 0.35 -20.95
N GLY E 89 52.39 0.59 -21.98
CA GLY E 89 53.01 -0.50 -22.70
C GLY E 89 54.33 -0.92 -22.07
N TRP E 90 54.68 -2.20 -22.28
CA TRP E 90 55.94 -2.72 -21.78
C TRP E 90 56.41 -3.84 -22.72
N ASP E 91 57.70 -4.15 -22.63
CA ASP E 91 58.29 -5.20 -23.44
C ASP E 91 58.29 -6.50 -22.67
N PRO E 92 57.62 -7.55 -23.15
CA PRO E 92 57.55 -8.80 -22.37
C PRO E 92 58.91 -9.42 -22.09
N SER E 93 59.87 -9.27 -23.00
CA SER E 93 61.17 -9.92 -22.84
C SER E 93 61.87 -9.45 -21.58
N GLU E 94 61.54 -8.26 -21.09
CA GLU E 94 62.19 -7.71 -19.91
C GLU E 94 61.57 -8.20 -18.60
N PHE E 95 60.41 -8.85 -18.64
CA PHE E 95 59.67 -9.21 -17.44
C PHE E 95 59.20 -10.66 -17.51
N ASP E 96 60.11 -11.57 -17.84
CA ASP E 96 59.83 -13.01 -17.77
C ASP E 96 58.71 -13.42 -18.71
N ASN E 97 58.66 -12.81 -19.89
CA ASN E 97 57.65 -13.11 -20.91
C ASN E 97 56.24 -12.81 -20.41
N GLU E 98 56.14 -11.87 -19.47
CA GLU E 98 54.83 -11.50 -18.96
C GLU E 98 54.08 -10.62 -19.97
N THR E 99 52.84 -11.00 -20.25
CA THR E 99 52.01 -10.32 -21.23
C THR E 99 50.74 -9.72 -20.66
N GLU E 100 50.22 -10.24 -19.54
CA GLU E 100 49.04 -9.71 -18.90
C GLU E 100 49.36 -9.31 -17.47
N ILE E 101 48.53 -8.44 -16.92
CA ILE E 101 48.62 -8.04 -15.52
C ILE E 101 47.27 -7.53 -15.07
N MET E 102 46.90 -7.83 -13.84
CA MET E 102 45.62 -7.42 -13.27
C MET E 102 45.87 -6.31 -12.25
N ALA E 103 45.12 -5.22 -12.39
CA ALA E 103 45.27 -4.05 -11.54
C ALA E 103 43.92 -3.56 -11.07
N ARG E 104 43.92 -2.76 -10.01
CA ARG E 104 42.69 -2.15 -9.53
C ARG E 104 42.21 -1.08 -10.50
N HIS E 105 40.89 -0.96 -10.62
CA HIS E 105 40.30 0.00 -11.55
C HIS E 105 40.58 1.44 -11.15
N ASP E 106 40.88 1.69 -9.89
CA ASP E 106 41.12 3.05 -9.40
C ASP E 106 42.55 3.52 -9.62
N ASP E 107 43.41 2.68 -10.19
CA ASP E 107 44.81 3.04 -10.41
C ASP E 107 45.07 3.61 -11.79
N ILE E 108 44.14 3.43 -12.73
CA ILE E 108 44.33 3.87 -14.10
C ILE E 108 43.19 4.79 -14.50
N TRP E 109 43.32 5.38 -15.69
CA TRP E 109 42.28 6.24 -16.23
C TRP E 109 41.15 5.41 -16.83
N LEU E 110 39.92 5.79 -16.51
CA LEU E 110 38.75 5.09 -17.02
C LEU E 110 37.85 6.07 -17.75
N PRO E 111 37.29 5.67 -18.91
CA PRO E 111 36.32 6.52 -19.59
C PRO E 111 35.04 6.66 -18.79
N ASP E 112 34.40 7.82 -18.94
CA ASP E 112 33.19 8.13 -18.16
C ASP E 112 31.94 7.75 -18.94
N THR E 113 31.85 6.45 -19.25
CA THR E 113 30.69 5.92 -19.94
C THR E 113 29.44 6.15 -19.09
N THR E 114 28.40 6.70 -19.70
CA THR E 114 27.19 7.10 -19.00
C THR E 114 25.96 6.55 -19.70
N LEU E 115 24.94 6.24 -18.92
CA LEU E 115 23.61 5.92 -19.44
C LEU E 115 22.78 7.20 -19.40
N TYR E 116 22.48 7.74 -20.58
CA TYR E 116 21.86 9.07 -20.65
C TYR E 116 20.49 9.09 -19.99
N ASN E 117 19.70 8.03 -20.18
CA ASN E 117 18.35 7.98 -19.64
C ASN E 117 18.26 7.16 -18.35
N SER E 118 19.28 7.21 -17.51
CA SER E 118 19.26 6.51 -16.24
C SER E 118 18.43 7.28 -15.22
N LEU E 119 17.70 6.54 -14.38
CA LEU E 119 16.93 7.11 -13.29
C LEU E 119 17.68 7.03 -11.96
N GLU E 120 18.94 6.65 -11.98
CA GLU E 120 19.74 6.51 -10.76
C GLU E 120 21.07 7.23 -10.98
N MET E 121 21.35 8.22 -10.13
CA MET E 121 22.58 9.00 -10.27
C MET E 121 23.77 8.35 -9.57
N ASP E 122 23.52 7.57 -8.51
CA ASP E 122 24.60 6.98 -7.73
C ASP E 122 25.10 5.73 -8.43
N ASP E 123 26.35 5.77 -8.90
CA ASP E 123 26.93 4.62 -9.58
C ASP E 123 27.27 3.49 -8.63
N SER E 124 27.33 3.75 -7.32
CA SER E 124 27.58 2.69 -6.36
C SER E 124 26.44 1.70 -6.31
N ALA E 125 25.22 2.16 -6.58
CA ALA E 125 24.03 1.31 -6.52
C ALA E 125 23.73 0.60 -7.84
N SER E 126 24.49 0.87 -8.90
CA SER E 126 24.22 0.28 -10.20
C SER E 126 25.41 -0.45 -10.81
N LYS E 127 26.61 -0.33 -10.26
CA LYS E 127 27.80 -0.90 -10.87
C LYS E 127 28.69 -1.50 -9.79
N LYS E 128 29.59 -2.38 -10.23
CA LYS E 128 30.56 -3.02 -9.34
C LYS E 128 31.88 -3.14 -10.11
N LEU E 129 32.74 -2.15 -9.96
CA LEU E 129 34.04 -2.11 -10.62
C LEU E 129 35.12 -2.46 -9.61
N THR E 130 35.90 -3.50 -9.90
CA THR E 130 36.98 -3.91 -9.01
C THR E 130 38.35 -3.85 -9.67
N HIS E 131 38.53 -4.50 -10.81
CA HIS E 131 39.85 -4.67 -11.40
C HIS E 131 39.78 -4.47 -12.91
N VAL E 132 40.96 -4.24 -13.49
CA VAL E 132 41.12 -4.14 -14.94
C VAL E 132 42.23 -5.11 -15.36
N LYS E 133 42.17 -5.53 -16.62
CA LYS E 133 43.18 -6.41 -17.19
C LYS E 133 43.99 -5.64 -18.22
N LEU E 134 45.31 -5.71 -18.10
CA LEU E 134 46.24 -5.00 -18.98
C LEU E 134 47.00 -6.02 -19.82
N THR E 135 46.94 -5.86 -21.14
CA THR E 135 47.67 -6.70 -22.08
C THR E 135 48.57 -5.82 -22.92
N THR E 136 49.88 -6.05 -22.83
CA THR E 136 50.83 -5.19 -23.51
C THR E 136 50.72 -5.33 -25.02
N LEU E 137 50.91 -4.22 -25.73
CA LEU E 137 50.95 -4.18 -27.18
C LEU E 137 52.33 -3.88 -27.71
N GLY E 138 53.31 -3.73 -26.82
CA GLY E 138 54.64 -3.28 -27.18
C GLY E 138 55.07 -2.18 -26.22
N LYS E 139 56.38 -1.93 -26.18
CA LYS E 139 56.90 -0.98 -25.20
C LYS E 139 56.35 0.42 -25.41
N ASN E 140 56.27 0.87 -26.66
CA ASN E 140 55.72 2.18 -26.96
C ASN E 140 54.37 2.12 -27.67
N GLN E 141 53.75 0.94 -27.75
CA GLN E 141 52.47 0.78 -28.41
C GLN E 141 51.28 0.89 -27.46
N GLY E 142 51.52 0.88 -26.15
CA GLY E 142 50.45 0.90 -25.19
C GLY E 142 49.98 -0.49 -24.82
N ALA E 143 48.93 -0.53 -24.00
CA ALA E 143 48.34 -1.77 -23.55
C ALA E 143 46.83 -1.72 -23.72
N MET E 144 46.24 -2.86 -24.08
CA MET E 144 44.79 -2.97 -24.21
C MET E 144 44.19 -3.22 -22.83
N VAL E 145 43.18 -2.43 -22.47
CA VAL E 145 42.56 -2.51 -21.15
C VAL E 145 41.19 -3.16 -21.29
N GLU E 146 40.92 -4.14 -20.43
CA GLU E 146 39.64 -4.83 -20.40
C GLU E 146 38.96 -4.54 -19.08
N LEU E 147 37.73 -4.05 -19.13
CA LEU E 147 36.94 -3.72 -17.94
C LEU E 147 35.66 -4.53 -17.96
N LEU E 148 35.46 -5.35 -16.94
CA LEU E 148 34.29 -6.19 -16.80
C LEU E 148 33.57 -5.83 -15.50
N TYR E 149 32.25 -5.76 -15.54
CA TYR E 149 31.51 -5.48 -14.32
C TYR E 149 30.02 -5.79 -14.49
N PRO E 150 29.35 -6.21 -13.42
CA PRO E 150 27.89 -6.36 -13.48
C PRO E 150 27.19 -5.04 -13.23
N THR E 151 25.99 -4.90 -13.81
CA THR E 151 25.23 -3.68 -13.68
C THR E 151 23.75 -4.01 -13.44
N ILE E 152 23.05 -3.07 -12.80
CA ILE E 152 21.60 -3.10 -12.69
C ILE E 152 21.13 -1.74 -13.18
N TYR E 153 20.58 -1.71 -14.40
CA TYR E 153 20.18 -0.45 -15.03
C TYR E 153 18.71 -0.17 -14.76
N LYS E 154 18.42 1.05 -14.35
CA LYS E 154 17.06 1.54 -14.17
C LYS E 154 16.85 2.65 -15.20
N ILE E 155 16.17 2.32 -16.29
CA ILE E 155 16.00 3.22 -17.43
C ILE E 155 14.54 3.58 -17.58
N SER E 156 14.27 4.84 -17.89
CA SER E 156 12.92 5.31 -18.14
C SER E 156 12.46 4.81 -19.50
N CYS E 157 11.25 4.27 -19.56
CA CYS E 157 10.67 3.75 -20.78
C CYS E 157 9.28 4.33 -20.98
N LEU E 158 9.00 4.83 -22.18
CA LEU E 158 7.68 5.33 -22.54
C LEU E 158 6.84 4.16 -23.06
N LEU E 159 5.91 3.70 -22.23
CA LEU E 159 5.10 2.53 -22.56
C LEU E 159 3.85 2.96 -23.31
N ASN E 160 3.56 2.27 -24.41
CA ASN E 160 2.36 2.50 -25.20
C ASN E 160 1.41 1.33 -24.94
N LEU E 161 0.41 1.57 -24.08
CA LEU E 161 -0.52 0.53 -23.68
C LEU E 161 -1.81 0.57 -24.49
N LYS E 162 -1.71 0.92 -25.78
CA LYS E 162 -2.89 0.97 -26.62
C LYS E 162 -3.51 -0.42 -26.80
N TYR E 163 -2.67 -1.45 -26.89
CA TYR E 163 -3.14 -2.82 -27.12
C TYR E 163 -3.09 -3.67 -25.86
N PHE E 164 -2.97 -3.05 -24.70
CA PHE E 164 -2.91 -3.81 -23.45
C PHE E 164 -4.15 -4.70 -23.33
N PRO E 165 -3.99 -5.97 -22.93
CA PRO E 165 -2.74 -6.65 -22.54
C PRO E 165 -2.06 -7.43 -23.65
N PHE E 166 -2.17 -6.99 -24.91
CA PHE E 166 -1.49 -7.64 -26.04
C PHE E 166 -0.41 -6.73 -26.61
N ASP E 167 0.20 -5.91 -25.77
CA ASP E 167 1.08 -4.84 -26.22
C ASP E 167 2.52 -5.33 -26.36
N THR E 168 3.26 -4.67 -27.25
CA THR E 168 4.69 -4.86 -27.42
C THR E 168 5.39 -3.56 -27.09
N GLN E 169 6.45 -3.63 -26.29
CA GLN E 169 7.18 -2.46 -25.84
C GLN E 169 8.61 -2.49 -26.34
N THR E 170 9.14 -1.32 -26.66
CA THR E 170 10.53 -1.16 -27.08
C THR E 170 11.25 -0.27 -26.09
N CYS E 171 12.39 -0.74 -25.58
CA CYS E 171 13.18 -0.02 -24.60
C CYS E 171 14.52 0.37 -25.22
N ARG E 172 14.85 1.66 -25.12
CA ARG E 172 16.09 2.18 -25.68
C ARG E 172 17.03 2.62 -24.55
N MET E 173 18.29 2.19 -24.64
CA MET E 173 19.33 2.64 -23.74
C MET E 173 20.36 3.40 -24.55
N THR E 174 20.69 4.61 -24.12
CA THR E 174 21.66 5.45 -24.78
C THR E 174 22.93 5.51 -23.94
N PHE E 175 24.07 5.26 -24.58
CA PHE E 175 25.36 5.25 -23.92
C PHE E 175 26.30 6.25 -24.59
N GLY E 176 27.14 6.87 -23.78
CA GLY E 176 28.11 7.81 -24.30
C GLY E 176 28.89 8.44 -23.15
N SER E 177 29.74 9.39 -23.53
CA SER E 177 30.51 10.16 -22.57
C SER E 177 29.80 11.48 -22.29
N TRP E 178 29.81 11.90 -21.03
CA TRP E 178 29.14 13.14 -20.68
C TRP E 178 30.02 14.36 -20.85
N SER E 179 31.34 14.22 -20.68
CA SER E 179 32.24 15.36 -20.73
C SER E 179 33.22 15.35 -21.89
N PHE E 180 33.37 14.22 -22.58
CA PHE E 180 34.33 14.10 -23.67
C PHE E 180 33.58 13.99 -25.00
N ASP E 181 34.04 14.75 -25.99
CA ASP E 181 33.41 14.79 -27.30
C ASP E 181 34.14 13.84 -28.25
N ASN E 182 33.75 13.87 -29.52
CA ASN E 182 34.26 12.91 -30.50
C ASN E 182 35.78 12.96 -30.61
N SER E 183 36.37 14.15 -30.52
CA SER E 183 37.80 14.28 -30.72
C SER E 183 38.61 13.65 -29.60
N LEU E 184 37.98 13.28 -28.49
CA LEU E 184 38.65 12.68 -27.36
C LEU E 184 38.29 11.21 -27.18
N ILE E 185 37.00 10.88 -27.08
CA ILE E 185 36.55 9.51 -26.87
C ILE E 185 35.53 9.17 -27.95
N ASP E 186 35.77 8.08 -28.66
CA ASP E 186 34.85 7.57 -29.66
C ASP E 186 34.35 6.19 -29.23
N TYR E 187 33.07 5.92 -29.47
CA TYR E 187 32.42 4.72 -29.00
C TYR E 187 31.99 3.84 -30.17
N PHE E 188 32.25 2.54 -30.04
CA PHE E 188 31.85 1.55 -31.03
C PHE E 188 31.20 0.36 -30.34
N PRO E 189 30.23 -0.28 -30.99
CA PRO E 189 29.60 -1.46 -30.40
C PRO E 189 30.30 -2.76 -30.75
N ARG E 190 30.14 -3.74 -29.87
CA ARG E 190 30.67 -5.08 -30.06
C ARG E 190 29.51 -6.05 -29.91
N THR E 191 29.15 -6.73 -31.00
CA THR E 191 27.96 -7.56 -31.04
C THR E 191 28.30 -9.03 -30.87
N PHE E 192 27.27 -9.82 -30.56
CA PHE E 192 27.39 -11.24 -30.30
C PHE E 192 26.88 -12.04 -31.50
N THR E 193 26.89 -13.37 -31.35
CA THR E 193 26.42 -14.23 -32.42
C THR E 193 24.94 -14.05 -32.71
N ASN E 194 24.12 -13.92 -31.67
CA ASN E 194 22.68 -13.81 -31.85
C ASN E 194 22.22 -12.39 -32.16
N GLY E 195 23.07 -11.38 -31.97
CA GLY E 195 22.70 -10.02 -32.24
C GLY E 195 23.47 -9.02 -31.42
N PRO E 196 23.02 -7.76 -31.45
CA PRO E 196 23.76 -6.70 -30.73
C PRO E 196 23.89 -6.96 -29.24
N ILE E 197 22.87 -7.54 -28.61
CA ILE E 197 22.86 -7.81 -27.18
C ILE E 197 22.87 -9.32 -26.98
N GLY E 198 23.83 -9.81 -26.20
CA GLY E 198 23.94 -11.23 -25.97
C GLY E 198 22.79 -11.77 -25.13
N LEU E 199 22.37 -12.99 -25.47
CA LEU E 199 21.30 -13.66 -24.73
C LEU E 199 21.66 -15.11 -24.41
N ALA E 200 22.95 -15.45 -24.43
CA ALA E 200 23.36 -16.83 -24.18
C ALA E 200 23.13 -17.21 -22.72
N ASN E 201 23.21 -16.23 -21.81
CA ASN E 201 23.06 -16.47 -20.38
C ASN E 201 21.75 -15.90 -19.84
N PHE E 202 20.83 -15.53 -20.72
CA PHE E 202 19.61 -14.85 -20.31
C PHE E 202 18.64 -15.82 -19.66
N LEU E 203 18.00 -15.37 -18.58
CA LEU E 203 16.95 -16.14 -17.92
C LEU E 203 15.59 -15.62 -18.37
N GLU E 204 14.76 -16.52 -18.88
CA GLU E 204 13.48 -16.12 -19.46
C GLU E 204 12.59 -15.48 -18.40
N ASN E 205 11.84 -14.47 -18.82
CA ASN E 205 10.90 -13.77 -17.95
C ASN E 205 9.54 -14.46 -18.02
N ASP E 206 8.83 -14.48 -16.89
CA ASP E 206 7.53 -15.14 -16.82
C ASP E 206 6.41 -14.29 -17.40
N ALA E 207 6.63 -12.99 -17.62
CA ALA E 207 5.60 -12.10 -18.12
C ALA E 207 5.93 -11.47 -19.46
N TRP E 208 7.18 -11.51 -19.91
CA TRP E 208 7.61 -10.82 -21.11
C TRP E 208 8.48 -11.74 -21.95
N SER E 209 8.46 -11.51 -23.26
CA SER E 209 9.30 -12.22 -24.21
C SER E 209 10.20 -11.22 -24.93
N VAL E 210 11.45 -11.59 -25.15
CA VAL E 210 12.39 -10.75 -25.87
C VAL E 210 12.31 -11.11 -27.35
N LEU E 211 11.70 -10.22 -28.15
CA LEU E 211 11.55 -10.50 -29.57
C LEU E 211 12.85 -10.29 -30.32
N GLY E 212 13.63 -9.27 -29.95
CA GLY E 212 14.89 -9.01 -30.62
C GLY E 212 15.58 -7.82 -30.00
N THR E 213 16.76 -7.53 -30.52
CA THR E 213 17.58 -6.42 -30.05
C THR E 213 18.18 -5.69 -31.24
N LYS E 214 18.47 -4.40 -31.05
CA LYS E 214 19.08 -3.56 -32.07
C LYS E 214 20.13 -2.67 -31.45
N VAL E 215 21.08 -2.23 -32.27
CA VAL E 215 22.10 -1.27 -31.86
C VAL E 215 22.34 -0.29 -32.99
N ASN E 216 22.44 0.99 -32.66
CA ASN E 216 22.68 2.04 -33.63
C ASN E 216 23.76 2.97 -33.09
N ARG E 217 24.71 3.34 -33.95
CA ARG E 217 25.77 4.29 -33.61
C ARG E 217 25.50 5.58 -34.36
N GLU E 218 25.33 6.68 -33.63
CA GLU E 218 24.97 7.96 -34.23
C GLU E 218 25.79 9.08 -33.60
N GLU E 219 26.19 10.03 -34.43
CA GLU E 219 26.95 11.20 -34.00
C GLU E 219 26.02 12.40 -33.89
N LYS E 220 26.08 13.09 -32.76
CA LYS E 220 25.15 14.17 -32.47
C LYS E 220 25.88 15.44 -32.07
N LYS E 221 25.31 16.58 -32.46
CA LYS E 221 25.79 17.88 -32.03
C LYS E 221 24.89 18.43 -30.93
N TYR E 222 25.51 19.04 -29.93
CA TYR E 222 24.82 19.70 -28.84
C TYR E 222 25.26 21.16 -28.78
N THR E 223 24.36 22.01 -28.30
CA THR E 223 24.66 23.44 -28.24
C THR E 223 25.75 23.77 -27.22
N CYS E 224 26.01 22.89 -26.26
CA CYS E 224 27.00 23.17 -25.24
C CYS E 224 28.42 22.99 -25.74
N CYS E 225 28.64 22.21 -26.81
CA CYS E 225 29.97 21.91 -27.29
C CYS E 225 30.06 22.12 -28.79
N PRO E 226 31.19 22.65 -29.27
CA PRO E 226 31.35 22.82 -30.72
C PRO E 226 31.60 21.53 -31.48
N VAL E 227 31.95 20.43 -30.80
CA VAL E 227 32.26 19.17 -31.46
C VAL E 227 31.14 18.18 -31.19
N ASN E 228 31.05 17.17 -32.05
CA ASN E 228 30.02 16.14 -31.93
C ASN E 228 30.30 15.21 -30.76
N TYR E 229 29.26 14.46 -30.40
CA TYR E 229 29.34 13.35 -29.45
C TYR E 229 28.96 12.07 -30.18
N THR E 230 29.52 10.95 -29.72
CA THR E 230 29.18 9.64 -30.26
C THR E 230 28.31 8.90 -29.26
N LEU E 231 27.13 8.46 -29.69
CA LEU E 231 26.18 7.78 -28.84
C LEU E 231 25.89 6.39 -29.38
N LEU E 232 25.68 5.45 -28.47
CA LEU E 232 25.28 4.09 -28.81
C LEU E 232 23.86 3.86 -28.32
N HIS E 233 22.98 3.44 -29.22
CA HIS E 233 21.58 3.19 -28.90
C HIS E 233 21.32 1.69 -28.92
N TYR E 234 20.91 1.14 -27.79
CA TYR E 234 20.52 -0.26 -27.68
C TYR E 234 19.02 -0.35 -27.50
N ASP E 235 18.36 -1.11 -28.35
CA ASP E 235 16.91 -1.30 -28.30
C ASP E 235 16.60 -2.73 -27.95
N VAL E 236 15.64 -2.92 -27.04
CA VAL E 236 15.14 -4.25 -26.68
C VAL E 236 13.65 -4.25 -26.96
N VAL E 237 13.19 -5.22 -27.74
CA VAL E 237 11.77 -5.39 -28.05
C VAL E 237 11.25 -6.54 -27.20
N ILE E 238 10.24 -6.25 -26.37
CA ILE E 238 9.67 -7.22 -25.45
C ILE E 238 8.17 -7.26 -25.67
N GLN E 239 7.62 -8.47 -25.72
CA GLN E 239 6.19 -8.68 -25.92
C GLN E 239 5.60 -9.31 -24.67
N ARG E 240 4.46 -8.79 -24.23
CA ARG E 240 3.80 -9.32 -23.05
C ARG E 240 3.18 -10.68 -23.33
N LYS E 241 3.12 -11.51 -22.29
CA LYS E 241 2.41 -12.78 -22.35
C LYS E 241 1.02 -12.55 -21.78
N PRO E 242 -0.05 -12.65 -22.59
CA PRO E 242 -1.34 -12.09 -22.18
C PRO E 242 -2.18 -12.98 -21.29
N LEU E 243 -1.91 -14.28 -21.22
CA LEU E 243 -2.84 -15.21 -20.58
C LEU E 243 -3.15 -14.78 -19.15
N TYR E 244 -2.14 -14.30 -18.42
CA TYR E 244 -2.34 -13.92 -17.03
C TYR E 244 -3.34 -12.77 -16.91
N TYR E 245 -3.21 -11.76 -17.78
CA TYR E 245 -4.05 -10.59 -17.66
C TYR E 245 -5.45 -10.84 -18.20
N VAL E 246 -5.57 -11.68 -19.22
CA VAL E 246 -6.90 -12.02 -19.75
C VAL E 246 -7.71 -12.75 -18.68
N LEU E 247 -7.08 -13.70 -17.99
CA LEU E 247 -7.79 -14.46 -16.97
C LEU E 247 -8.17 -13.58 -15.78
N ASN E 248 -7.27 -12.71 -15.36
CA ASN E 248 -7.46 -11.97 -14.11
C ASN E 248 -8.23 -10.67 -14.27
N LEU E 249 -8.29 -10.10 -15.48
CA LEU E 249 -8.92 -8.81 -15.68
C LEU E 249 -10.15 -8.84 -16.59
N ILE E 250 -10.32 -9.86 -17.42
CA ILE E 250 -11.41 -9.92 -18.38
C ILE E 250 -12.40 -11.02 -18.04
N ALA E 251 -11.92 -12.20 -17.66
CA ALA E 251 -12.82 -13.31 -17.39
C ALA E 251 -13.80 -13.01 -16.28
N PRO E 252 -13.38 -12.52 -15.10
CA PRO E 252 -14.37 -12.27 -14.04
C PRO E 252 -15.44 -11.26 -14.42
N THR E 253 -15.09 -10.24 -15.21
CA THR E 253 -16.08 -9.23 -15.56
C THR E 253 -17.08 -9.75 -16.58
N ALA E 254 -16.63 -10.58 -17.53
CA ALA E 254 -17.53 -11.12 -18.54
C ALA E 254 -18.59 -12.02 -17.92
N VAL E 255 -18.19 -12.86 -16.96
CA VAL E 255 -19.14 -13.80 -16.35
C VAL E 255 -20.23 -13.05 -15.60
N ILE E 256 -19.85 -12.03 -14.83
CA ILE E 256 -20.83 -11.25 -14.09
C ILE E 256 -21.78 -10.53 -15.04
N THR E 257 -21.23 -9.93 -16.10
CA THR E 257 -22.06 -9.20 -17.05
C THR E 257 -23.05 -10.13 -17.74
N PHE E 258 -22.61 -11.33 -18.12
CA PHE E 258 -23.51 -12.27 -18.79
C PHE E 258 -24.65 -12.70 -17.88
N ILE E 259 -24.34 -13.00 -16.61
CA ILE E 259 -25.37 -13.46 -15.69
C ILE E 259 -26.39 -12.36 -15.44
N SER E 260 -25.93 -11.12 -15.26
CA SER E 260 -26.85 -10.03 -14.97
C SER E 260 -27.78 -9.76 -16.14
N ILE E 261 -27.33 -10.01 -17.37
CA ILE E 261 -28.19 -9.81 -18.53
C ILE E 261 -29.41 -10.72 -18.46
N ILE E 262 -29.20 -11.98 -18.07
CA ILE E 262 -30.31 -12.91 -17.96
C ILE E 262 -31.31 -12.44 -16.91
N GLY E 263 -30.79 -11.94 -15.78
CA GLY E 263 -31.68 -11.44 -14.74
C GLY E 263 -32.53 -10.27 -15.17
N PHE E 264 -32.00 -9.42 -16.05
CA PHE E 264 -32.74 -8.25 -16.50
C PHE E 264 -34.02 -8.65 -17.23
N PHE E 265 -33.92 -9.63 -18.13
CA PHE E 265 -34.99 -9.94 -19.08
C PHE E 265 -35.56 -11.32 -18.84
N THR E 266 -35.75 -11.67 -17.57
CA THR E 266 -36.36 -12.95 -17.20
C THR E 266 -37.43 -12.68 -16.15
N SER E 267 -38.55 -13.40 -16.27
CA SER E 267 -39.66 -13.26 -15.34
C SER E 267 -40.29 -14.63 -15.11
N SER E 268 -40.90 -14.79 -13.93
CA SER E 268 -41.52 -16.05 -13.59
C SER E 268 -42.94 -16.20 -14.10
N SER E 269 -43.54 -15.13 -14.62
CA SER E 269 -44.90 -15.19 -15.12
C SER E 269 -45.09 -14.11 -16.17
N VAL E 270 -46.14 -14.29 -16.99
CA VAL E 270 -46.46 -13.33 -18.04
C VAL E 270 -47.51 -12.31 -17.61
N HIS E 271 -48.46 -12.71 -16.76
CA HIS E 271 -49.58 -11.86 -16.38
C HIS E 271 -49.46 -11.35 -14.94
N ASP E 272 -48.26 -11.05 -14.50
CA ASP E 272 -48.02 -10.48 -13.18
C ASP E 272 -47.11 -9.26 -13.30
N LEU E 273 -47.32 -8.30 -12.40
CA LEU E 273 -46.49 -7.10 -12.41
C LEU E 273 -45.04 -7.47 -12.12
N ARG E 274 -44.12 -6.81 -12.81
CA ARG E 274 -42.71 -7.11 -12.67
C ARG E 274 -42.08 -6.26 -11.56
N GLN E 275 -40.99 -6.78 -11.00
CA GLN E 275 -40.21 -6.05 -10.02
C GLN E 275 -39.15 -5.22 -10.72
N GLU E 276 -38.85 -4.04 -10.16
CA GLU E 276 -37.85 -3.16 -10.74
C GLU E 276 -36.47 -3.79 -10.64
N LYS E 277 -35.68 -3.64 -11.71
CA LYS E 277 -34.32 -4.17 -11.77
C LYS E 277 -33.26 -3.13 -11.46
N ILE E 278 -33.65 -1.96 -10.94
CA ILE E 278 -32.67 -0.90 -10.70
C ILE E 278 -31.65 -1.36 -9.66
N THR E 279 -32.11 -2.02 -8.59
CA THR E 279 -31.19 -2.48 -7.56
C THR E 279 -30.19 -3.48 -8.14
N LEU E 280 -30.64 -4.37 -9.02
CA LEU E 280 -29.73 -5.31 -9.67
C LEU E 280 -28.68 -4.57 -10.51
N GLY E 281 -29.11 -3.55 -11.26
CA GLY E 281 -28.17 -2.81 -12.07
C GLY E 281 -27.17 -2.02 -11.24
N ILE E 282 -27.65 -1.38 -10.16
CA ILE E 282 -26.76 -0.57 -9.33
C ILE E 282 -25.68 -1.42 -8.71
N THR E 283 -26.04 -2.58 -8.17
CA THR E 283 -25.05 -3.44 -7.53
C THR E 283 -23.99 -3.91 -8.53
N THR E 284 -24.43 -4.30 -9.74
CA THR E 284 -23.47 -4.69 -10.77
C THR E 284 -22.61 -3.51 -11.19
N LEU E 285 -23.21 -2.33 -11.33
CA LEU E 285 -22.45 -1.15 -11.75
C LEU E 285 -21.40 -0.77 -10.71
N LEU E 286 -21.73 -0.89 -9.43
CA LEU E 286 -20.81 -0.46 -8.39
C LEU E 286 -19.63 -1.40 -8.25
N SER E 287 -19.84 -2.70 -8.50
CA SER E 287 -18.74 -3.65 -8.46
C SER E 287 -17.74 -3.40 -9.59
N MET E 288 -18.25 -3.13 -10.80
CA MET E 288 -17.36 -2.83 -11.92
C MET E 288 -16.53 -1.58 -11.67
N SER E 289 -17.08 -0.61 -10.95
CA SER E 289 -16.30 0.58 -10.61
C SER E 289 -15.10 0.23 -9.73
N ILE E 290 -15.30 -0.68 -8.77
CA ILE E 290 -14.19 -1.11 -7.93
C ILE E 290 -13.13 -1.83 -8.76
N MET E 291 -13.56 -2.69 -9.68
CA MET E 291 -12.61 -3.37 -10.55
C MET E 291 -11.83 -2.39 -11.40
N ILE E 292 -12.49 -1.33 -11.88
CA ILE E 292 -11.81 -0.32 -12.69
C ILE E 292 -10.74 0.39 -11.85
N PHE E 293 -11.07 0.75 -10.61
CA PHE E 293 -10.10 1.39 -9.74
C PHE E 293 -8.93 0.45 -9.43
N MET E 294 -9.23 -0.82 -9.20
CA MET E 294 -8.17 -1.79 -8.92
C MET E 294 -7.24 -1.93 -10.12
N VAL E 295 -7.80 -2.06 -11.32
CA VAL E 295 -6.98 -2.22 -12.51
C VAL E 295 -6.23 -0.93 -12.82
N SER E 296 -6.87 0.22 -12.60
CA SER E 296 -6.24 1.50 -12.91
C SER E 296 -4.96 1.73 -12.14
N ASP E 297 -4.80 1.09 -10.97
CA ASP E 297 -3.58 1.23 -10.19
C ASP E 297 -2.40 0.51 -10.81
N LYS E 298 -2.62 -0.28 -11.85
CA LYS E 298 -1.57 -1.06 -12.49
C LYS E 298 -1.10 -0.47 -13.80
N MET E 299 -1.48 0.77 -14.11
CA MET E 299 -1.23 1.37 -15.42
C MET E 299 -0.59 2.74 -15.28
N PRO E 300 0.04 3.23 -16.34
CA PRO E 300 0.79 4.50 -16.25
C PRO E 300 -0.06 5.70 -15.88
N SER E 301 -1.37 5.69 -16.14
CA SER E 301 -2.20 6.87 -15.89
C SER E 301 -1.94 7.96 -16.92
N THR E 302 -1.74 7.56 -18.18
CA THR E 302 -1.55 8.54 -19.24
C THR E 302 -2.89 8.92 -19.87
N SER E 303 -2.89 10.05 -20.57
CA SER E 303 -4.04 10.50 -21.34
C SER E 303 -3.83 10.40 -22.85
N THR E 304 -2.74 9.78 -23.29
CA THR E 304 -2.41 9.79 -24.71
C THR E 304 -3.31 8.84 -25.49
N CYS E 305 -3.57 7.65 -24.95
CA CYS E 305 -4.29 6.61 -25.67
C CYS E 305 -5.38 6.03 -24.80
N VAL E 306 -6.28 5.29 -25.44
CA VAL E 306 -7.31 4.50 -24.77
C VAL E 306 -6.98 3.03 -25.02
N PRO E 307 -6.64 2.27 -23.98
CA PRO E 307 -6.19 0.88 -24.19
C PRO E 307 -7.31 0.00 -24.73
N LEU E 308 -6.92 -1.19 -25.18
CA LEU E 308 -7.90 -2.17 -25.64
C LEU E 308 -8.83 -2.60 -24.51
N ILE E 309 -8.29 -2.77 -23.30
CA ILE E 309 -9.11 -3.20 -22.18
C ILE E 309 -10.09 -2.10 -21.77
N ALA E 310 -9.74 -0.84 -22.01
CA ALA E 310 -10.66 0.25 -21.70
C ALA E 310 -11.93 0.16 -22.54
N LEU E 311 -11.79 -0.23 -23.80
CA LEU E 311 -12.97 -0.39 -24.66
C LEU E 311 -13.81 -1.57 -24.21
N PHE E 312 -13.18 -2.62 -23.69
CA PHE E 312 -13.93 -3.76 -23.17
C PHE E 312 -14.77 -3.36 -21.96
N TYR E 313 -14.18 -2.62 -21.02
CA TYR E 313 -14.93 -2.19 -19.85
C TYR E 313 -16.04 -1.23 -20.21
N THR E 314 -15.80 -0.34 -21.18
CA THR E 314 -16.83 0.62 -21.58
C THR E 314 -18.04 -0.10 -22.15
N LEU E 315 -17.83 -1.16 -22.92
CA LEU E 315 -18.96 -1.92 -23.46
C LEU E 315 -19.72 -2.64 -22.35
N MET E 316 -19.01 -3.21 -21.38
CA MET E 316 -19.68 -3.88 -20.27
C MET E 316 -20.53 -2.89 -19.47
N ILE E 317 -20.00 -1.70 -19.21
CA ILE E 317 -20.77 -0.69 -18.49
C ILE E 317 -21.99 -0.27 -19.31
N THR E 318 -21.81 -0.06 -20.61
CA THR E 318 -22.91 0.38 -21.45
C THR E 318 -24.02 -0.65 -21.51
N ILE E 319 -23.65 -1.93 -21.62
CA ILE E 319 -24.66 -2.98 -21.71
C ILE E 319 -25.47 -3.05 -20.42
N ILE E 320 -24.79 -2.98 -19.27
CA ILE E 320 -25.49 -3.04 -18.00
C ILE E 320 -26.36 -1.80 -17.80
N SER E 321 -25.81 -0.62 -18.07
CA SER E 321 -26.56 0.62 -17.85
C SER E 321 -27.72 0.75 -18.82
N VAL E 322 -27.47 0.45 -20.10
CA VAL E 322 -28.54 0.52 -21.09
C VAL E 322 -29.53 -0.63 -20.88
N GLY E 323 -29.04 -1.78 -20.45
CA GLY E 323 -29.93 -2.89 -20.15
C GLY E 323 -30.86 -2.60 -18.99
N THR E 324 -30.39 -1.82 -18.01
CA THR E 324 -31.26 -1.41 -16.91
C THR E 324 -32.40 -0.55 -17.40
N LEU E 325 -32.12 0.35 -18.34
CA LEU E 325 -33.18 1.21 -18.89
C LEU E 325 -34.13 0.42 -19.77
N ALA E 326 -33.62 -0.58 -20.49
CA ALA E 326 -34.48 -1.41 -21.32
C ALA E 326 -35.43 -2.24 -20.47
N ALA E 327 -34.94 -2.74 -19.34
CA ALA E 327 -35.80 -3.51 -18.44
C ALA E 327 -36.89 -2.63 -17.83
N SER E 328 -36.57 -1.37 -17.54
CA SER E 328 -37.58 -0.46 -17.01
C SER E 328 -38.62 -0.07 -18.07
N SER E 329 -38.24 -0.10 -19.34
CA SER E 329 -39.20 0.21 -20.40
C SER E 329 -40.19 -0.93 -20.59
N VAL E 330 -39.82 -2.15 -20.21
CA VAL E 330 -40.77 -3.26 -20.25
C VAL E 330 -41.87 -3.06 -19.22
N ILE E 331 -41.50 -2.56 -18.03
CA ILE E 331 -42.50 -2.24 -17.01
C ILE E 331 -43.37 -1.09 -17.47
N PHE E 332 -42.79 -0.13 -18.20
CA PHE E 332 -43.57 0.98 -18.73
C PHE E 332 -44.64 0.51 -19.70
N VAL E 333 -44.29 -0.43 -20.58
CA VAL E 333 -45.24 -0.90 -21.59
C VAL E 333 -46.37 -1.68 -20.94
N GLN E 334 -46.05 -2.51 -19.95
CA GLN E 334 -47.09 -3.28 -19.27
C GLN E 334 -48.05 -2.37 -18.50
N LYS E 335 -47.57 -1.25 -17.99
CA LYS E 335 -48.40 -0.31 -17.24
C LYS E 335 -49.44 0.38 -18.10
N LEU E 336 -49.32 0.30 -19.43
CA LEU E 336 -50.30 0.93 -20.31
C LEU E 336 -51.65 0.21 -20.29
N GLY E 337 -51.69 -1.03 -19.83
CA GLY E 337 -52.95 -1.74 -19.74
C GLY E 337 -53.87 -1.15 -18.69
N SER E 338 -53.31 -0.76 -17.54
CA SER E 338 -54.12 -0.20 -16.47
C SER E 338 -54.57 1.22 -16.78
N ILE E 339 -53.69 2.03 -17.36
CA ILE E 339 -54.00 3.44 -17.61
C ILE E 339 -54.92 3.52 -18.82
N GLY E 340 -56.22 3.59 -18.56
CA GLY E 340 -57.20 3.55 -19.63
C GLY E 340 -57.28 2.16 -20.22
N ASN E 341 -58.21 2.00 -21.14
CA ASN E 341 -58.27 0.75 -21.87
C ASN E 341 -58.19 0.95 -23.39
N PRO E 342 -57.29 1.81 -23.88
CA PRO E 342 -56.93 1.74 -25.30
C PRO E 342 -56.04 0.53 -25.55
N PRO E 343 -56.57 -0.50 -26.20
CA PRO E 343 -55.75 -1.67 -26.51
C PRO E 343 -54.77 -1.38 -27.63
N ALA E 344 -53.81 -2.28 -27.77
CA ALA E 344 -52.87 -2.18 -28.89
C ALA E 344 -53.62 -2.25 -30.20
N SER E 345 -53.25 -1.37 -31.14
CA SER E 345 -54.00 -1.23 -32.39
C SER E 345 -53.35 -1.99 -33.54
N LYS E 346 -52.09 -1.66 -33.86
CA LYS E 346 -51.35 -2.37 -34.90
C LYS E 346 -50.21 -3.20 -34.33
N THR E 347 -49.86 -3.01 -33.06
CA THR E 347 -48.81 -3.81 -32.44
C THR E 347 -49.20 -5.28 -32.30
N MET E 348 -50.50 -5.59 -32.32
CA MET E 348 -50.91 -6.95 -32.02
C MET E 348 -50.58 -7.90 -33.18
N LYS E 349 -50.65 -7.42 -34.42
CA LYS E 349 -50.27 -8.26 -35.54
C LYS E 349 -48.75 -8.43 -35.62
N TRP E 350 -48.00 -7.35 -35.42
CA TRP E 350 -46.55 -7.45 -35.33
C TRP E 350 -46.14 -8.34 -34.16
N THR E 351 -46.81 -8.21 -33.03
CA THR E 351 -46.43 -8.97 -31.85
C THR E 351 -46.67 -10.47 -32.05
N HIS E 352 -47.71 -10.82 -32.81
CA HIS E 352 -48.03 -12.24 -33.00
C HIS E 352 -47.06 -12.91 -33.97
N ARG E 353 -46.62 -12.17 -35.00
CA ARG E 353 -45.70 -12.76 -35.97
C ARG E 353 -44.31 -12.93 -35.39
N ILE E 354 -43.83 -11.95 -34.62
CA ILE E 354 -42.55 -12.10 -33.94
C ILE E 354 -42.60 -13.14 -32.85
N ALA E 355 -43.79 -13.42 -32.31
CA ALA E 355 -43.90 -14.32 -31.16
C ALA E 355 -43.33 -15.71 -31.43
N PRO E 356 -43.54 -16.34 -32.59
CA PRO E 356 -42.97 -17.68 -32.79
C PRO E 356 -41.45 -17.67 -32.98
N PHE E 357 -40.90 -16.65 -33.65
CA PHE E 357 -39.47 -16.64 -33.92
C PHE E 357 -38.66 -16.59 -32.63
N VAL E 358 -39.02 -15.70 -31.72
CA VAL E 358 -38.50 -15.73 -30.36
C VAL E 358 -39.39 -16.70 -29.57
N LEU E 359 -38.80 -17.79 -29.08
CA LEU E 359 -39.59 -18.96 -28.71
C LEU E 359 -40.41 -18.64 -27.47
N ILE E 360 -41.53 -17.97 -27.69
CA ILE E 360 -42.49 -17.64 -26.64
C ILE E 360 -43.89 -17.90 -27.18
N GLN E 361 -44.74 -18.49 -26.36
CA GLN E 361 -46.09 -18.86 -26.75
C GLN E 361 -47.11 -18.25 -25.81
N MET E 362 -48.33 -18.07 -26.32
CA MET E 362 -49.36 -17.37 -25.59
C MET E 362 -49.85 -18.20 -24.41
N PRO E 363 -50.12 -17.58 -23.27
CA PRO E 363 -50.68 -18.32 -22.13
C PRO E 363 -52.11 -18.76 -22.40
N LEU E 364 -52.57 -19.68 -21.55
CA LEU E 364 -53.91 -20.25 -21.74
C LEU E 364 -54.99 -19.21 -21.50
N VAL E 365 -54.83 -18.37 -20.47
CA VAL E 365 -55.88 -17.40 -20.14
C VAL E 365 -56.10 -16.44 -21.30
N MET E 366 -55.02 -15.98 -21.93
CA MET E 366 -55.16 -15.09 -23.06
C MET E 366 -55.92 -15.75 -24.21
N LYS E 367 -55.64 -17.04 -24.45
CA LYS E 367 -56.40 -17.77 -25.47
C LYS E 367 -57.86 -17.90 -25.08
N GLN E 368 -58.14 -18.14 -23.80
CA GLN E 368 -59.52 -18.19 -23.35
C GLN E 368 -60.22 -16.85 -23.49
N ALA E 369 -59.52 -15.75 -23.16
CA ALA E 369 -60.10 -14.43 -23.31
C ALA E 369 -60.40 -14.13 -24.77
N TYR E 370 -59.51 -14.52 -25.68
CA TYR E 370 -59.74 -14.28 -27.10
C TYR E 370 -60.99 -15.01 -27.58
N ALA E 371 -61.16 -16.28 -27.17
CA ALA E 371 -62.34 -17.03 -27.56
C ALA E 371 -63.60 -16.43 -26.95
N LYS E 372 -63.54 -15.99 -25.68
CA LYS E 372 -64.70 -15.39 -25.05
C LYS E 372 -65.13 -14.14 -25.79
N ARG E 373 -64.16 -13.28 -26.17
CA ARG E 373 -64.49 -12.10 -26.97
C ARG E 373 -65.04 -12.48 -28.33
N ALA E 374 -64.65 -13.63 -28.87
CA ALA E 374 -65.19 -14.09 -30.14
C ALA E 374 -66.62 -14.60 -30.02
N LYS E 375 -67.06 -15.00 -28.83
CA LYS E 375 -68.45 -15.38 -28.63
C LYS E 375 -69.38 -14.19 -28.66
N GLU E 376 -69.02 -13.09 -28.00
CA GLU E 376 -69.75 -11.84 -28.19
C GLU E 376 -69.57 -11.29 -29.60
N GLU E 377 -68.51 -11.72 -30.30
CA GLU E 377 -68.30 -11.29 -31.68
C GLU E 377 -69.43 -11.79 -32.59
N LYS E 378 -69.88 -13.02 -32.36
CA LYS E 378 -70.95 -13.64 -33.14
C LYS E 378 -72.27 -13.67 -32.39
N HIS E 379 -72.26 -14.21 -31.17
CA HIS E 379 -73.50 -14.39 -30.43
C HIS E 379 -74.14 -13.04 -30.10
N ARG E 380 -73.31 -12.04 -29.77
CA ARG E 380 -73.80 -10.69 -29.51
C ARG E 380 -73.88 -9.82 -30.75
N LYS E 381 -73.34 -10.29 -31.87
CA LYS E 381 -73.41 -9.50 -33.10
C LYS E 381 -74.79 -9.61 -33.74
N ARG E 382 -75.34 -10.82 -33.77
CA ARG E 382 -76.55 -11.06 -34.55
C ARG E 382 -77.84 -10.70 -33.83
N MET E 383 -77.79 -10.41 -32.52
CA MET E 383 -79.00 -9.91 -31.88
C MET E 383 -79.37 -8.52 -32.38
N SER E 384 -78.38 -7.73 -32.80
CA SER E 384 -78.67 -6.41 -33.36
C SER E 384 -79.53 -6.50 -34.61
N ARG E 385 -79.61 -7.68 -35.23
CA ARG E 385 -80.46 -7.90 -36.38
C ARG E 385 -81.93 -7.67 -36.05
N ASN E 550 -60.22 -6.40 -18.60
CA ASN E 550 -59.10 -7.24 -18.23
C ASN E 550 -58.43 -7.83 -19.46
N ILE E 551 -59.17 -7.83 -20.58
CA ILE E 551 -58.58 -8.25 -21.84
C ILE E 551 -57.55 -7.24 -22.31
N VAL E 552 -57.82 -5.95 -22.09
CA VAL E 552 -56.87 -4.91 -22.45
C VAL E 552 -55.57 -5.09 -21.67
N GLU E 553 -55.67 -5.46 -20.40
CA GLU E 553 -54.48 -5.70 -19.61
C GLU E 553 -53.72 -6.92 -20.12
N LEU E 554 -54.44 -7.97 -20.55
CA LEU E 554 -53.79 -9.15 -21.08
C LEU E 554 -53.02 -8.82 -22.36
N GLU E 555 -53.60 -8.01 -23.24
CA GLU E 555 -52.94 -7.69 -24.50
C GLU E 555 -51.64 -6.92 -24.28
N TRP E 556 -51.65 -5.99 -23.32
CA TRP E 556 -50.43 -5.24 -23.03
C TRP E 556 -49.41 -6.10 -22.29
N ASP E 557 -49.86 -7.07 -21.50
CA ASP E 557 -48.95 -8.04 -20.92
C ASP E 557 -48.27 -8.85 -22.00
N TRP E 558 -49.01 -9.24 -23.04
CA TRP E 558 -48.43 -10.01 -24.14
C TRP E 558 -47.36 -9.21 -24.87
N VAL E 559 -47.62 -7.94 -25.13
CA VAL E 559 -46.65 -7.11 -25.85
C VAL E 559 -45.36 -6.98 -25.03
N ALA E 560 -45.49 -6.77 -23.73
CA ALA E 560 -44.31 -6.65 -22.88
C ALA E 560 -43.53 -7.96 -22.83
N ALA E 561 -44.24 -9.09 -22.78
CA ALA E 561 -43.57 -10.38 -22.73
C ALA E 561 -42.77 -10.64 -24.00
N VAL E 562 -43.33 -10.30 -25.16
CA VAL E 562 -42.60 -10.47 -26.42
C VAL E 562 -41.44 -9.49 -26.49
N LEU E 563 -41.66 -8.25 -26.05
CA LEU E 563 -40.62 -7.24 -26.15
C LEU E 563 -39.40 -7.59 -25.31
N GLU E 564 -39.62 -8.11 -24.09
CA GLU E 564 -38.49 -8.44 -23.23
C GLU E 564 -37.78 -9.70 -23.70
N ARG E 565 -38.49 -10.56 -24.44
CA ARG E 565 -37.83 -11.70 -25.08
C ARG E 565 -36.93 -11.22 -26.22
N VAL E 566 -37.33 -10.16 -26.90
CA VAL E 566 -36.48 -9.56 -27.94
C VAL E 566 -35.26 -8.91 -27.30
N PHE E 567 -35.43 -8.26 -26.16
CA PHE E 567 -34.29 -7.65 -25.47
C PHE E 567 -33.27 -8.69 -25.04
N LEU E 568 -33.76 -9.84 -24.57
CA LEU E 568 -32.84 -10.88 -24.12
C LEU E 568 -31.95 -11.37 -25.25
N ILE E 569 -32.53 -11.56 -26.44
CA ILE E 569 -31.75 -12.03 -27.58
C ILE E 569 -30.80 -10.94 -28.06
N PHE E 570 -31.29 -9.69 -28.14
CA PHE E 570 -30.46 -8.62 -28.67
C PHE E 570 -29.25 -8.35 -27.79
N PHE E 571 -29.44 -8.31 -26.46
CA PHE E 571 -28.33 -8.02 -25.56
C PHE E 571 -27.39 -9.21 -25.39
N THR E 572 -27.84 -10.42 -25.72
CA THR E 572 -26.94 -11.57 -25.66
C THR E 572 -25.93 -11.55 -26.80
N ILE E 573 -26.37 -11.20 -28.00
CA ILE E 573 -25.45 -11.13 -29.13
C ILE E 573 -24.49 -9.96 -28.98
N CYS E 574 -24.98 -8.83 -28.47
CA CYS E 574 -24.11 -7.68 -28.25
C CYS E 574 -23.00 -8.02 -27.26
N PHE E 575 -23.32 -8.78 -26.22
CA PHE E 575 -22.29 -9.20 -25.28
C PHE E 575 -21.28 -10.13 -25.94
N LEU E 576 -21.76 -11.10 -26.74
CA LEU E 576 -20.85 -12.06 -27.35
C LEU E 576 -19.90 -11.38 -28.33
N PHE E 577 -20.42 -10.47 -29.15
CA PHE E 577 -19.58 -9.78 -30.11
C PHE E 577 -18.60 -8.82 -29.44
N SER E 578 -18.99 -8.25 -28.29
CA SER E 578 -18.10 -7.32 -27.60
C SER E 578 -16.98 -8.06 -26.87
N ALA E 579 -17.32 -9.03 -26.05
CA ALA E 579 -16.31 -9.77 -25.30
C ALA E 579 -15.42 -10.58 -26.25
N ILE E 580 -16.03 -11.33 -27.16
CA ILE E 580 -15.25 -12.15 -28.09
C ILE E 580 -14.53 -11.27 -29.11
N GLY E 581 -15.21 -10.26 -29.63
CA GLY E 581 -14.63 -9.46 -30.69
C GLY E 581 -13.39 -8.69 -30.26
N ILE E 582 -13.44 -8.07 -29.08
CA ILE E 582 -12.30 -7.28 -28.61
C ILE E 582 -11.10 -8.19 -28.35
N ASN E 583 -11.31 -9.30 -27.65
CA ASN E 583 -10.20 -10.21 -27.36
C ASN E 583 -9.70 -10.90 -28.61
N LEU E 584 -10.61 -11.26 -29.53
CA LEU E 584 -10.19 -11.88 -30.77
C LEU E 584 -9.36 -10.91 -31.61
N TYR E 585 -9.76 -9.65 -31.67
CA TYR E 585 -8.97 -8.65 -32.39
C TYR E 585 -7.61 -8.46 -31.73
N GLY E 586 -7.57 -8.40 -30.40
CA GLY E 586 -6.31 -8.22 -29.70
C GLY E 586 -5.35 -9.38 -29.94
N TRP E 587 -5.86 -10.61 -29.90
CA TRP E 587 -5.01 -11.77 -30.16
C TRP E 587 -4.46 -11.74 -31.58
N TYR E 588 -5.26 -11.27 -32.54
CA TYR E 588 -4.78 -11.19 -33.91
C TYR E 588 -3.62 -10.22 -34.04
N ILE E 589 -3.71 -9.06 -33.37
CA ILE E 589 -2.60 -8.11 -33.37
C ILE E 589 -1.39 -8.71 -32.68
N TRP E 590 -1.61 -9.36 -31.53
CA TRP E 590 -0.51 -10.00 -30.82
C TRP E 590 0.13 -11.12 -31.63
N TYR E 591 -0.68 -11.91 -32.32
CA TYR E 591 -0.14 -13.03 -33.09
C TYR E 591 0.70 -12.56 -34.26
N THR E 592 0.29 -11.48 -34.93
CA THR E 592 1.02 -11.01 -36.09
C THR E 592 2.33 -10.35 -35.71
N GLU E 593 2.43 -9.80 -34.49
CA GLU E 593 3.67 -9.16 -34.07
C GLU E 593 4.80 -10.18 -33.96
N ASN E 594 4.63 -11.19 -33.11
CA ASN E 594 5.71 -12.14 -32.86
C ASN E 594 5.98 -13.02 -34.07
N HIS E 595 4.92 -13.48 -34.74
CA HIS E 595 5.08 -14.47 -35.80
C HIS E 595 5.64 -13.88 -37.08
N PHE E 596 5.33 -12.60 -37.36
CA PHE E 596 5.70 -12.00 -38.63
C PHE E 596 6.53 -10.73 -38.51
N LEU E 597 6.38 -9.96 -37.45
CA LEU E 597 7.11 -8.70 -37.32
C LEU E 597 7.79 -8.57 -35.97
C1 NAG F . 45.70 -25.67 -5.42
C2 NAG F . 47.02 -26.16 -4.84
C3 NAG F . 47.78 -26.98 -5.87
C4 NAG F . 46.90 -28.13 -6.36
C5 NAG F . 45.59 -27.58 -6.90
C6 NAG F . 44.62 -28.67 -7.30
C7 NAG F . 48.24 -24.01 -5.05
C8 NAG F . 47.78 -23.97 -6.47
N2 NAG F . 47.84 -25.07 -4.32
O3 NAG F . 48.98 -27.49 -5.29
O4 NAG F . 47.56 -28.90 -7.35
O5 NAG F . 44.93 -26.80 -5.90
O6 NAG F . 43.88 -28.30 -8.46
O7 NAG F . 48.93 -23.12 -4.56
C1 NAG F . 48.15 -30.05 -6.72
C2 NAG F . 48.00 -31.28 -7.62
C3 NAG F . 48.68 -32.49 -6.99
C4 NAG F . 50.12 -32.16 -6.62
C5 NAG F . 50.17 -30.90 -5.75
C6 NAG F . 51.58 -30.45 -5.44
C7 NAG F . 46.03 -31.30 -9.09
C8 NAG F . 44.58 -31.67 -9.21
N2 NAG F . 46.61 -31.57 -7.91
O3 NAG F . 48.64 -33.59 -7.88
O4 NAG F . 50.70 -33.24 -5.90
O5 NAG F . 49.53 -29.82 -6.43
O6 NAG F . 51.61 -29.50 -4.39
O7 NAG F . 46.64 -30.76 -10.01
C1 NAG G . 36.94 -25.69 -19.54
C2 NAG G . 37.62 -27.01 -19.20
C3 NAG G . 37.21 -28.09 -20.20
C4 NAG G . 35.70 -28.20 -20.28
C5 NAG G . 35.09 -26.83 -20.59
C6 NAG G . 33.59 -26.83 -20.55
C7 NAG G . 39.85 -26.54 -20.17
C8 NAG G . 39.15 -26.28 -21.47
N2 NAG G . 39.07 -26.89 -19.14
O3 NAG G . 37.76 -29.34 -19.80
O4 NAG G . 35.31 -29.11 -21.30
O5 NAG G . 35.52 -25.88 -19.60
O6 NAG G . 33.04 -27.61 -21.62
O7 NAG G . 41.06 -26.45 -20.05
C1 NAG G . 35.36 -30.45 -20.78
C2 NAG G . 34.12 -31.20 -21.25
C3 NAG G . 34.16 -32.65 -20.77
C4 NAG G . 35.47 -33.31 -21.19
C5 NAG G . 36.65 -32.47 -20.71
C6 NAG G . 37.98 -33.00 -21.20
C7 NAG G . 31.67 -30.94 -21.11
C8 NAG G . 30.55 -30.14 -20.53
N2 NAG G . 32.91 -30.55 -20.77
O3 NAG G . 33.07 -33.37 -21.33
O4 NAG G . 35.57 -34.61 -20.60
O5 NAG G . 36.53 -31.14 -21.23
O6 NAG G . 39.06 -32.20 -20.75
O7 NAG G . 31.48 -31.90 -21.84
C1 NAG H . 40.63 -8.87 32.38
C2 NAG H . 41.72 -8.34 33.31
C3 NAG H . 42.44 -9.48 34.00
C4 NAG H . 41.44 -10.40 34.69
C5 NAG H . 40.38 -10.86 33.70
C6 NAG H . 39.29 -11.69 34.34
C7 NAG H . 43.41 -7.86 31.57
C8 NAG H . 43.25 -9.29 31.13
N2 NAG H . 42.66 -7.48 32.61
O3 NAG H . 43.36 -8.97 34.95
O4 NAG H . 42.10 -11.53 35.25
O5 NAG H . 39.74 -9.72 33.10
O6 NAG H . 38.88 -12.75 33.49
O7 NAG H . 44.19 -7.10 31.01
C1 NAG H . 42.37 -11.25 36.64
C2 NAG H . 42.19 -12.54 37.45
C3 NAG H . 42.52 -12.29 38.91
C4 NAG H . 43.91 -11.67 39.05
C5 NAG H . 44.01 -10.41 38.18
C6 NAG H . 45.40 -9.82 38.17
C7 NAG H . 40.56 -14.13 36.57
C8 NAG H . 39.11 -14.53 36.54
N2 NAG H . 40.85 -13.06 37.31
O3 NAG H . 42.47 -13.52 39.63
O4 NAG H . 44.15 -11.32 40.40
O5 NAG H . 43.70 -10.75 36.82
O6 NAG H . 45.41 -8.53 37.57
O7 NAG H . 41.41 -14.74 35.94
C1 NAG I . 34.64 -22.97 26.07
C2 NAG I . 34.97 -23.02 27.56
C3 NAG I . 34.56 -24.36 28.16
C4 NAG I . 33.08 -24.64 27.86
C5 NAG I . 32.83 -24.54 26.36
C6 NAG I . 31.37 -24.67 26.00
C7 NAG I . 37.40 -23.53 27.37
C8 NAG I . 37.02 -24.74 26.56
N2 NAG I . 36.38 -22.76 27.81
O3 NAG I . 34.78 -24.35 29.56
O4 NAG I . 32.73 -25.93 28.30
O5 NAG I . 33.26 -23.25 25.88
O6 NAG I . 30.89 -25.98 26.29
O7 NAG I . 38.57 -23.25 27.62
C1 NAG I . 32.46 -25.90 29.72
C2 NAG I . 31.19 -26.72 30.01
C3 NAG I . 30.92 -26.76 31.52
C4 NAG I . 32.15 -27.22 32.27
C5 NAG I . 33.37 -26.39 31.89
C6 NAG I . 34.65 -26.89 32.50
C7 NAG I . 28.83 -26.72 29.32
C8 NAG I . 27.78 -26.03 28.51
N2 NAG I . 30.06 -26.16 29.30
O3 NAG I . 29.83 -27.63 31.78
O4 NAG I . 31.93 -27.12 33.67
O5 NAG I . 33.55 -26.44 30.46
O6 NAG I . 35.75 -26.04 32.20
O7 NAG I . 28.60 -27.74 29.95
C1 NAG J . 31.95 31.64 27.53
C2 NAG J . 32.95 32.79 27.58
C3 NAG J . 33.32 33.12 29.02
C4 NAG J . 32.07 33.37 29.84
C5 NAG J . 31.12 32.18 29.72
C6 NAG J . 29.81 32.39 30.44
C7 NAG J . 34.96 31.48 26.98
C8 NAG J . 34.63 30.58 28.13
N2 NAG J . 34.13 32.52 26.78
O3 NAG J . 34.16 34.27 29.04
O4 NAG J . 32.41 33.57 31.21
O5 NAG J . 30.82 31.94 28.35
O6 NAG J . 29.32 31.19 31.00
O7 NAG J . 35.94 31.30 26.27
C1 NAG J . 32.46 34.99 31.44
C2 NAG J . 31.92 35.29 32.84
C3 NAG J . 32.00 36.79 33.14
C4 NAG J . 33.42 37.29 32.91
C5 NAG J . 33.89 36.92 31.51
C6 NAG J . 35.33 37.30 31.25
C7 NAG J . 30.24 33.70 33.67
C8 NAG J . 28.79 33.35 33.73
N2 NAG J . 30.56 34.81 33.00
O3 NAG J . 31.60 37.02 34.49
O4 NAG J . 33.45 38.71 33.05
O5 NAG J . 33.80 35.51 31.32
O6 NAG J . 35.67 37.18 29.88
O7 NAG J . 31.10 32.99 34.20
C1 NAG K . 24.73 20.29 37.18
C2 NAG K . 24.79 21.71 37.75
C3 NAG K . 24.06 21.77 39.09
C4 NAG K . 22.64 21.23 38.94
C5 NAG K . 22.68 19.83 38.33
C6 NAG K . 21.30 19.29 38.03
C7 NAG K . 27.09 21.63 38.68
C8 NAG K . 26.67 20.43 39.46
N2 NAG K . 26.16 22.19 37.89
O3 NAG K . 24.03 23.11 39.55
O4 NAG K . 22.00 21.17 40.20
O5 NAG K . 23.38 19.86 37.08
O6 NAG K . 20.59 19.00 39.23
O7 NAG K . 28.23 22.09 38.75
C1 NAG K . 21.48 22.47 40.54
C2 NAG K . 20.06 22.30 41.10
C3 NAG K . 19.50 23.65 41.53
C4 NAG K . 20.46 24.36 42.48
C5 NAG K . 21.85 24.43 41.86
C6 NAG K . 22.89 25.01 42.80
C7 NAG K . 17.91 21.37 40.35
C8 NAG K . 17.17 20.73 39.22
N2 NAG K . 19.19 21.67 40.11
O3 NAG K . 18.25 23.47 42.17
O4 NAG K . 20.00 25.68 42.75
O5 NAG K . 22.30 23.12 41.52
O6 NAG K . 24.15 25.14 42.17
O7 NAG K . 17.37 21.62 41.42
C1 NAG L . 31.67 39.95 -13.39
C2 NAG L . 32.83 40.50 -14.23
C3 NAG L . 33.00 42.00 -14.00
C4 NAG L . 31.68 42.70 -14.24
C5 NAG L . 30.58 42.09 -13.39
C6 NAG L . 29.21 42.68 -13.67
C7 NAG L . 34.66 39.71 -12.76
C8 NAG L . 33.97 40.42 -11.63
N2 NAG L . 34.08 39.78 -13.95
O3 NAG L . 34.00 42.50 -14.86
O4 NAG L . 31.80 44.09 -13.93
O5 NAG L . 30.48 40.69 -13.68
O6 NAG L . 28.45 42.79 -12.47
O7 NAG L . 35.71 39.10 -12.58
C1 NAG L . 32.06 44.81 -15.16
C2 NAG L . 31.36 46.16 -15.11
C3 NAG L . 31.67 46.96 -16.38
C4 NAG L . 33.17 47.06 -16.58
C5 NAG L . 33.80 45.67 -16.57
C6 NAG L . 35.31 45.70 -16.65
C7 NAG L . 29.28 46.25 -13.79
C8 NAG L . 27.81 46.03 -13.80
N2 NAG L . 29.92 46.01 -14.94
O3 NAG L . 31.10 48.26 -16.26
O4 NAG L . 33.45 47.69 -17.83
O5 NAG L . 33.47 45.00 -15.34
O6 NAG L . 35.85 44.40 -16.84
O7 NAG L . 29.89 46.63 -12.79
C1 NAG M . 20.93 44.31 -1.55
C2 NAG M . 21.13 45.35 -2.65
C3 NAG M . 20.21 46.55 -2.45
C4 NAG M . 18.76 46.06 -2.35
C5 NAG M . 18.64 45.02 -1.25
C6 NAG M . 17.26 44.41 -1.16
C7 NAG M . 23.19 46.41 -1.77
C8 NAG M . 22.43 46.68 -0.50
N2 NAG M . 22.53 45.78 -2.74
O3 NAG M . 20.35 47.44 -3.54
O4 NAG M . 17.90 47.17 -2.04
O5 NAG M . 19.55 43.94 -1.51
O6 NAG M . 16.30 45.35 -0.70
O7 NAG M . 24.36 46.75 -1.90
C1 NAG M . 17.58 47.86 -3.25
C2 NAG M . 16.08 48.17 -3.25
C3 NAG M . 15.71 48.97 -4.49
C4 NAG M . 16.60 50.21 -4.62
C5 NAG M . 18.07 49.81 -4.57
C6 NAG M . 18.99 51.00 -4.55
C7 NAG M . 13.97 46.92 -3.10
C8 NAG M . 13.34 45.57 -3.03
N2 NAG M . 15.31 46.95 -3.18
O3 NAG M . 14.34 49.38 -4.42
O4 NAG M . 16.34 50.86 -5.86
O5 NAG M . 18.32 49.09 -3.35
O6 NAG M . 20.36 50.60 -4.59
O7 NAG M . 13.31 47.95 -3.09
C1 NAG N . 40.17 4.47 -33.80
C2 NAG N . 41.54 4.01 -34.30
C3 NAG N . 41.94 4.81 -35.53
C4 NAG N . 40.86 4.69 -36.59
C5 NAG N . 39.52 5.14 -36.02
C6 NAG N . 38.37 4.96 -36.99
C7 NAG N . 42.88 5.21 -32.59
C8 NAG N . 42.11 6.44 -32.95
N2 NAG N . 42.57 4.09 -33.27
O3 NAG N . 43.18 4.33 -36.03
O4 NAG N . 41.18 5.47 -37.75
O5 NAG N . 39.19 4.37 -34.85
O6 NAG N . 37.39 5.98 -36.83
O7 NAG N . 43.76 5.21 -31.73
C1 NAG N . 41.76 4.59 -38.73
C2 NAG N . 41.30 5.00 -40.13
C3 NAG N . 41.97 4.12 -41.18
C4 NAG N . 43.48 4.14 -41.01
C5 NAG N . 43.85 3.77 -39.58
C6 NAG N . 45.33 3.88 -39.30
C7 NAG N . 39.06 6.01 -40.24
C8 NAG N . 37.60 5.75 -40.39
N2 NAG N . 39.86 4.94 -40.25
O3 NAG N . 41.62 4.57 -42.49
O4 NAG N . 44.08 3.21 -41.91
O5 NAG N . 43.20 4.65 -38.66
O6 NAG N . 45.68 3.26 -38.08
O7 NAG N . 39.51 7.14 -40.11
C1 NAG O . 28.47 15.94 -36.64
C2 NAG O . 29.05 15.27 -37.89
C3 NAG O . 28.31 15.75 -39.14
C4 NAG O . 26.82 15.54 -38.98
C5 NAG O . 26.32 16.21 -37.70
C6 NAG O . 24.87 15.95 -37.42
C7 NAG O . 31.06 16.69 -38.16
C8 NAG O . 30.15 17.87 -38.19
N2 NAG O . 30.48 15.49 -38.01
O3 NAG O . 28.80 15.05 -40.27
O4 NAG O . 26.12 16.09 -40.09
O5 NAG O . 27.06 15.71 -36.57
O6 NAG O . 24.03 16.53 -38.41
O7 NAG O . 32.28 16.81 -38.26
C1 NAG O . 26.15 15.16 -41.19
C2 NAG O . 24.76 15.08 -41.82
C3 NAG O . 24.78 14.15 -43.03
C4 NAG O . 25.88 14.56 -44.00
C5 NAG O . 27.22 14.67 -43.27
C6 NAG O . 28.32 15.19 -44.16
C7 NAG O . 22.47 14.63 -41.06
C8 NAG O . 21.61 14.14 -39.94
N2 NAG O . 23.79 14.64 -40.84
O3 NAG O . 23.52 14.19 -43.68
O4 NAG O . 25.98 13.61 -45.05
O5 NAG O . 27.10 15.58 -42.17
O6 NAG O . 29.58 15.12 -43.52
O7 NAG O . 21.99 15.01 -42.13
C1 NAG P . 58.87 -20.33 21.31
C2 NAG P . 59.75 -21.40 21.95
C3 NAG P . 60.36 -20.86 23.24
C4 NAG P . 61.07 -19.55 22.98
C5 NAG P . 60.16 -18.57 22.24
C6 NAG P . 60.87 -17.30 21.83
C7 NAG P . 58.80 -23.57 21.30
C8 NAG P . 57.99 -24.75 21.74
N2 NAG P . 58.98 -22.61 22.21
O3 NAG P . 61.27 -21.82 23.77
O4 NAG P . 61.46 -18.96 24.23
O5 NAG P . 59.66 -19.17 21.04
O6 NAG P . 62.20 -17.56 21.38
O7 NAG P . 59.28 -23.49 20.17
C10 A1D8E Q . -1.05 -16.52 -10.73
N12 A1D8E Q . 2.33 -17.27 -9.88
C13 A1D8E Q . -3.75 -17.42 -13.24
C20 A1D8E Q . -8.02 -16.92 -10.92
C21 A1D8E Q . -8.89 -17.98 -11.10
C22 A1D8E Q . -9.86 -17.91 -12.10
C01 A1D8E Q . -5.29 -15.93 -7.65
C02 A1D8E Q . -4.85 -16.11 -9.11
C03 A1D8E Q . -3.53 -15.49 -9.59
C05 A1D8E Q . -2.27 -16.54 -11.38
C06 A1D8E Q . -2.43 -17.37 -12.49
C07 A1D8E Q . -1.38 -18.17 -12.91
C08 A1D8E Q . -0.17 -18.14 -12.25
C09 A1D8E Q . 0.00 -17.32 -11.16
C11 A1D8E Q . 1.33 -17.28 -10.42
C18 A1D8E Q . -6.95 -16.99 -9.83
C23 A1D8E Q . -9.95 -16.78 -12.89
C25 A1D8E Q . -12.84 -16.97 -13.50
C29 A1D8E Q . -9.07 -15.73 -12.70
C30 A1D8E Q . -8.11 -15.80 -11.71
C31 A1D8E Q . -4.33 -17.54 -8.98
F14 A1D8E Q . -4.67 -18.15 -12.53
F15 A1D8E Q . -4.22 -16.15 -13.42
F16 A1D8E Q . -3.56 -18.01 -14.45
F26 A1D8E Q . -13.79 -16.40 -14.30
F27 A1D8E Q . -13.06 -18.32 -13.43
F28 A1D8E Q . -12.92 -16.43 -12.26
N17 A1D8E Q . -5.78 -16.13 -9.95
N32 A1D8E Q . -3.94 -18.59 -8.88
O04 A1D8E Q . -3.36 -15.73 -10.97
O19 A1D8E Q . -7.09 -17.71 -8.91
S24 A1D8E Q . -11.20 -16.67 -14.21
H101 A1D8E Q . -0.91 -15.87 -9.86
H211 A1D8E Q . -8.83 -18.87 -10.48
H221 A1D8E Q . -10.55 -18.74 -12.25
H012 A1D8E Q . -4.52 -15.38 -7.10
H011 A1D8E Q . -5.45 -16.90 -7.20
H013 A1D8E Q . -6.22 -15.36 -7.63
H032 A1D8E Q . -3.57 -14.42 -9.43
H031 A1D8E Q . -2.73 -15.90 -8.98
H071 A1D8E Q . -1.51 -18.82 -13.78
H081 A1D8E Q . 0.65 -18.77 -12.59
H291 A1D8E Q . -9.14 -14.85 -13.32
H301 A1D8E Q . -7.42 -14.97 -11.56
N BET R . 31.72 -13.12 -16.37
CA BET R . 30.74 -12.33 -17.20
C BET R . 31.14 -11.78 -18.60
O BET R . 31.31 -12.68 -19.43
OXT BET R . 31.24 -10.55 -18.77
C1 BET R . 32.56 -12.24 -15.52
C2 BET R . 32.59 -13.99 -17.20
C3 BET R . 30.91 -14.00 -15.48
C1 NAG S . 49.56 19.37 38.79
C2 NAG S . 50.02 19.74 40.19
C3 NAG S . 50.40 21.23 40.23
C4 NAG S . 51.41 21.54 39.14
C5 NAG S . 50.91 21.04 37.78
C6 NAG S . 51.94 21.20 36.68
C7 NAG S . 48.84 18.26 41.75
C8 NAG S . 47.74 18.14 42.75
N2 NAG S . 48.99 19.46 41.17
O3 NAG S . 50.96 21.54 41.51
O4 NAG S . 51.61 22.95 39.05
O5 NAG S . 50.60 19.64 37.86
O6 NAG S . 53.15 20.55 37.00
O7 NAG S . 49.58 17.32 41.47
C10 A1D8E T . -2.07 -15.76 11.68
N12 A1D8E T . 0.88 -14.84 13.43
C13 A1D8E T . -4.38 -18.70 11.06
C20 A1D8E T . -8.84 -16.83 10.40
C21 A1D8E T . -9.85 -17.47 11.12
C22 A1D8E T . -10.59 -18.47 10.53
C01 A1D8E T . -6.61 -13.15 11.11
C02 A1D8E T . -5.96 -14.51 10.92
C03 A1D8E T . -4.48 -14.60 10.49
C05 A1D8E T . -3.14 -16.51 11.20
C06 A1D8E T . -3.24 -17.85 11.58
C07 A1D8E T . -2.30 -18.41 12.42
C08 A1D8E T . -1.24 -17.65 12.88
C09 A1D8E T . -1.14 -16.32 12.52
C11 A1D8E T . 0.02 -15.47 13.03
C18 A1D8E T . -8.01 -15.72 11.03
C23 A1D8E T . -10.34 -18.84 9.22
C25 A1D8E T . -13.07 -19.75 8.50
C29 A1D8E T . -9.34 -18.21 8.50
C30 A1D8E T . -8.59 -17.21 9.09
C31 A1D8E T . -5.72 -14.84 12.39
F14 A1D8E T . -5.54 -18.37 11.70
F15 A1D8E T . -4.54 -18.51 9.72
F16 A1D8E T . -4.10 -20.02 11.30
F26 A1D8E T . -13.73 -20.41 7.51
F27 A1D8E T . -13.57 -20.12 9.72
F28 A1D8E T . -13.22 -18.41 8.33
N17 A1D8E T . -6.70 -15.42 10.47
N32 A1D8E T . -5.56 -15.07 13.49
O04 A1D8E T . -4.11 -15.96 10.33
O19 A1D8E T . -8.45 -15.13 11.96
S24 A1D8E T . -11.31 -20.17 8.44
H101 A1D8E T . -1.98 -14.72 11.40
H211 A1D8E T . -10.04 -17.17 12.14
H221 A1D8E T . -11.37 -18.97 11.10
H012 A1D8E T . -5.88 -12.37 10.95
H011 A1D8E T . -7.02 -13.08 12.12
H013 A1D8E T . -7.42 -13.03 10.39
H032 A1D8E T . -4.36 -14.09 9.55
H031 A1D8E T . -3.89 -14.10 11.24
H071 A1D8E T . -2.38 -19.44 12.71
H081 A1D8E T . -0.50 -18.09 13.55
H291 A1D8E T . -9.14 -18.50 7.48
H301 A1D8E T . -7.82 -16.71 8.53
N BET U . 31.28 -16.40 14.25
CA BET U . 30.62 -17.02 13.04
C BET U . 31.36 -18.08 12.18
O BET U . 31.54 -19.14 12.79
OXT BET U . 31.69 -17.79 11.02
C1 BET U . 32.05 -15.18 13.89
C2 BET U . 32.16 -17.36 14.97
C3 BET U . 30.19 -16.00 15.18
C1 NAG V . 44.52 48.20 5.45
C2 NAG V . 44.79 49.69 5.65
C3 NAG V . 45.45 50.26 4.39
C4 NAG V . 46.68 49.43 4.01
C5 NAG V . 46.33 47.95 3.95
C6 NAG V . 47.54 47.08 3.71
C7 NAG V . 43.09 50.53 7.21
C8 NAG V . 41.83 51.31 7.35
N2 NAG V . 43.57 50.41 5.96
O3 NAG V . 45.82 51.61 4.63
O4 NAG V . 47.17 49.86 2.75
O5 NAG V . 45.73 47.51 5.17
O6 NAG V . 48.55 47.31 4.68
O7 NAG V . 43.67 50.03 8.18
C10 A1D8E W . -6.92 5.35 17.68
N12 A1D8E W . -4.18 7.60 18.07
C13 A1D8E W . -9.57 3.53 19.69
C20 A1D8E W . -13.43 3.01 16.74
C21 A1D8E W . -14.63 3.37 17.32
C22 A1D8E W . -15.43 2.41 17.91
C01 A1D8E W . -10.75 5.17 14.04
C02 A1D8E W . -10.32 4.63 15.41
C03 A1D8E W . -8.83 4.40 15.71
C05 A1D8E W . -8.00 4.54 17.99
C06 A1D8E W . -8.39 4.42 19.31
C07 A1D8E W . -7.73 5.10 20.30
C08 A1D8E W . -6.66 5.92 19.99
C09 A1D8E W . -6.25 6.04 18.68
C11 A1D8E W . -5.06 6.94 18.32
C18 A1D8E W . -12.54 4.06 16.06
C23 A1D8E W . -15.02 1.09 17.92
C25 A1D8E W . -17.68 -0.20 17.93
C29 A1D8E W . -13.82 0.73 17.33
C30 A1D8E W . -13.02 1.69 16.74
C31 A1D8E W . -10.45 5.94 16.19
F14 A1D8E W . -10.73 4.11 19.30
F15 A1D8E W . -9.44 2.31 19.09
F16 A1D8E W . -9.59 3.36 21.04
F26 A1D8E W . -18.28 -1.42 18.13
F27 A1D8E W . -18.45 0.78 18.51
F28 A1D8E W . -17.57 0.03 16.60
N17 A1D8E W . -11.11 3.81 15.94
N32 A1D8E W . -10.54 6.91 16.77
O04 A1D8E W . -8.68 3.82 16.98
O19 A1D8E W . -13.04 5.07 15.67
S24 A1D8E W . -16.05 -0.19 18.70
H101 A1D8E W . -6.58 5.46 16.65
H211 A1D8E W . -14.95 4.41 17.31
H221 A1D8E W . -16.37 2.69 18.38
H012 A1D8E W . -9.87 5.34 13.43
H011 A1D8E W . -11.30 6.09 14.17
H013 A1D8E W . -11.38 4.43 13.54
H032 A1D8E W . -8.43 3.72 14.97
H031 A1D8E W . -8.33 5.35 15.63
H071 A1D8E W . -8.05 5.01 21.34
H081 A1D8E W . -6.14 6.46 20.77
H291 A1D8E W . -13.50 -0.30 17.34
H301 A1D8E W . -12.08 1.41 16.28
N BET X . 24.75 11.18 26.64
CA BET X . 24.27 9.76 26.67
C BET X . 24.91 8.71 27.61
O BET X . 24.69 8.97 28.80
OXT BET X . 25.52 7.74 27.15
C1 BET X . 25.81 11.40 25.62
C2 BET X . 25.26 11.64 27.97
C3 BET X . 23.59 12.03 26.28
C1 NAG Y . 50.73 26.36 -32.63
C2 NAG Y . 51.25 27.10 -33.86
C3 NAG Y . 52.26 26.24 -34.59
C4 NAG Y . 53.36 25.78 -33.64
C5 NAG Y . 52.76 25.14 -32.39
C6 NAG Y . 53.80 24.80 -31.35
C7 NAG Y . 49.44 28.59 -34.60
C8 NAG Y . 48.35 28.81 -35.60
N2 NAG Y . 50.15 27.46 -34.74
O3 NAG Y . 52.84 26.99 -35.67
O4 NAG Y . 54.20 24.83 -34.28
O5 NAG Y . 51.82 26.04 -31.77
O6 NAG Y . 54.55 25.95 -30.96
O7 NAG Y . 49.69 29.40 -33.71
C10 A1D8E Z . -8.87 17.61 -1.00
N12 A1D8E Z . -5.90 19.03 -2.33
C13 A1D8E Z . -12.14 18.57 0.66
C20 A1D8E Z . -15.40 15.16 -0.62
C21 A1D8E Z . -16.60 15.70 -1.04
C22 A1D8E Z . -17.65 15.82 -0.13
C01 A1D8E Z . -11.92 13.71 -2.83
C02 A1D8E Z . -11.87 14.84 -1.80
C03 A1D8E Z . -10.53 15.22 -1.15
C05 A1D8E Z . -10.12 17.50 -0.40
C06 A1D8E Z . -10.77 18.66 0.00
C07 A1D8E Z . -10.19 19.89 -0.18
C08 A1D8E Z . -8.95 19.99 -0.78
C09 A1D8E Z . -8.28 18.85 -1.19
C11 A1D8E Z . -6.92 18.95 -1.84
C18 A1D8E Z . -14.24 15.02 -1.60
C23 A1D8E Z . -17.49 15.39 1.18
C25 A1D8E Z . -20.35 14.74 1.72
C29 A1D8E Z . -16.29 14.83 1.58
C30 A1D8E Z . -15.24 14.72 0.68
C31 A1D8E Z . -11.90 16.02 -2.79
F14 A1D8E Z . -13.08 18.23 -0.25
F15 A1D8E Z . -12.11 17.64 1.66
F16 A1D8E Z . -12.46 19.79 1.19
F26 A1D8E Z . -21.20 14.45 2.75
F27 A1D8E Z . -20.96 15.61 0.86
F28 A1D8E Z . -20.01 13.60 1.07
N17 A1D8E Z . -12.88 14.96 -1.07
N32 A1D8E Z . -11.92 16.88 -3.52
O04 A1D8E Z . -10.73 16.24 -0.19
O19 A1D8E Z . -14.46 14.95 -2.76
S24 A1D8E Z . -18.85 15.53 2.37
H101 A1D8E Z . -8.33 16.72 -1.31
H211 A1D8E Z . -16.73 16.05 -2.05
H221 A1D8E Z . -18.59 16.26 -0.44
H012 A1D8E Z . -10.92 13.33 -2.98
H011 A1D8E Z . -12.32 14.09 -3.77
H013 A1D8E Z . -12.56 12.92 -2.46
H032 A1D8E Z . -10.13 14.34 -0.65
H031 A1D8E Z . -9.85 15.52 -1.93
H071 A1D8E Z . -10.70 20.79 0.12
H081 A1D8E Z . -8.49 20.97 -0.93
H291 A1D8E Z . -16.17 14.49 2.60
H301 A1D8E Z . -14.30 14.28 0.99
N BET AA . 21.21 31.43 3.58
CA BET AA . 20.46 30.93 4.77
C BET AA . 20.73 31.47 6.20
O BET AA . 20.39 32.66 6.32
OXT BET AA . 21.22 30.73 7.07
C1 BET AA . 22.43 30.62 3.31
C2 BET AA . 21.60 32.86 3.72
C3 BET AA . 20.31 31.31 2.41
C1 NAG BA . 59.59 -16.06 -22.88
C2 NAG BA . 60.49 -16.78 -23.86
C3 NAG BA . 61.51 -17.63 -23.11
C4 NAG BA . 62.26 -16.79 -22.09
C5 NAG BA . 61.28 -16.01 -21.21
C6 NAG BA . 61.96 -15.03 -20.28
C7 NAG BA . 59.19 -17.14 -25.92
C8 NAG BA . 58.42 -18.12 -26.74
N2 NAG BA . 59.71 -17.60 -24.78
O3 NAG BA . 62.43 -18.20 -24.04
O4 NAG BA . 63.06 -17.62 -21.27
O5 NAG BA . 60.38 -15.23 -22.03
O6 NAG BA . 63.20 -14.58 -20.82
O7 NAG BA . 59.34 -15.97 -26.27
C10 A1D8E CA . -5.26 4.09 -18.57
N12 A1D8E CA . -1.89 3.67 -19.61
C13 A1D8E CA . -8.54 5.62 -19.70
C20 A1D8E CA . -12.08 2.84 -17.76
C21 A1D8E CA . -13.06 2.51 -18.68
C22 A1D8E CA . -14.21 3.28 -18.76
C01 A1D8E CA . -8.58 0.69 -16.28
C02 A1D8E CA . -8.50 2.04 -16.99
C03 A1D8E CA . -7.27 2.93 -16.81
C05 A1D8E CA . -6.59 4.46 -18.58
C06 A1D8E CA . -7.08 5.18 -19.66
C07 A1D8E CA . -6.25 5.50 -20.73
C08 A1D8E CA . -4.93 5.12 -20.72
C09 A1D8E CA . -4.43 4.41 -19.64
C11 A1D8E CA . -2.97 3.98 -19.62
C18 A1D8E CA . -10.80 2.01 -17.66
C23 A1D8E CA . -14.37 4.36 -17.92
C25 A1D8E CA . -17.34 4.36 -17.70
C29 A1D8E CA . -13.40 4.69 -17.00
C30 A1D8E CA . -12.25 3.93 -16.92
C31 A1D8E CA . -8.13 1.51 -18.37
F14 A1D8E CA . -9.35 4.53 -19.86
F15 A1D8E CA . -8.85 6.25 -18.54
F16 A1D8E CA . -8.72 6.47 -20.76
F26 A1D8E CA . -18.36 5.14 -17.25
F27 A1D8E CA . -17.70 3.73 -18.85
F28 A1D8E CA . -17.04 3.41 -16.75
N17 A1D8E CA . -9.59 2.65 -17.11
N32 A1D8E CA . -7.85 1.12 -19.40
O04 A1D8E CA . -7.45 4.16 -17.50
O19 A1D8E CA . -10.80 0.89 -17.99
S24 A1D8E CA . -15.88 5.38 -18.01
H101 A1D8E CA . -4.85 3.54 -17.74
H211 A1D8E CA . -12.92 1.67 -19.34
H221 A1D8E CA . -14.98 3.03 -19.48
H012 A1D8E CA . -7.66 0.53 -15.72
H011 A1D8E CA . -8.71 -0.10 -17.00
H013 A1D8E CA . -9.42 0.70 -15.58
H032 A1D8E CA . -7.14 3.16 -15.76
H031 A1D8E CA . -6.41 2.39 -17.16
H071 A1D8E CA . -6.65 6.05 -21.57
H081 A1D8E CA . -4.28 5.36 -21.55
H291 A1D8E CA . -13.52 5.54 -16.34
H301 A1D8E CA . -11.48 4.18 -16.20
N BET DA . 25.53 16.35 -22.99
CA BET DA . 24.46 17.20 -22.35
C BET DA . 24.60 18.75 -22.31
O BET DA . 24.52 19.25 -23.44
OXT BET DA . 24.75 19.33 -21.23
C1 BET DA . 26.63 16.06 -22.03
C2 BET DA . 26.08 16.95 -24.23
C3 BET DA . 24.89 15.05 -23.35
#